data_4RHB
#
_entry.id   4RHB
#
_cell.length_a   128.040
_cell.length_b   136.620
_cell.length_c   108.310
_cell.angle_alpha   90.00
_cell.angle_beta   90.00
_cell.angle_gamma   90.00
#
_symmetry.space_group_name_H-M   'P 21 21 2'
#
loop_
_entity.id
_entity.type
_entity.pdbx_description
1 polymer 'LPS-assembly protein LptD'
2 polymer 'LPS-assembly lipoprotein LptE'
3 non-polymer 'CHLORIDE ION'
4 non-polymer 'SODIUM ION'
5 water water
#
loop_
_entity_poly.entity_id
_entity_poly.type
_entity_poly.pdbx_seq_one_letter_code
_entity_poly.pdbx_strand_id
1 'polypeptide(L)'
;MKKRIPTLLATMIATALYSQQGLAFKVGPVPIFYSPYLQLPVGDKRRSGFLIPNAKYTTTNYFEFYLPYYWNIAPNMDAT
ITPHYMHRRGNIMWENEFRYLSQAGAGLMELDYLPSDKVYEDEHPNDDSSRRWLFYWNHSGVMDQVWRFNVDYTKVSDPS
YFNDFDNKYGSSTDGYATQKFSVGYAVQNFNATVSTKQFQVFSEQNTSSYSAEPQLDVNYYQNDVGPFDTRIYGQAVHFV
NTRDDMPEATRVHLEPTINLPLSNNWGSINTEAKLLATHYQQTNLDWYNSRNTTKLDESVNRVMPQFKVDGKMVFERDME
MLAPGYTQTLEPRAQYLYVPYRDQSDIYNYDSSLLQSDYSGLFRDRTYGGLDRIASANQVTTGVTSRIYDDAAVERFNIS
VGQIYYFTESRTGDDNITWENDDKTGSLVWAGDTYWRISERWGLRGGIQYDTRLDNVATSNSSIEYRRDEDRLVQLNYRY
ASPEYIQATLPKYYSTAEQYKNGISQVGAVASWPIADRWSIVGAYYYDTNANKQADSMLGVQYSSCCYAIRVGYERKLNG
WDNDKQHAVYDNAIGFNIELRGLSSNYGLGTQEMLRSNILPYQNTLHHHHHHHH
;
A,C
2 'polypeptide(L)'
;CGWHLRDTTQVPSTMKVMILDSGDPNGPLSRAVRNQLRLNGVELLDKETTRKDVPSLRLGKVSIAKDTASVFRNGQTAEY
QMIMTVNATVLIPGRDIYPISAKVFRSFFDNPQMALAKDNEQDMIVKEMYDRAAEQLIRKLPSIRAADIRSDEEQTSTTT
DTPATPARVSTTLGN
;
B,D
#
loop_
_chem_comp.id
_chem_comp.type
_chem_comp.name
_chem_comp.formula
CL non-polymer 'CHLORIDE ION' 'Cl -1'
NA non-polymer 'SODIUM ION' 'Na 1'
#
# COMPACT_ATOMS: atom_id res chain seq x y z
N ILE A 52 1.69 22.37 -29.69
CA ILE A 52 2.60 23.38 -30.36
C ILE A 52 3.97 23.29 -29.72
N PRO A 53 5.01 23.00 -30.51
CA PRO A 53 6.30 22.73 -29.88
C PRO A 53 7.00 23.92 -29.30
N ASN A 54 8.08 23.63 -28.59
CA ASN A 54 8.91 24.63 -27.92
C ASN A 54 10.38 24.30 -28.20
N ALA A 55 11.24 25.30 -27.99
CA ALA A 55 12.67 25.08 -27.94
C ALA A 55 13.34 26.05 -26.98
N LYS A 56 14.61 25.78 -26.72
CA LYS A 56 15.39 26.65 -25.88
C LYS A 56 16.85 26.24 -26.05
N TYR A 57 17.75 27.19 -25.82
CA TYR A 57 19.20 26.91 -25.82
CA TYR A 57 19.19 26.91 -25.84
C TYR A 57 19.64 26.94 -24.37
N THR A 58 20.39 25.94 -23.95
CA THR A 58 20.93 25.86 -22.58
C THR A 58 22.39 25.50 -22.66
N THR A 59 23.18 25.94 -21.70
CA THR A 59 24.56 25.50 -21.69
C THR A 59 24.64 23.98 -21.47
N THR A 60 23.69 23.43 -20.73
CA THR A 60 23.65 22.02 -20.46
C THR A 60 23.56 21.20 -21.72
N ASN A 61 22.73 21.64 -22.67
CA ASN A 61 22.30 20.79 -23.80
C ASN A 61 22.33 21.45 -25.18
N TYR A 62 22.88 22.66 -25.21
CA TYR A 62 22.73 23.54 -26.35
C TYR A 62 21.27 23.48 -26.82
N PHE A 63 21.05 23.27 -28.12
N PHE A 63 21.08 23.29 -28.12
CA PHE A 63 19.70 23.28 -28.64
CA PHE A 63 19.77 23.32 -28.71
C PHE A 63 18.90 22.19 -27.99
C PHE A 63 18.90 22.21 -28.04
N GLU A 64 17.96 22.62 -27.19
CA GLU A 64 16.91 21.76 -26.65
C GLU A 64 15.62 22.15 -27.41
N PHE A 65 14.76 21.18 -27.72
CA PHE A 65 13.38 21.47 -28.23
C PHE A 65 12.37 20.33 -27.99
N TYR A 66 11.12 20.69 -27.62
CA TYR A 66 10.20 19.69 -27.04
CA TYR A 66 10.19 19.74 -26.98
C TYR A 66 8.71 19.42 -27.34
N LEU A 67 8.35 18.46 -28.18
CA LEU A 67 7.45 18.70 -29.31
C LEU A 67 6.48 17.59 -28.68
N PRO A 68 5.36 17.97 -28.02
CA PRO A 68 4.64 16.99 -27.20
C PRO A 68 3.18 16.72 -27.61
N TYR A 69 2.75 15.46 -27.55
CA TYR A 69 1.34 15.11 -27.85
C TYR A 69 0.56 14.58 -26.67
N TYR A 70 -0.47 15.36 -26.32
CA TYR A 70 -1.31 15.17 -25.15
C TYR A 70 -2.34 14.17 -25.54
N TRP A 71 -2.87 13.49 -24.54
CA TRP A 71 -3.84 12.45 -24.75
C TRP A 71 -4.91 12.50 -23.67
N ASN A 72 -6.14 12.86 -24.04
CA ASN A 72 -7.23 12.72 -23.10
C ASN A 72 -7.69 11.26 -23.10
N ILE A 73 -7.15 10.49 -22.16
CA ILE A 73 -7.48 9.06 -22.02
C ILE A 73 -8.94 8.89 -21.63
N ALA A 74 -9.38 9.72 -20.70
CA ALA A 74 -10.79 9.81 -20.33
C ALA A 74 -11.03 11.10 -19.55
N PRO A 75 -12.20 11.18 -18.92
CA PRO A 75 -12.20 12.02 -17.72
C PRO A 75 -11.20 11.42 -16.71
N ASN A 76 -10.93 12.10 -15.60
CA ASN A 76 -9.98 11.60 -14.59
C ASN A 76 -8.53 11.52 -15.05
N MET A 77 -8.31 10.79 -16.14
CA MET A 77 -6.97 10.61 -16.62
C MET A 77 -6.68 11.49 -17.84
N ASP A 78 -5.40 11.83 -17.98
CA ASP A 78 -4.82 12.17 -19.27
C ASP A 78 -3.30 12.11 -19.26
N ALA A 79 -2.73 12.02 -20.46
CA ALA A 79 -1.30 11.89 -20.65
C ALA A 79 -0.69 13.15 -21.18
N THR A 80 0.62 13.12 -21.39
CA THR A 80 1.30 14.06 -22.27
C THR A 80 2.63 13.43 -22.58
N ILE A 81 2.76 12.91 -23.78
CA ILE A 81 4.02 12.32 -24.22
C ILE A 81 4.77 13.35 -25.06
N THR A 82 6.06 13.43 -24.76
CA THR A 82 6.90 14.52 -25.22
C THR A 82 8.26 13.95 -25.57
N PRO A 83 8.56 13.95 -26.87
CA PRO A 83 9.94 13.87 -27.31
C PRO A 83 10.64 15.17 -26.99
N HIS A 84 11.71 15.11 -26.20
CA HIS A 84 12.51 16.26 -25.89
C HIS A 84 13.89 16.02 -26.51
N TYR A 85 14.09 16.55 -27.72
CA TYR A 85 15.38 16.42 -28.42
C TYR A 85 16.51 17.26 -27.80
N MET A 86 17.62 16.60 -27.49
CA MET A 86 18.76 17.26 -26.88
C MET A 86 20.04 17.12 -27.69
N HIS A 87 20.42 18.23 -28.33
CA HIS A 87 21.46 18.21 -29.33
C HIS A 87 22.75 17.77 -28.71
N ARG A 88 23.18 18.46 -27.66
CA ARG A 88 24.51 18.20 -27.10
C ARG A 88 24.65 16.74 -26.65
N ARG A 89 23.53 16.04 -26.57
CA ARG A 89 23.52 14.68 -26.07
C ARG A 89 23.29 13.64 -27.17
N GLY A 90 22.59 14.04 -28.21
CA GLY A 90 22.39 13.15 -29.34
C GLY A 90 21.49 12.03 -28.93
N ASN A 91 20.31 12.42 -28.48
CA ASN A 91 19.17 11.53 -28.45
C ASN A 91 17.97 12.29 -27.97
N ILE A 92 16.83 11.62 -27.98
CA ILE A 92 15.61 12.20 -27.48
C ILE A 92 15.29 11.68 -26.08
N MET A 93 15.21 12.57 -25.10
CA MET A 93 14.56 12.24 -23.84
C MET A 93 13.09 12.03 -24.20
N TRP A 94 12.48 11.04 -23.58
CA TRP A 94 11.07 10.81 -23.76
C TRP A 94 10.34 11.14 -22.47
N GLU A 95 9.85 12.36 -22.37
CA GLU A 95 9.15 12.82 -21.17
C GLU A 95 7.70 12.30 -21.24
N ASN A 96 7.22 11.69 -20.15
CA ASN A 96 5.90 11.04 -20.12
C ASN A 96 5.12 11.32 -18.84
N GLU A 97 4.08 12.13 -18.94
CA GLU A 97 3.30 12.52 -17.79
C GLU A 97 1.97 11.80 -17.79
N PHE A 98 1.46 11.53 -16.60
CA PHE A 98 0.16 10.89 -16.38
C PHE A 98 -0.48 11.57 -15.20
N ARG A 99 -1.69 12.06 -15.37
CA ARG A 99 -2.45 12.56 -14.25
C ARG A 99 -3.75 11.75 -14.13
N TYR A 100 -4.22 11.57 -12.88
CA TYR A 100 -5.41 10.77 -12.57
C TYR A 100 -6.22 11.30 -11.44
N LEU A 101 -7.43 10.81 -11.34
CA LEU A 101 -8.38 11.33 -10.40
C LEU A 101 -9.29 10.20 -9.98
N SER A 102 -9.70 10.22 -8.71
CA SER A 102 -10.55 9.17 -8.14
C SER A 102 -11.27 9.70 -6.90
N GLN A 103 -11.98 8.82 -6.20
CA GLN A 103 -12.39 9.10 -4.84
C GLN A 103 -11.13 9.22 -4.00
N ALA A 104 -10.17 8.30 -4.21
CA ALA A 104 -8.86 8.31 -3.51
C ALA A 104 -7.94 9.44 -4.00
N GLY A 105 -8.48 10.67 -4.03
CA GLY A 105 -7.78 11.88 -4.47
C GLY A 105 -7.16 11.79 -5.86
N ALA A 106 -6.21 12.68 -6.12
CA ALA A 106 -5.48 12.67 -7.37
C ALA A 106 -4.00 12.35 -7.19
N GLY A 107 -3.36 12.12 -8.32
CA GLY A 107 -1.93 11.87 -8.33
C GLY A 107 -1.39 12.00 -9.74
N LEU A 108 -0.08 12.12 -9.83
CA LEU A 108 0.59 12.43 -11.08
C LEU A 108 1.85 11.59 -11.17
N MET A 109 2.18 11.13 -12.38
CA MET A 109 3.37 10.29 -12.59
C MET A 109 4.15 10.73 -13.79
N GLU A 110 5.47 10.69 -13.66
CA GLU A 110 6.35 11.12 -14.75
C GLU A 110 7.41 10.06 -14.98
N LEU A 111 7.62 9.67 -16.22
CA LEU A 111 8.74 8.82 -16.57
C LEU A 111 9.53 9.55 -17.66
N ASP A 112 10.76 9.91 -17.32
CA ASP A 112 11.66 10.52 -18.29
C ASP A 112 12.76 9.52 -18.63
N TYR A 113 12.87 9.23 -19.92
CA TYR A 113 13.78 8.23 -20.42
C TYR A 113 14.62 8.89 -21.48
N LEU A 114 15.88 9.15 -21.15
CA LEU A 114 16.87 9.39 -22.16
C LEU A 114 17.54 8.03 -22.39
N PRO A 115 17.50 7.51 -23.61
CA PRO A 115 18.06 6.19 -23.87
C PRO A 115 19.59 6.18 -23.93
N SER A 116 20.21 7.31 -24.27
CA SER A 116 21.66 7.44 -24.17
C SER A 116 22.07 8.88 -24.27
N ASP A 117 23.32 9.14 -23.91
CA ASP A 117 23.78 10.49 -23.77
C ASP A 117 25.25 10.66 -24.22
N LYS A 118 25.46 11.44 -25.29
CA LYS A 118 26.80 11.77 -25.79
C LYS A 118 27.68 12.22 -24.65
N VAL A 119 27.25 13.30 -24.00
CA VAL A 119 28.02 13.96 -22.95
C VAL A 119 28.25 13.05 -21.74
N TYR A 120 27.43 12.00 -21.57
CA TYR A 120 27.57 11.11 -20.41
C TYR A 120 28.47 9.92 -20.72
N GLU A 121 28.62 9.59 -22.00
CA GLU A 121 29.51 8.51 -22.43
C GLU A 121 30.95 9.03 -22.46
N ASP A 122 31.11 10.30 -22.80
CA ASP A 122 32.45 10.90 -22.97
C ASP A 122 33.22 11.19 -21.68
N GLU A 123 32.56 11.06 -20.51
CA GLU A 123 33.22 11.26 -19.20
C GLU A 123 33.39 9.93 -18.43
N HIS A 124 32.67 8.87 -18.85
CA HIS A 124 32.90 7.53 -18.33
C HIS A 124 32.88 6.47 -19.45
N PRO A 125 33.61 6.70 -20.56
CA PRO A 125 33.37 5.97 -21.82
C PRO A 125 33.23 4.46 -21.73
N ASN A 126 33.98 3.83 -20.84
CA ASN A 126 33.92 2.39 -20.66
C ASN A 126 32.84 2.01 -19.65
N ASP A 127 31.60 2.29 -20.02
CA ASP A 127 30.44 1.94 -19.23
C ASP A 127 29.51 1.05 -20.07
N ASP A 128 28.73 0.23 -19.37
CA ASP A 128 27.87 -0.81 -19.98
C ASP A 128 26.75 -0.16 -20.79
N SER A 129 26.19 0.93 -20.22
CA SER A 129 25.18 1.78 -20.85
C SER A 129 25.44 3.27 -20.46
N SER A 130 24.55 4.17 -20.88
CA SER A 130 24.66 5.59 -20.55
C SER A 130 23.33 6.32 -20.49
N ARG A 131 22.25 5.61 -20.20
CA ARG A 131 20.94 6.27 -20.24
C ARG A 131 20.66 7.12 -18.99
N ARG A 132 19.70 8.01 -19.09
CA ARG A 132 19.35 8.86 -17.97
C ARG A 132 17.86 8.86 -17.82
N TRP A 133 17.38 8.67 -16.61
CA TRP A 133 15.95 8.57 -16.40
C TRP A 133 15.53 9.16 -15.09
N LEU A 134 14.23 9.32 -14.95
CA LEU A 134 13.63 9.77 -13.70
C LEU A 134 12.23 9.23 -13.63
N PHE A 135 11.82 8.89 -12.41
CA PHE A 135 10.43 8.55 -12.15
C PHE A 135 9.96 9.35 -10.94
N TYR A 136 8.78 9.91 -11.08
CA TYR A 136 8.21 10.69 -10.02
C TYR A 136 6.76 10.27 -9.94
N TRP A 137 6.29 10.16 -8.71
CA TRP A 137 4.91 9.87 -8.40
C TRP A 137 4.47 10.81 -7.35
N ASN A 138 3.38 11.51 -7.59
CA ASN A 138 2.76 12.26 -6.53
C ASN A 138 1.38 11.73 -6.34
N HIS A 139 1.01 11.53 -5.07
CA HIS A 139 -0.37 11.22 -4.69
C HIS A 139 -0.70 11.86 -3.38
N SER A 140 -1.95 12.28 -3.28
CA SER A 140 -2.56 12.53 -2.00
C SER A 140 -4.06 12.36 -2.17
N GLY A 141 -4.73 11.94 -1.12
CA GLY A 141 -6.13 11.67 -1.23
C GLY A 141 -6.66 11.30 0.12
N VAL A 142 -7.89 11.75 0.40
CA VAL A 142 -8.58 11.42 1.65
C VAL A 142 -9.86 10.69 1.30
N MET A 143 -9.92 9.39 1.58
CA MET A 143 -11.09 8.63 1.25
C MET A 143 -12.07 8.53 2.44
N ASP A 144 -13.30 9.00 2.23
CA ASP A 144 -14.32 9.12 3.30
C ASP A 144 -13.81 9.89 4.56
N GLN A 145 -13.00 10.93 4.36
CA GLN A 145 -12.37 11.72 5.47
C GLN A 145 -11.43 10.93 6.39
N VAL A 146 -11.64 9.60 6.41
CA VAL A 146 -11.00 8.72 7.34
C VAL A 146 -9.70 8.10 6.85
N TRP A 147 -9.62 7.83 5.55
CA TRP A 147 -8.47 7.14 4.97
C TRP A 147 -7.51 8.03 4.20
N ARG A 148 -6.28 8.13 4.71
CA ARG A 148 -5.31 9.02 4.11
C ARG A 148 -4.22 8.24 3.38
N PHE A 149 -4.12 8.52 2.07
CA PHE A 149 -3.09 7.96 1.22
C PHE A 149 -2.19 9.06 0.69
N ASN A 150 -0.87 8.84 0.75
CA ASN A 150 0.10 9.80 0.19
C ASN A 150 1.39 9.20 -0.34
N VAL A 151 1.86 9.79 -1.45
CA VAL A 151 3.15 9.45 -2.03
C VAL A 151 3.88 10.71 -2.47
N ASP A 152 5.14 10.85 -2.07
CA ASP A 152 6.08 11.77 -2.74
C ASP A 152 7.29 10.96 -3.16
N TYR A 153 7.31 10.51 -4.40
CA TYR A 153 8.37 9.65 -4.87
C TYR A 153 9.19 10.32 -5.94
N THR A 154 10.51 10.17 -5.85
CA THR A 154 11.40 10.70 -6.88
C THR A 154 12.65 9.84 -7.00
N LYS A 155 12.90 9.31 -8.18
CA LYS A 155 14.14 8.59 -8.41
C LYS A 155 14.82 8.93 -9.78
N VAL A 156 16.13 8.90 -9.72
CA VAL A 156 16.94 9.43 -10.78
C VAL A 156 18.07 8.46 -11.03
N SER A 157 18.55 8.47 -12.25
CA SER A 157 19.64 7.61 -12.66
C SER A 157 20.96 8.02 -12.03
N ASP A 158 21.11 9.31 -11.69
CA ASP A 158 22.41 9.84 -11.29
C ASP A 158 22.34 11.12 -10.47
N PRO A 159 23.39 11.40 -9.67
CA PRO A 159 23.59 12.69 -8.97
C PRO A 159 23.32 13.95 -9.80
N SER A 160 23.71 13.93 -11.08
CA SER A 160 23.66 15.11 -11.96
C SER A 160 22.32 15.39 -12.60
N TYR A 161 21.34 14.53 -12.40
CA TYR A 161 20.17 14.57 -13.25
C TYR A 161 19.49 15.94 -13.27
N PHE A 162 19.41 16.64 -12.14
CA PHE A 162 18.70 17.93 -12.14
C PHE A 162 19.54 19.12 -12.59
N ASN A 163 20.84 18.86 -12.77
CA ASN A 163 21.76 19.81 -13.40
C ASN A 163 21.68 19.70 -14.93
N ASP A 164 21.76 18.48 -15.43
CA ASP A 164 21.78 18.20 -16.84
C ASP A 164 20.41 18.43 -17.50
N PHE A 165 19.34 18.19 -16.79
CA PHE A 165 18.00 18.30 -17.40
C PHE A 165 17.07 19.12 -16.53
N ASP A 166 15.77 18.97 -16.78
CA ASP A 166 14.81 19.97 -16.37
C ASP A 166 14.41 19.87 -14.91
N ASN A 167 14.08 21.03 -14.36
CA ASN A 167 13.70 21.20 -12.98
C ASN A 167 12.19 21.36 -12.88
N LYS A 168 11.45 20.39 -13.40
CA LYS A 168 10.00 20.49 -13.33
C LYS A 168 9.44 19.88 -12.03
N TYR A 169 9.98 18.74 -11.63
CA TYR A 169 9.53 18.08 -10.39
C TYR A 169 10.63 18.12 -9.34
N GLY A 170 11.85 17.78 -9.77
CA GLY A 170 13.03 18.08 -8.99
C GLY A 170 13.51 19.50 -9.27
N SER A 171 14.77 19.75 -8.96
CA SER A 171 15.37 21.08 -9.07
C SER A 171 16.88 20.98 -8.93
N SER A 172 17.58 21.90 -9.58
CA SER A 172 19.04 21.91 -9.52
C SER A 172 19.48 22.23 -8.11
N THR A 173 18.65 23.00 -7.43
CA THR A 173 18.90 23.38 -6.06
C THR A 173 18.94 22.19 -5.09
N ASP A 174 18.23 21.10 -5.34
CA ASP A 174 18.07 20.04 -4.32
C ASP A 174 19.34 19.24 -4.12
N GLY A 175 19.45 18.64 -2.95
CA GLY A 175 20.59 17.83 -2.60
C GLY A 175 20.26 16.38 -2.39
N TYR A 176 18.98 16.06 -2.21
CA TYR A 176 18.53 14.66 -2.09
C TYR A 176 17.17 14.41 -2.80
N ALA A 177 16.86 13.16 -3.06
CA ALA A 177 15.59 12.84 -3.67
C ALA A 177 14.68 12.16 -2.66
N THR A 178 13.48 12.71 -2.52
CA THR A 178 12.54 12.32 -1.49
C THR A 178 11.66 11.12 -1.92
N GLN A 179 11.65 10.06 -1.09
CA GLN A 179 11.00 8.79 -1.44
C GLN A 179 10.07 8.25 -0.34
N LYS A 180 8.84 8.75 -0.27
CA LYS A 180 7.90 8.51 0.86
C LYS A 180 6.58 7.93 0.39
N PHE A 181 6.08 6.94 1.13
CA PHE A 181 4.72 6.43 0.96
C PHE A 181 4.07 6.40 2.33
N SER A 182 2.77 6.65 2.40
CA SER A 182 2.15 6.62 3.71
C SER A 182 0.66 6.49 3.67
N VAL A 183 0.17 5.63 4.55
CA VAL A 183 -1.23 5.38 4.71
C VAL A 183 -1.58 5.60 6.16
N GLY A 184 -2.71 6.27 6.37
CA GLY A 184 -3.17 6.52 7.72
C GLY A 184 -4.68 6.45 7.84
N TYR A 185 -5.12 6.47 9.09
CA TYR A 185 -6.54 6.43 9.43
C TYR A 185 -6.75 7.52 10.47
N ALA A 186 -7.74 8.38 10.25
CA ALA A 186 -7.89 9.55 11.11
C ALA A 186 -9.35 9.86 11.39
N VAL A 187 -9.68 10.01 12.66
CA VAL A 187 -10.98 10.53 13.07
C VAL A 187 -10.79 11.68 14.05
N GLN A 188 -11.91 12.21 14.53
CA GLN A 188 -11.90 13.40 15.39
C GLN A 188 -10.90 13.30 16.55
N ASN A 189 -11.07 12.28 17.38
N ASN A 189 -11.08 12.29 17.39
CA ASN A 189 -10.29 12.10 18.60
CA ASN A 189 -10.28 12.14 18.60
C ASN A 189 -9.10 11.17 18.44
C ASN A 189 -9.10 11.16 18.43
N PHE A 190 -8.90 10.65 17.22
CA PHE A 190 -7.85 9.64 16.97
C PHE A 190 -7.32 9.49 15.53
N ASN A 191 -6.01 9.35 15.40
CA ASN A 191 -5.38 9.10 14.10
C ASN A 191 -4.11 8.25 14.18
N ALA A 192 -4.02 7.27 13.30
CA ALA A 192 -2.87 6.40 13.21
C ALA A 192 -2.31 6.42 11.77
N THR A 193 -0.98 6.40 11.64
CA THR A 193 -0.33 6.58 10.34
C THR A 193 0.91 5.74 10.19
N VAL A 194 1.02 5.01 9.08
CA VAL A 194 2.28 4.31 8.79
C VAL A 194 2.90 4.83 7.52
N SER A 195 4.24 4.78 7.46
CA SER A 195 4.91 5.30 6.30
C SER A 195 6.30 4.75 6.17
N THR A 196 6.91 5.04 5.02
CA THR A 196 8.25 4.61 4.68
C THR A 196 9.03 5.70 4.00
N LYS A 197 10.09 6.13 4.66
CA LYS A 197 10.85 7.28 4.22
C LYS A 197 12.24 6.79 3.87
N GLN A 198 12.65 7.00 2.62
CA GLN A 198 13.99 6.63 2.13
C GLN A 198 14.49 7.85 1.40
N PHE A 199 15.80 8.01 1.30
CA PHE A 199 16.40 9.21 0.66
C PHE A 199 17.64 9.01 -0.25
N GLN A 200 17.49 9.39 -1.52
CA GLN A 200 18.61 9.38 -2.47
C GLN A 200 19.45 10.59 -2.15
N VAL A 201 20.55 10.38 -1.46
CA VAL A 201 21.53 11.43 -1.25
C VAL A 201 22.35 11.54 -2.52
N PHE A 202 22.55 12.76 -3.01
CA PHE A 202 23.22 12.96 -4.29
C PHE A 202 24.77 13.03 -4.24
N SER A 203 25.31 14.17 -3.82
CA SER A 203 26.78 14.40 -3.84
C SER A 203 27.52 13.19 -3.22
N GLU A 204 28.71 12.86 -3.73
CA GLU A 204 29.47 11.69 -3.24
C GLU A 204 30.46 12.03 -2.11
N GLN A 205 29.98 12.87 -1.21
CA GLN A 205 30.64 13.12 0.08
C GLN A 205 30.30 12.01 1.09
N ASN A 206 29.00 11.70 1.24
CA ASN A 206 28.58 10.38 1.74
C ASN A 206 27.18 9.95 1.29
N THR A 207 27.07 8.68 0.93
CA THR A 207 25.82 8.07 0.55
C THR A 207 25.08 7.52 1.78
N SER A 208 25.57 7.83 2.98
CA SER A 208 25.00 7.25 4.20
C SER A 208 23.71 7.94 4.56
N SER A 209 22.60 7.36 4.10
CA SER A 209 21.27 7.87 4.38
C SER A 209 20.53 6.89 5.26
N TYR A 210 19.96 7.38 6.36
CA TYR A 210 19.06 6.56 7.17
C TYR A 210 17.65 6.70 6.65
N SER A 211 16.92 5.59 6.71
CA SER A 211 15.60 5.47 6.12
C SER A 211 14.71 4.83 7.17
N ALA A 212 13.44 5.22 7.19
CA ALA A 212 12.50 4.67 8.17
C ALA A 212 11.56 3.69 7.49
N GLU A 213 11.83 2.40 7.66
CA GLU A 213 11.11 1.36 6.93
C GLU A 213 10.55 0.32 7.91
N PRO A 214 9.33 0.50 8.39
CA PRO A 214 8.52 1.70 8.23
C PRO A 214 8.58 2.52 9.49
N GLN A 215 7.65 3.46 9.59
CA GLN A 215 7.45 4.23 10.79
C GLN A 215 5.96 4.38 10.99
N LEU A 216 5.53 4.21 12.23
CA LEU A 216 4.12 4.13 12.59
C LEU A 216 3.83 5.01 13.79
N ASP A 217 3.11 6.10 13.55
CA ASP A 217 2.74 7.09 14.57
C ASP A 217 1.24 7.02 14.91
N VAL A 218 0.94 6.99 16.21
CA VAL A 218 -0.44 6.87 16.71
C VAL A 218 -0.76 8.01 17.67
N ASN A 219 -2.02 8.44 17.69
CA ASN A 219 -2.39 9.69 18.38
C ASN A 219 -3.79 9.72 18.93
N TYR A 220 -3.92 9.65 20.26
CA TYR A 220 -5.24 9.64 20.88
C TYR A 220 -5.45 10.96 21.58
N TYR A 221 -6.66 11.48 21.47
CA TYR A 221 -7.01 12.79 22.04
C TYR A 221 -8.28 12.71 22.86
N GLN A 222 -8.20 13.08 24.15
CA GLN A 222 -9.36 13.11 25.06
C GLN A 222 -9.42 14.45 25.83
N ASN A 223 -10.54 15.16 25.68
CA ASN A 223 -10.66 16.53 26.19
C ASN A 223 -11.85 16.83 27.15
N ASP A 224 -12.69 15.83 27.38
CA ASP A 224 -13.67 15.90 28.46
C ASP A 224 -13.35 14.92 29.59
N VAL A 225 -12.09 14.98 30.01
CA VAL A 225 -11.62 14.42 31.26
C VAL A 225 -11.75 15.55 32.27
N GLY A 226 -13.02 15.91 32.53
CA GLY A 226 -13.39 17.03 33.38
C GLY A 226 -12.63 18.30 33.05
N PRO A 227 -11.93 18.88 34.03
CA PRO A 227 -11.14 20.07 33.80
C PRO A 227 -9.84 19.81 33.02
N PHE A 228 -9.39 18.56 32.96
CA PHE A 228 -8.16 18.25 32.27
C PHE A 228 -8.34 17.96 30.80
N ASP A 229 -7.21 17.95 30.09
CA ASP A 229 -7.15 17.45 28.73
C ASP A 229 -6.00 16.48 28.60
N THR A 230 -6.18 15.47 27.76
CA THR A 230 -5.17 14.45 27.55
C THR A 230 -4.99 14.16 26.08
N ARG A 231 -3.72 14.03 25.70
CA ARG A 231 -3.36 13.34 24.50
C ARG A 231 -2.41 12.27 24.93
N ILE A 232 -2.39 11.20 24.16
CA ILE A 232 -1.31 10.26 24.26
C ILE A 232 -0.90 9.96 22.84
N TYR A 233 0.40 9.78 22.69
CA TYR A 233 1.01 9.50 21.42
C TYR A 233 1.88 8.27 21.63
N GLY A 234 1.81 7.33 20.67
CA GLY A 234 2.68 6.17 20.60
C GLY A 234 3.28 6.05 19.21
N GLN A 235 4.60 5.78 19.14
CA GLN A 235 5.33 5.61 17.88
C GLN A 235 6.28 4.40 17.85
N ALA A 236 6.32 3.72 16.70
CA ALA A 236 7.27 2.65 16.46
C ALA A 236 7.87 2.78 15.08
N VAL A 237 9.19 2.60 14.98
CA VAL A 237 9.91 2.82 13.72
C VAL A 237 11.11 1.90 13.69
N HIS A 238 11.58 1.57 12.51
CA HIS A 238 12.76 0.71 12.36
C HIS A 238 13.79 1.36 11.42
N PHE A 239 14.94 1.78 11.93
CA PHE A 239 15.91 2.55 11.11
C PHE A 239 16.97 1.72 10.36
N VAL A 240 17.19 2.03 9.07
CA VAL A 240 18.11 1.23 8.21
C VAL A 240 18.93 2.11 7.27
N ASN A 241 20.19 1.70 7.08
CA ASN A 241 21.16 2.48 6.33
C ASN A 241 21.61 1.79 5.03
N THR A 242 21.84 2.61 4.00
CA THR A 242 22.19 2.09 2.67
C THR A 242 23.56 1.38 2.69
N ARG A 243 24.50 1.90 3.48
CA ARG A 243 25.73 1.16 3.79
C ARG A 243 25.41 0.12 4.84
N ASP A 244 25.81 -1.11 4.58
CA ASP A 244 25.52 -2.24 5.46
C ASP A 244 26.53 -2.35 6.60
N ASP A 245 27.46 -1.42 6.71
CA ASP A 245 28.40 -1.39 7.81
C ASP A 245 28.03 -0.30 8.84
N MET A 246 26.72 -0.08 9.01
CA MET A 246 26.21 0.94 9.92
C MET A 246 25.13 0.37 10.84
N PRO A 247 24.94 0.98 12.01
CA PRO A 247 23.92 0.56 12.96
C PRO A 247 22.49 0.43 12.40
N GLU A 248 21.94 -0.78 12.44
CA GLU A 248 20.48 -0.96 12.31
C GLU A 248 19.90 -0.82 13.68
N ALA A 249 18.60 -0.51 13.76
CA ALA A 249 17.97 -0.22 15.04
C ALA A 249 16.47 -0.18 14.96
N THR A 250 15.84 -0.40 16.11
CA THR A 250 14.39 -0.42 16.21
C THR A 250 14.02 0.35 17.41
N ARG A 251 12.92 1.08 17.33
CA ARG A 251 12.61 2.08 18.35
C ARG A 251 11.10 2.31 18.60
N VAL A 252 10.65 1.75 19.72
CA VAL A 252 9.30 1.99 20.20
C VAL A 252 9.39 3.12 21.20
N HIS A 253 8.34 3.94 21.22
CA HIS A 253 8.26 5.12 22.07
C HIS A 253 6.81 5.52 22.40
N LEU A 254 6.59 5.80 23.68
CA LEU A 254 5.31 6.22 24.21
C LEU A 254 5.45 7.53 24.99
N GLU A 255 4.41 8.33 24.88
CA GLU A 255 4.43 9.69 25.37
C GLU A 255 2.97 10.08 25.64
N PRO A 256 2.52 9.87 26.88
CA PRO A 256 1.24 10.34 27.30
C PRO A 256 1.40 11.75 27.85
N THR A 257 0.38 12.57 27.64
CA THR A 257 0.47 13.96 27.99
C THR A 257 -0.82 14.41 28.62
N ILE A 258 -0.73 14.98 29.81
CA ILE A 258 -1.90 15.53 30.44
C ILE A 258 -1.63 16.96 30.80
N ASN A 259 -2.61 17.81 30.53
CA ASN A 259 -2.52 19.20 30.91
C ASN A 259 -3.84 19.82 31.36
N LEU A 260 -3.70 20.96 32.03
CA LEU A 260 -4.79 21.70 32.63
C LEU A 260 -4.80 23.16 32.11
N PRO A 261 -5.80 23.50 31.28
CA PRO A 261 -5.83 24.79 30.61
C PRO A 261 -6.83 25.74 31.22
N LEU A 262 -6.44 26.99 31.47
CA LEU A 262 -7.31 27.93 32.20
C LEU A 262 -7.74 29.20 31.43
N SER A 263 -9.07 29.24 31.20
CA SER A 263 -9.72 30.21 30.33
C SER A 263 -10.18 31.43 31.14
N ASN A 264 -9.67 32.62 30.77
CA ASN A 264 -10.15 33.92 31.28
C ASN A 264 -10.59 34.71 30.07
N ASN A 265 -10.97 35.97 30.26
CA ASN A 265 -11.34 36.80 29.11
C ASN A 265 -10.15 37.58 28.57
N TRP A 266 -9.06 37.56 29.33
CA TRP A 266 -7.90 38.44 29.10
C TRP A 266 -6.55 37.75 29.41
N GLY A 267 -6.62 36.45 29.67
CA GLY A 267 -5.47 35.70 30.16
C GLY A 267 -5.63 34.23 29.88
N SER A 268 -4.59 33.47 30.19
CA SER A 268 -4.54 32.09 29.80
C SER A 268 -3.43 31.38 30.53
N ILE A 269 -3.71 30.21 31.11
CA ILE A 269 -2.63 29.36 31.57
C ILE A 269 -2.93 27.87 31.45
N ASN A 270 -1.97 27.18 30.86
CA ASN A 270 -2.00 25.73 30.77
C ASN A 270 -0.81 25.20 31.55
N THR A 271 -0.94 23.99 32.04
CA THR A 271 0.13 23.31 32.76
C THR A 271 0.16 21.87 32.32
N GLU A 272 1.35 21.36 32.02
CA GLU A 272 1.50 20.17 31.18
C GLU A 272 2.50 19.19 31.75
N ALA A 273 1.99 17.99 31.97
CA ALA A 273 2.73 16.89 32.53
C ALA A 273 2.89 15.78 31.50
N LYS A 274 4.11 15.30 31.34
CA LYS A 274 4.36 14.41 30.25
C LYS A 274 5.46 13.44 30.58
N LEU A 275 5.26 12.18 30.17
CA LEU A 275 6.32 11.18 30.19
C LEU A 275 6.82 10.77 28.81
N LEU A 276 8.09 10.35 28.74
CA LEU A 276 8.79 10.13 27.47
C LEU A 276 9.52 8.80 27.49
N ALA A 277 8.73 7.73 27.46
CA ALA A 277 9.29 6.39 27.55
C ALA A 277 9.72 5.87 26.19
N THR A 278 10.96 5.36 26.10
CA THR A 278 11.54 4.91 24.81
C THR A 278 12.49 3.75 24.94
N HIS A 279 12.28 2.72 24.13
CA HIS A 279 13.16 1.57 24.13
C HIS A 279 13.78 1.42 22.76
N TYR A 280 15.08 1.15 22.77
CA TYR A 280 15.90 0.95 21.56
C TYR A 280 16.41 -0.49 21.48
N GLN A 281 16.49 -1.01 20.27
CA GLN A 281 17.29 -2.18 19.98
C GLN A 281 18.27 -1.72 18.90
N GLN A 282 19.55 -2.06 19.01
CA GLN A 282 20.53 -1.57 18.04
C GLN A 282 21.51 -2.66 17.55
N THR A 283 21.24 -3.24 16.38
CA THR A 283 22.13 -4.23 15.74
C THR A 283 23.31 -3.59 15.02
N ASN A 284 24.26 -4.44 14.61
CA ASN A 284 25.35 -4.06 13.69
C ASN A 284 26.28 -2.97 14.25
N LEU A 285 26.62 -3.11 15.52
CA LEU A 285 27.43 -2.12 16.21
C LEU A 285 28.89 -2.53 16.33
N ASP A 286 29.36 -3.46 15.49
CA ASP A 286 30.75 -3.93 15.56
C ASP A 286 31.65 -2.85 14.98
N TRP A 287 31.25 -2.34 13.81
CA TRP A 287 32.03 -1.35 13.07
C TRP A 287 31.99 0.01 13.77
N TYR A 288 30.79 0.50 14.03
CA TYR A 288 30.65 1.83 14.63
C TYR A 288 31.38 1.95 15.98
N ASN A 289 31.35 0.89 16.79
CA ASN A 289 31.96 0.90 18.12
C ASN A 289 33.48 0.80 18.15
N SER A 290 34.10 0.48 17.01
CA SER A 290 35.56 0.47 16.90
C SER A 290 36.10 1.81 16.40
N ARG A 291 35.26 2.63 15.79
CA ARG A 291 35.67 3.95 15.30
C ARG A 291 35.54 5.02 16.41
N ASN A 292 34.32 5.22 16.92
CA ASN A 292 34.09 6.16 18.02
C ASN A 292 34.33 5.50 19.36
N THR A 293 34.95 6.21 20.30
CA THR A 293 35.19 5.67 21.65
C THR A 293 33.87 5.29 22.26
N THR A 294 32.98 6.28 22.39
CA THR A 294 31.67 6.10 23.01
C THR A 294 30.89 4.95 22.38
N LYS A 295 30.74 3.88 23.16
CA LYS A 295 29.97 2.72 22.74
C LYS A 295 28.49 3.05 22.64
N LEU A 296 27.82 2.38 21.70
CA LEU A 296 26.37 2.28 21.70
C LEU A 296 26.03 0.94 22.33
N ASP A 297 25.01 0.91 23.19
CA ASP A 297 24.60 -0.31 23.86
C ASP A 297 23.48 -0.92 23.00
N GLU A 298 23.44 -2.26 22.90
CA GLU A 298 22.47 -2.98 22.04
C GLU A 298 21.01 -2.67 22.38
N SER A 299 20.65 -2.90 23.64
CA SER A 299 19.34 -2.54 24.15
C SER A 299 19.55 -1.29 24.97
N VAL A 300 18.68 -0.30 24.82
CA VAL A 300 18.81 0.95 25.55
C VAL A 300 17.43 1.48 25.92
N ASN A 301 17.32 2.00 27.13
CA ASN A 301 16.08 2.57 27.60
C ASN A 301 16.32 3.97 28.12
N ARG A 302 15.35 4.85 27.84
CA ARG A 302 15.45 6.24 28.25
C ARG A 302 14.07 6.81 28.51
N VAL A 303 13.82 7.02 29.81
CA VAL A 303 12.55 7.57 30.30
C VAL A 303 12.77 8.81 31.14
N MET A 304 11.85 9.76 30.98
CA MET A 304 11.97 11.08 31.57
C MET A 304 10.67 11.82 31.45
N PRO A 305 10.47 12.81 32.32
CA PRO A 305 9.20 13.49 32.31
C PRO A 305 9.37 14.99 32.13
N GLN A 306 8.26 15.70 32.00
CA GLN A 306 8.33 17.13 31.81
C GLN A 306 7.18 17.91 32.46
N PHE A 307 7.57 18.81 33.35
CA PHE A 307 6.71 19.84 33.88
C PHE A 307 6.83 21.01 32.89
N LYS A 308 5.70 21.50 32.36
CA LYS A 308 5.69 22.73 31.57
C LYS A 308 4.47 23.60 31.91
N VAL A 309 4.63 24.92 31.82
CA VAL A 309 3.57 25.87 32.16
C VAL A 309 3.72 27.16 31.36
N ASP A 310 2.59 27.71 30.90
CA ASP A 310 2.60 28.76 29.91
C ASP A 310 1.56 29.83 30.22
N GLY A 311 2.05 31.06 30.40
CA GLY A 311 1.21 32.19 30.78
C GLY A 311 1.15 33.26 29.69
N LYS A 312 -0.03 33.85 29.53
CA LYS A 312 -0.36 34.76 28.42
C LYS A 312 -1.36 35.83 28.89
N MET A 313 -1.04 37.12 28.64
CA MET A 313 -1.90 38.26 29.05
C MET A 313 -2.21 39.21 27.90
N VAL A 314 -3.42 39.77 27.90
CA VAL A 314 -3.81 40.69 26.82
C VAL A 314 -4.25 42.06 27.36
N PHE A 315 -3.46 43.07 27.02
CA PHE A 315 -3.74 44.48 27.33
C PHE A 315 -4.16 45.17 26.03
N GLU A 316 -5.24 45.94 26.09
CA GLU A 316 -5.64 46.78 24.98
C GLU A 316 -5.39 48.25 25.29
N ARG A 317 -5.52 49.08 24.26
CA ARG A 317 -5.62 50.50 24.44
C ARG A 317 -6.11 51.12 23.14
N ASP A 318 -5.94 52.44 22.99
CA ASP A 318 -6.37 53.17 21.80
C ASP A 318 -5.31 54.14 21.35
N MET A 319 -5.01 54.11 20.05
CA MET A 319 -3.99 54.98 19.47
C MET A 319 -4.57 56.34 19.08
N GLU A 320 -5.26 57.01 20.00
CA GLU A 320 -5.93 58.26 19.69
C GLU A 320 -4.93 59.35 19.38
N MET A 321 -3.89 59.42 20.19
CA MET A 321 -2.66 60.22 19.94
C MET A 321 -2.13 60.19 18.50
N LEU A 322 -1.96 58.98 17.92
CA LEU A 322 -1.36 58.80 16.60
C LEU A 322 -2.42 58.71 15.49
N ALA A 323 -3.51 57.97 15.75
CA ALA A 323 -4.59 57.80 14.80
C ALA A 323 -5.96 57.92 15.49
N PRO A 324 -6.94 58.57 14.81
CA PRO A 324 -8.31 58.51 15.31
C PRO A 324 -8.91 57.10 15.20
N GLY A 325 -9.41 56.56 16.31
CA GLY A 325 -10.14 55.29 16.32
C GLY A 325 -9.34 54.05 15.91
N TYR A 326 -8.12 53.95 16.41
CA TYR A 326 -7.27 52.78 16.18
C TYR A 326 -7.38 51.85 17.38
N THR A 327 -6.64 50.75 17.35
CA THR A 327 -6.49 49.87 18.51
C THR A 327 -5.05 49.43 18.69
N GLN A 328 -4.74 48.92 19.85
CA GLN A 328 -3.49 48.21 20.06
C GLN A 328 -3.69 47.12 21.08
N THR A 329 -3.09 45.96 20.82
CA THR A 329 -2.94 44.91 21.81
C THR A 329 -1.45 44.72 22.12
N LEU A 330 -1.20 44.11 23.25
CA LEU A 330 0.14 43.88 23.74
C LEU A 330 0.09 42.70 24.70
N GLU A 331 0.84 41.66 24.36
CA GLU A 331 0.79 40.40 25.07
C GLU A 331 2.20 40.07 25.44
N PRO A 332 2.43 39.77 26.71
CA PRO A 332 3.63 39.06 27.12
C PRO A 332 3.33 37.56 27.19
N ARG A 333 4.35 36.77 27.51
CA ARG A 333 4.17 35.33 27.64
C ARG A 333 5.34 34.76 28.40
N ALA A 334 5.09 33.77 29.23
CA ALA A 334 6.18 33.00 29.78
C ALA A 334 5.88 31.52 29.79
N GLN A 335 6.96 30.77 29.62
CA GLN A 335 6.96 29.33 29.72
C GLN A 335 8.05 28.96 30.75
N TYR A 336 7.71 28.10 31.70
CA TYR A 336 8.71 27.38 32.43
C TYR A 336 8.76 26.01 31.82
N LEU A 337 9.97 25.47 31.72
CA LEU A 337 10.16 24.10 31.20
C LEU A 337 11.25 23.32 31.95
N TYR A 338 10.83 22.24 32.61
CA TYR A 338 11.77 21.32 33.25
C TYR A 338 11.74 19.92 32.63
N VAL A 339 12.92 19.51 32.14
CA VAL A 339 13.16 18.14 31.72
C VAL A 339 14.56 17.75 32.19
N PRO A 340 14.67 16.59 32.85
CA PRO A 340 15.97 16.14 33.40
C PRO A 340 16.98 15.57 32.40
N TYR A 341 18.25 15.59 32.81
CA TYR A 341 19.34 15.08 31.99
C TYR A 341 19.24 13.58 31.92
N ARG A 342 19.53 13.04 30.75
CA ARG A 342 19.81 11.61 30.56
C ARG A 342 21.02 11.48 29.61
N ASP A 343 21.93 10.55 29.92
CA ASP A 343 23.12 10.34 29.06
C ASP A 343 22.74 9.51 27.82
N GLN A 344 22.39 10.22 26.75
CA GLN A 344 21.90 9.58 25.53
C GLN A 344 23.01 9.23 24.53
N SER A 345 24.27 9.44 24.91
CA SER A 345 25.41 9.10 24.04
C SER A 345 25.53 7.59 23.62
N ASP A 346 24.73 6.73 24.24
CA ASP A 346 24.64 5.31 23.86
C ASP A 346 23.68 5.09 22.69
N ILE A 347 22.97 6.15 22.28
CA ILE A 347 22.05 6.12 21.11
C ILE A 347 22.68 6.80 19.87
N TYR A 348 22.79 6.09 18.75
CA TYR A 348 23.23 6.74 17.51
C TYR A 348 22.09 7.57 16.97
N ASN A 349 22.32 8.87 16.83
CA ASN A 349 21.27 9.75 16.34
C ASN A 349 20.81 9.39 14.93
N TYR A 350 19.54 9.07 14.80
CA TYR A 350 19.00 8.66 13.50
C TYR A 350 18.19 9.76 12.86
N ASP A 351 17.23 10.30 13.62
CA ASP A 351 16.26 11.28 13.09
C ASP A 351 16.18 12.62 13.88
N SER A 352 17.11 12.85 14.80
CA SER A 352 17.09 14.06 15.61
C SER A 352 18.12 15.09 15.16
N SER A 353 17.70 16.08 14.38
CA SER A 353 18.53 17.25 14.01
C SER A 353 18.10 18.48 14.80
N LEU A 354 19.06 19.39 15.04
CA LEU A 354 18.81 20.59 15.83
C LEU A 354 17.77 21.49 15.18
N LEU A 355 16.74 21.88 15.92
CA LEU A 355 15.73 22.78 15.42
C LEU A 355 16.21 24.21 15.49
N GLN A 356 15.52 25.07 14.76
CA GLN A 356 15.76 26.49 14.84
C GLN A 356 14.78 27.09 15.79
N SER A 357 15.05 28.32 16.21
CA SER A 357 14.18 29.01 17.13
C SER A 357 13.91 30.40 16.62
N ASP A 358 12.91 30.52 15.75
CA ASP A 358 12.27 31.78 15.53
C ASP A 358 11.44 32.05 16.79
N TYR A 359 10.86 33.25 16.89
CA TYR A 359 10.14 33.70 18.12
C TYR A 359 9.04 32.76 18.64
N SER A 360 8.22 32.26 17.72
CA SER A 360 7.23 31.27 18.08
C SER A 360 7.94 30.04 18.65
N GLY A 361 9.03 29.64 17.99
CA GLY A 361 9.81 28.49 18.42
C GLY A 361 10.66 28.64 19.68
N LEU A 362 10.61 29.79 20.30
CA LEU A 362 11.18 29.90 21.63
C LEU A 362 10.24 29.14 22.54
N PHE A 363 8.95 29.46 22.45
CA PHE A 363 7.90 28.74 23.18
C PHE A 363 7.60 27.43 22.49
N ARG A 364 8.54 26.50 22.63
CA ARG A 364 8.44 25.17 22.09
C ARG A 364 9.33 24.27 22.91
N ASP A 365 8.82 23.08 23.19
CA ASP A 365 9.44 22.19 24.16
C ASP A 365 10.46 21.22 23.60
N ARG A 366 11.10 21.54 22.48
CA ARG A 366 12.10 20.62 21.89
C ARG A 366 13.27 21.36 21.23
N THR A 367 14.49 20.94 21.55
CA THR A 367 15.70 21.44 20.91
C THR A 367 15.83 20.77 19.57
N TYR A 368 15.41 19.52 19.50
CA TYR A 368 15.56 18.71 18.31
C TYR A 368 14.25 18.20 17.74
N GLY A 369 14.31 17.77 16.48
CA GLY A 369 13.24 16.96 15.89
C GLY A 369 13.39 15.50 16.31
N GLY A 370 12.70 14.60 15.62
CA GLY A 370 12.85 13.16 15.88
C GLY A 370 12.74 12.84 17.36
N LEU A 371 13.43 11.77 17.78
CA LEU A 371 13.39 11.34 19.19
C LEU A 371 14.69 10.73 19.75
N ASP A 372 15.82 10.92 19.08
CA ASP A 372 17.07 10.29 19.55
C ASP A 372 17.89 11.22 20.41
N ARG A 373 17.49 12.49 20.45
CA ARG A 373 18.16 13.45 21.30
C ARG A 373 17.14 14.37 21.93
N ILE A 374 17.08 14.35 23.27
CA ILE A 374 16.26 15.30 24.06
C ILE A 374 17.04 15.98 25.19
N ALA A 375 16.97 17.31 25.20
CA ALA A 375 17.82 18.15 26.03
C ALA A 375 17.40 18.22 27.49
N SER A 376 18.36 18.33 28.40
CA SER A 376 18.09 18.56 29.83
C SER A 376 17.58 19.99 30.12
N ALA A 377 16.37 20.25 29.66
CA ALA A 377 15.80 21.58 29.77
C ALA A 377 15.52 21.94 31.22
N ASN A 378 16.06 23.07 31.63
CA ASN A 378 15.61 23.79 32.79
C ASN A 378 15.80 25.27 32.45
N GLN A 379 14.69 25.99 32.33
CA GLN A 379 14.71 27.23 31.58
C GLN A 379 13.39 27.95 31.62
N VAL A 380 13.46 29.27 31.46
CA VAL A 380 12.25 30.05 31.35
C VAL A 380 12.29 31.04 30.18
N THR A 381 11.33 30.85 29.31
CA THR A 381 11.19 31.64 28.11
C THR A 381 10.30 32.85 28.39
N THR A 382 10.66 33.98 27.79
CA THR A 382 9.88 35.21 27.94
C THR A 382 9.84 35.98 26.64
N GLY A 383 8.65 36.44 26.29
CA GLY A 383 8.45 37.14 25.04
C GLY A 383 7.26 38.07 25.10
N VAL A 384 7.16 38.94 24.09
CA VAL A 384 6.14 39.98 24.06
C VAL A 384 5.71 40.27 22.61
N THR A 385 4.44 40.61 22.42
CA THR A 385 3.85 40.65 21.10
C THR A 385 2.91 41.86 20.95
N SER A 386 3.43 43.00 20.54
CA SER A 386 2.57 44.14 20.36
C SER A 386 1.89 44.07 19.00
N ARG A 387 0.60 44.31 18.97
CA ARG A 387 -0.17 44.32 17.71
C ARG A 387 -0.85 45.64 17.54
N ILE A 388 -1.31 45.94 16.32
CA ILE A 388 -2.02 47.19 16.06
C ILE A 388 -3.11 46.95 15.04
N TYR A 389 -4.30 47.37 15.40
CA TYR A 389 -5.43 47.26 14.50
C TYR A 389 -5.81 48.67 14.08
N ASP A 390 -6.71 48.78 13.11
CA ASP A 390 -7.16 50.09 12.69
C ASP A 390 -8.66 50.22 12.94
N ASP A 391 -9.28 51.24 12.35
CA ASP A 391 -10.73 51.42 12.31
C ASP A 391 -11.48 50.24 11.69
N ALA A 392 -10.82 49.48 10.82
CA ALA A 392 -11.39 48.29 10.19
C ALA A 392 -10.99 46.96 10.85
N ALA A 393 -10.49 47.03 12.08
CA ALA A 393 -10.01 45.86 12.83
C ALA A 393 -8.98 44.98 12.09
N VAL A 394 -8.24 45.59 11.17
CA VAL A 394 -7.23 44.91 10.36
C VAL A 394 -5.86 45.06 10.97
N GLU A 395 -5.12 43.95 11.06
CA GLU A 395 -3.80 43.98 11.68
C GLU A 395 -2.78 44.66 10.76
N ARG A 396 -2.48 45.93 11.07
CA ARG A 396 -1.57 46.75 10.27
C ARG A 396 -0.13 46.54 10.69
N PHE A 397 0.08 46.15 11.95
CA PHE A 397 1.43 45.98 12.42
C PHE A 397 1.51 45.12 13.65
N ASN A 398 2.51 44.26 13.68
CA ASN A 398 2.91 43.60 14.91
C ASN A 398 4.42 43.62 15.11
N ILE A 399 4.84 43.15 16.28
CA ILE A 399 6.23 42.86 16.51
C ILE A 399 6.36 42.01 17.77
N SER A 400 7.33 41.11 17.74
CA SER A 400 7.53 40.17 18.82
C SER A 400 9.02 40.03 19.09
N VAL A 401 9.37 39.97 20.38
CA VAL A 401 10.72 39.61 20.80
C VAL A 401 10.61 38.67 21.97
N GLY A 402 11.51 37.68 22.02
CA GLY A 402 11.53 36.72 23.08
C GLY A 402 12.93 36.26 23.43
N GLN A 403 13.05 35.62 24.61
CA GLN A 403 14.32 35.08 25.07
C GLN A 403 14.20 33.92 26.06
N ILE A 404 15.23 33.08 26.08
CA ILE A 404 15.24 31.92 26.94
C ILE A 404 16.41 32.10 27.91
N TYR A 405 16.08 32.14 29.20
CA TYR A 405 17.07 32.09 30.30
C TYR A 405 17.18 30.64 30.76
N TYR A 406 18.39 30.08 30.71
CA TYR A 406 18.64 28.70 31.18
C TYR A 406 19.30 28.75 32.55
N PHE A 407 18.68 28.08 33.54
CA PHE A 407 19.28 27.96 34.88
C PHE A 407 20.39 26.91 34.90
N THR A 408 20.10 25.70 34.38
CA THR A 408 21.10 24.65 34.23
C THR A 408 21.62 24.72 32.81
N GLU A 409 22.53 23.82 32.45
CA GLU A 409 22.81 23.58 31.05
C GLU A 409 21.56 22.98 30.37
N SER A 410 21.60 22.88 29.05
CA SER A 410 20.70 22.01 28.29
C SER A 410 21.60 21.01 27.56
N ARG A 411 21.65 19.75 28.03
CA ARG A 411 22.51 18.69 27.44
C ARG A 411 21.79 17.41 27.02
N THR A 412 22.54 16.56 26.32
CA THR A 412 22.11 15.21 25.98
C THR A 412 23.25 14.19 26.07
N GLY A 413 24.32 14.51 26.80
CA GLY A 413 25.49 13.64 26.91
C GLY A 413 26.31 13.50 25.63
N ASP A 414 25.86 14.14 24.55
CA ASP A 414 26.48 14.08 23.23
C ASP A 414 26.60 15.50 22.71
N ASP A 415 27.17 16.36 23.55
CA ASP A 415 27.21 17.80 23.27
C ASP A 415 28.60 18.18 22.79
N ASN A 416 28.81 17.91 21.49
CA ASN A 416 30.04 18.27 20.81
C ASN A 416 29.71 19.06 19.52
N ILE A 417 28.90 20.11 19.69
CA ILE A 417 28.71 21.12 18.66
C ILE A 417 29.68 22.24 18.95
N THR A 418 30.34 22.75 17.91
CA THR A 418 31.37 23.76 18.09
C THR A 418 30.81 25.18 18.13
N TRP A 419 30.57 25.66 19.35
CA TRP A 419 30.15 27.04 19.58
C TRP A 419 31.38 27.93 19.63
N GLU A 420 31.14 29.24 19.67
CA GLU A 420 32.20 30.25 19.59
C GLU A 420 32.67 30.69 20.97
N ASN A 421 32.10 30.08 22.02
CA ASN A 421 32.44 30.38 23.40
C ASN A 421 31.93 29.31 24.43
N ASP A 422 31.88 29.72 25.70
CA ASP A 422 31.58 28.84 26.85
C ASP A 422 30.23 29.03 27.57
N ASP A 423 29.44 30.08 27.28
CA ASP A 423 28.27 30.37 28.15
C ASP A 423 27.33 29.17 28.14
N LYS A 424 27.00 28.68 29.32
CA LYS A 424 26.14 27.50 29.49
C LYS A 424 24.77 27.88 30.03
N THR A 425 24.61 29.14 30.44
CA THR A 425 23.40 29.55 31.12
C THR A 425 23.11 31.02 30.86
N GLY A 426 21.88 31.43 31.19
CA GLY A 426 21.46 32.82 31.05
C GLY A 426 20.67 33.03 29.78
N SER A 427 20.49 34.29 29.41
CA SER A 427 19.74 34.65 28.21
C SER A 427 20.56 34.35 26.95
N LEU A 428 20.57 33.06 26.60
CA LEU A 428 21.40 32.53 25.50
C LEU A 428 20.78 32.63 24.12
N VAL A 429 19.48 32.90 24.05
CA VAL A 429 18.78 32.84 22.80
C VAL A 429 17.74 33.94 22.75
N TRP A 430 17.70 34.65 21.64
CA TRP A 430 16.76 35.73 21.41
C TRP A 430 16.24 35.62 20.02
N ALA A 431 14.99 36.04 19.82
CA ALA A 431 14.47 36.11 18.47
C ALA A 431 13.48 37.25 18.34
N GLY A 432 13.22 37.66 17.11
CA GLY A 432 12.17 38.64 16.85
C GLY A 432 11.81 38.70 15.39
N ASP A 433 10.51 38.60 15.12
CA ASP A 433 9.99 38.89 13.80
C ASP A 433 9.37 40.28 13.86
N THR A 434 8.81 40.71 12.73
CA THR A 434 7.98 41.92 12.67
C THR A 434 7.30 42.13 11.33
N TYR A 435 6.06 42.56 11.40
CA TYR A 435 5.30 42.85 10.22
C TYR A 435 4.80 44.28 10.26
N TRP A 436 5.02 45.00 9.17
CA TRP A 436 4.43 46.32 8.98
C TRP A 436 3.76 46.36 7.64
N ARG A 437 2.47 46.67 7.67
CA ARG A 437 1.73 47.01 6.45
C ARG A 437 1.65 48.52 6.31
N ILE A 438 2.80 49.13 6.01
CA ILE A 438 2.90 50.60 5.83
C ILE A 438 1.66 51.08 5.08
N SER A 439 1.41 50.48 3.93
CA SER A 439 0.33 50.91 3.07
C SER A 439 -0.42 49.77 2.41
N GLU A 440 -1.58 50.10 1.85
CA GLU A 440 -2.32 49.16 1.02
C GLU A 440 -1.40 48.42 0.04
N ARG A 441 -0.64 49.17 -0.75
CA ARG A 441 0.24 48.62 -1.78
C ARG A 441 1.60 48.27 -1.22
N TRP A 442 1.89 48.71 0.01
CA TRP A 442 3.21 48.54 0.58
C TRP A 442 3.22 47.79 1.91
N GLY A 443 4.26 46.99 2.10
CA GLY A 443 4.48 46.34 3.36
C GLY A 443 5.93 45.96 3.52
N LEU A 444 6.27 45.58 4.75
CA LEU A 444 7.55 45.03 5.03
C LEU A 444 7.46 43.99 6.13
N ARG A 445 8.31 42.99 6.01
CA ARG A 445 8.45 41.94 7.00
C ARG A 445 9.90 41.92 7.41
N GLY A 446 10.18 41.17 8.45
CA GLY A 446 11.55 40.83 8.79
C GLY A 446 11.66 40.08 10.11
N GLY A 447 12.76 39.36 10.31
CA GLY A 447 13.01 38.76 11.61
C GLY A 447 14.46 38.41 11.88
N ILE A 448 14.72 38.08 13.14
CA ILE A 448 16.06 37.70 13.56
C ILE A 448 16.12 36.70 14.72
N GLN A 449 17.06 35.74 14.56
CA GLN A 449 17.39 34.75 15.57
CA GLN A 449 17.40 34.76 15.57
C GLN A 449 18.79 35.06 16.10
N TYR A 450 18.93 35.23 17.42
CA TYR A 450 20.22 35.54 18.04
C TYR A 450 20.61 34.47 19.02
N ASP A 451 21.91 34.21 19.10
CA ASP A 451 22.45 33.29 20.10
C ASP A 451 23.77 33.82 20.68
N THR A 452 23.85 33.91 22.00
CA THR A 452 25.03 34.47 22.67
C THR A 452 26.13 33.41 22.79
N ARG A 453 25.84 32.16 22.38
CA ARG A 453 26.87 31.15 22.15
C ARG A 453 27.57 31.28 20.78
N LEU A 454 27.07 32.19 19.93
CA LEU A 454 27.73 32.50 18.67
C LEU A 454 28.49 33.85 18.71
N ASP A 455 28.27 34.67 19.75
CA ASP A 455 28.75 36.07 19.84
C ASP A 455 28.05 36.94 18.79
N ASN A 456 27.03 36.36 18.16
CA ASN A 456 26.63 36.76 16.82
C ASN A 456 25.18 36.43 16.58
N VAL A 457 24.63 37.06 15.56
CA VAL A 457 23.34 36.66 15.01
C VAL A 457 23.56 35.26 14.44
N ALA A 458 22.51 34.47 14.39
CA ALA A 458 22.58 33.20 13.72
C ALA A 458 22.15 33.41 12.28
N THR A 459 20.92 33.89 12.14
CA THR A 459 20.20 33.96 10.88
C THR A 459 19.24 35.13 10.95
N SER A 460 18.91 35.73 9.82
CA SER A 460 17.92 36.81 9.82
C SER A 460 17.53 37.12 8.40
N ASN A 461 16.36 37.74 8.25
CA ASN A 461 15.69 37.80 6.95
C ASN A 461 14.77 38.99 6.81
N SER A 462 15.13 39.88 5.92
CA SER A 462 14.30 41.05 5.66
C SER A 462 13.51 40.87 4.38
N SER A 463 12.37 41.54 4.31
CA SER A 463 11.63 41.68 3.06
C SER A 463 10.98 43.04 3.05
N ILE A 464 10.86 43.63 1.86
CA ILE A 464 10.01 44.79 1.63
C ILE A 464 9.35 44.63 0.27
N GLU A 465 8.04 44.93 0.19
CA GLU A 465 7.28 44.70 -1.03
C GLU A 465 6.38 45.85 -1.48
N TYR A 466 6.36 46.06 -2.81
CA TYR A 466 5.30 46.79 -3.50
C TYR A 466 4.46 45.86 -4.37
N ARG A 467 3.14 45.95 -4.23
CA ARG A 467 2.21 45.28 -5.13
C ARG A 467 1.04 46.20 -5.48
N ARG A 468 0.52 46.04 -6.67
CA ARG A 468 -0.77 46.58 -7.03
C ARG A 468 -1.69 45.43 -7.42
N ASP A 469 -1.33 44.70 -8.47
CA ASP A 469 -2.08 43.53 -8.93
C ASP A 469 -1.07 42.40 -9.12
N GLU A 470 -1.46 41.32 -9.80
CA GLU A 470 -0.50 40.21 -10.02
C GLU A 470 0.49 40.50 -11.15
N ASP A 471 0.22 41.53 -11.95
CA ASP A 471 1.09 41.95 -13.06
C ASP A 471 2.06 43.09 -12.70
N ARG A 472 1.79 43.78 -11.59
CA ARG A 472 2.46 45.03 -11.25
C ARG A 472 3.04 44.99 -9.81
N LEU A 473 4.32 44.60 -9.68
CA LEU A 473 4.92 44.41 -8.34
C LEU A 473 6.46 44.39 -8.29
N VAL A 474 6.99 44.71 -7.10
CA VAL A 474 8.43 44.77 -6.83
C VAL A 474 8.70 44.23 -5.42
N GLN A 475 9.86 43.60 -5.23
CA GLN A 475 10.21 43.06 -3.93
C GLN A 475 11.73 43.02 -3.74
N LEU A 476 12.17 43.49 -2.58
CA LEU A 476 13.55 43.31 -2.17
C LEU A 476 13.60 42.38 -1.00
N ASN A 477 14.70 41.67 -0.85
CA ASN A 477 14.83 40.70 0.23
C ASN A 477 16.26 40.33 0.58
N TYR A 478 16.44 39.91 1.83
CA TYR A 478 17.76 39.57 2.35
C TYR A 478 17.73 38.59 3.52
N ARG A 479 18.47 37.50 3.34
CA ARG A 479 18.68 36.51 4.38
C ARG A 479 20.15 36.50 4.74
N TYR A 480 20.42 36.30 6.02
CA TYR A 480 21.78 36.22 6.52
C TYR A 480 21.95 34.88 7.22
N ALA A 481 23.18 34.36 7.21
CA ALA A 481 23.53 33.24 8.06
C ALA A 481 25.01 33.23 8.45
N SER A 482 25.25 33.29 9.75
CA SER A 482 26.61 33.45 10.26
C SER A 482 27.45 32.19 10.06
N PRO A 483 28.66 32.33 9.56
CA PRO A 483 29.64 31.24 9.50
C PRO A 483 30.02 30.58 10.83
N GLU A 484 29.52 31.16 11.93
CA GLU A 484 29.55 30.54 13.25
C GLU A 484 28.41 29.54 13.40
N TYR A 485 27.26 29.91 12.83
CA TYR A 485 26.09 29.03 12.74
C TYR A 485 26.32 27.80 11.82
N ILE A 486 27.11 27.96 10.77
CA ILE A 486 27.37 26.87 9.80
C ILE A 486 28.33 25.86 10.41
N GLN A 487 29.26 26.37 11.19
CA GLN A 487 30.19 25.56 11.95
C GLN A 487 29.47 24.69 12.96
N ALA A 488 28.46 25.28 13.59
CA ALA A 488 27.70 24.63 14.62
C ALA A 488 26.68 23.65 14.05
N THR A 489 25.77 24.14 13.21
CA THR A 489 24.64 23.32 12.75
C THR A 489 24.96 22.32 11.65
N LEU A 490 26.17 22.34 11.09
CA LEU A 490 26.46 21.52 9.91
C LEU A 490 27.80 20.80 9.99
N PRO A 491 28.04 19.84 9.08
CA PRO A 491 29.27 19.05 9.19
C PRO A 491 30.52 19.84 8.90
N LYS A 492 31.65 19.19 9.16
CA LYS A 492 32.95 19.82 9.09
C LYS A 492 33.23 20.38 7.69
N TYR A 493 33.13 19.55 6.66
CA TYR A 493 33.50 20.01 5.32
C TYR A 493 32.67 21.22 4.82
N TYR A 494 31.45 21.43 5.36
CA TYR A 494 30.70 22.68 5.11
C TYR A 494 31.43 23.83 5.75
N SER A 495 31.82 23.60 7.00
CA SER A 495 32.53 24.56 7.82
C SER A 495 33.93 24.93 7.28
N THR A 496 34.58 24.02 6.55
CA THR A 496 35.99 24.19 6.11
C THR A 496 36.26 24.02 4.60
N ALA A 497 35.25 24.27 3.77
CA ALA A 497 35.45 24.33 2.33
C ALA A 497 34.82 25.60 1.86
N GLU A 498 35.20 26.03 0.68
CA GLU A 498 35.06 27.43 0.26
C GLU A 498 33.60 27.87 0.05
N GLN A 499 32.86 27.06 -0.68
CA GLN A 499 31.52 27.40 -1.11
C GLN A 499 30.51 27.57 0.01
N TYR A 500 30.71 26.87 1.13
CA TYR A 500 29.80 26.97 2.29
C TYR A 500 30.35 27.88 3.39
N LYS A 501 31.52 27.52 3.92
CA LYS A 501 32.02 28.08 5.17
C LYS A 501 31.64 29.53 5.39
N ASN A 502 31.73 30.33 4.35
CA ASN A 502 31.51 31.77 4.47
C ASN A 502 30.03 32.15 4.61
N GLY A 503 29.18 31.17 4.89
CA GLY A 503 27.81 31.45 5.33
C GLY A 503 26.89 31.88 4.22
N ILE A 504 25.95 32.74 4.57
CA ILE A 504 24.98 33.24 3.63
C ILE A 504 24.86 34.73 3.76
N SER A 505 24.71 35.40 2.64
CA SER A 505 24.31 36.80 2.65
C SER A 505 23.68 37.05 1.32
N GLN A 506 22.39 37.33 1.29
CA GLN A 506 21.70 37.12 0.06
C GLN A 506 20.63 38.13 -0.22
N VAL A 507 20.81 38.85 -1.34
CA VAL A 507 20.05 40.05 -1.68
C VAL A 507 19.24 39.86 -2.93
N GLY A 508 17.96 40.14 -2.85
CA GLY A 508 17.07 39.83 -3.96
C GLY A 508 16.28 41.02 -4.46
N ALA A 509 16.00 41.01 -5.76
CA ALA A 509 15.13 41.98 -6.39
C ALA A 509 14.23 41.20 -7.30
N VAL A 510 12.91 41.43 -7.21
CA VAL A 510 11.95 40.74 -8.08
C VAL A 510 10.81 41.68 -8.52
N ALA A 511 10.45 41.67 -9.81
CA ALA A 511 9.42 42.60 -10.30
C ALA A 511 8.73 42.24 -11.61
N SER A 512 7.67 43.01 -11.91
CA SER A 512 6.91 42.93 -13.19
C SER A 512 6.03 44.19 -13.54
N TRP A 513 6.15 44.73 -14.77
CA TRP A 513 5.45 45.98 -15.24
C TRP A 513 4.62 45.56 -16.47
N PRO A 514 3.30 45.85 -16.47
CA PRO A 514 2.50 45.48 -17.64
C PRO A 514 2.60 46.56 -18.68
N ILE A 515 3.16 46.20 -19.85
CA ILE A 515 3.33 47.15 -20.95
C ILE A 515 2.37 46.90 -22.11
N ALA A 516 1.61 47.94 -22.45
CA ALA A 516 0.65 47.88 -23.54
C ALA A 516 -0.38 46.79 -23.31
N ASP A 517 -0.70 46.51 -22.05
CA ASP A 517 -1.68 45.49 -21.67
C ASP A 517 -1.32 44.09 -22.12
N ARG A 518 -0.80 43.99 -23.34
CA ARG A 518 -0.51 42.70 -23.96
C ARG A 518 0.78 42.14 -23.44
N TRP A 519 1.74 43.03 -23.22
CA TRP A 519 3.06 42.62 -22.77
C TRP A 519 3.09 42.61 -21.23
N SER A 520 4.21 42.14 -20.70
CA SER A 520 4.44 42.07 -19.27
C SER A 520 5.87 41.61 -19.09
N ILE A 521 6.68 42.45 -18.46
CA ILE A 521 8.07 42.08 -18.18
C ILE A 521 8.17 41.51 -16.78
N VAL A 522 9.18 40.66 -16.61
CA VAL A 522 9.50 40.05 -15.34
C VAL A 522 11.02 39.94 -15.22
N GLY A 523 11.49 39.89 -13.99
CA GLY A 523 12.87 39.57 -13.74
C GLY A 523 13.21 39.54 -12.27
N ALA A 524 14.42 39.03 -11.99
CA ALA A 524 14.90 38.90 -10.63
C ALA A 524 16.43 38.70 -10.51
N TYR A 525 17.10 39.60 -9.81
CA TYR A 525 18.51 39.47 -9.55
C TYR A 525 18.69 38.98 -8.12
N TYR A 526 19.36 37.84 -7.95
CA TYR A 526 19.82 37.40 -6.62
C TYR A 526 21.35 37.30 -6.52
N TYR A 527 21.84 37.81 -5.41
CA TYR A 527 23.20 38.27 -5.28
C TYR A 527 23.77 37.88 -3.89
N ASP A 528 24.75 36.94 -3.85
CA ASP A 528 25.52 36.72 -2.62
C ASP A 528 26.61 37.78 -2.47
N THR A 529 26.54 38.53 -1.38
CA THR A 529 27.36 39.73 -1.21
C THR A 529 28.76 39.42 -0.64
N ASN A 530 28.84 38.42 0.25
CA ASN A 530 30.12 37.99 0.81
C ASN A 530 31.14 37.66 -0.28
N ALA A 531 30.86 36.64 -1.09
CA ALA A 531 31.71 36.27 -2.23
C ALA A 531 31.62 37.29 -3.39
N ASN A 532 30.56 38.10 -3.38
CA ASN A 532 30.35 39.17 -4.34
C ASN A 532 29.95 38.62 -5.71
N LYS A 533 28.94 37.76 -5.73
CA LYS A 533 28.57 37.05 -6.96
C LYS A 533 27.07 36.88 -7.15
N GLN A 534 26.68 36.78 -8.41
CA GLN A 534 25.33 36.45 -8.77
C GLN A 534 25.06 34.98 -8.42
N ALA A 535 23.82 34.68 -8.03
CA ALA A 535 23.37 33.31 -7.81
C ALA A 535 22.32 32.96 -8.85
N ASP A 536 21.23 33.72 -8.88
CA ASP A 536 20.19 33.50 -9.87
C ASP A 536 19.79 34.82 -10.53
N SER A 537 19.64 34.81 -11.87
CA SER A 537 19.21 36.00 -12.59
C SER A 537 18.30 35.66 -13.76
N MET A 538 17.09 36.17 -13.71
CA MET A 538 16.07 35.80 -14.68
C MET A 538 15.49 37.07 -15.30
N LEU A 539 15.25 36.98 -16.62
CA LEU A 539 14.50 38.01 -17.36
C LEU A 539 13.50 37.34 -18.28
N GLY A 540 12.26 37.83 -18.22
CA GLY A 540 11.18 37.19 -18.93
C GLY A 540 10.30 38.24 -19.56
N VAL A 541 9.65 37.85 -20.65
CA VAL A 541 8.69 38.71 -21.32
C VAL A 541 7.49 37.88 -21.79
N GLN A 542 6.28 38.44 -21.66
CA GLN A 542 5.07 37.70 -21.99
C GLN A 542 4.05 38.54 -22.74
N TYR A 543 4.04 38.39 -24.06
CA TYR A 543 2.97 38.90 -24.91
C TYR A 543 1.78 37.95 -24.72
N SER A 544 0.57 38.52 -24.65
CA SER A 544 -0.64 37.74 -24.47
C SER A 544 -1.75 38.28 -25.36
N SER A 545 -2.76 37.46 -25.62
CA SER A 545 -4.02 37.94 -26.21
C SER A 545 -5.17 36.92 -25.99
N CYS A 546 -6.31 37.15 -26.62
CA CYS A 546 -7.50 36.28 -26.45
C CYS A 546 -7.52 35.07 -27.39
N CYS A 547 -6.43 34.85 -28.13
CA CYS A 547 -6.21 33.59 -28.85
C CYS A 547 -4.76 33.02 -28.80
N TYR A 548 -3.80 33.73 -28.20
CA TYR A 548 -2.43 33.21 -28.02
C TYR A 548 -1.67 33.89 -26.87
N ALA A 549 -0.67 33.21 -26.32
CA ALA A 549 0.10 33.74 -25.18
C ALA A 549 1.58 33.31 -25.21
N ILE A 550 2.31 33.93 -26.13
CA ILE A 550 3.75 33.64 -26.32
C ILE A 550 4.61 34.20 -25.15
N ARG A 551 5.39 33.31 -24.53
CA ARG A 551 6.21 33.62 -23.36
C ARG A 551 7.68 33.32 -23.66
N VAL A 552 8.59 34.20 -23.25
CA VAL A 552 10.02 33.93 -23.45
C VAL A 552 10.88 34.54 -22.35
N GLY A 553 11.88 33.80 -21.92
CA GLY A 553 12.68 34.21 -20.77
C GLY A 553 14.08 33.65 -20.78
N TYR A 554 14.80 34.01 -19.72
CA TYR A 554 16.22 33.82 -19.63
C TYR A 554 16.59 33.50 -18.19
N GLU A 555 17.49 32.53 -18.00
CA GLU A 555 17.96 32.24 -16.67
C GLU A 555 19.43 31.90 -16.71
N ARG A 556 20.20 32.73 -16.01
CA ARG A 556 21.55 32.39 -15.59
C ARG A 556 21.53 32.03 -14.11
N LYS A 557 21.74 30.76 -13.81
CA LYS A 557 21.64 30.26 -12.43
C LYS A 557 22.93 29.56 -12.07
N LEU A 558 23.21 29.47 -10.77
CA LEU A 558 24.28 28.58 -10.28
C LEU A 558 23.90 27.15 -10.55
N ASN A 559 24.87 26.31 -10.91
CA ASN A 559 24.56 24.94 -11.28
C ASN A 559 25.65 23.92 -11.01
N GLY A 560 26.58 24.25 -10.11
CA GLY A 560 27.67 23.33 -9.77
C GLY A 560 28.96 24.04 -9.38
N TRP A 561 29.93 23.28 -8.89
CA TRP A 561 31.20 23.81 -8.39
C TRP A 561 32.36 22.98 -8.91
N ASP A 562 33.26 23.64 -9.65
CA ASP A 562 34.38 22.95 -10.27
C ASP A 562 35.51 22.82 -9.26
N ASN A 563 35.96 21.59 -9.00
CA ASN A 563 37.04 21.33 -8.02
C ASN A 563 38.46 21.35 -8.58
N ASP A 564 38.60 21.38 -9.91
CA ASP A 564 39.92 21.46 -10.57
C ASP A 564 40.40 22.89 -10.70
N LYS A 565 39.44 23.81 -10.80
CA LYS A 565 39.69 25.24 -10.72
C LYS A 565 39.18 25.82 -9.39
N GLN A 566 38.34 25.05 -8.70
CA GLN A 566 37.70 25.50 -7.47
C GLN A 566 37.01 26.86 -7.65
N HIS A 567 36.27 27.03 -8.75
CA HIS A 567 35.33 28.16 -8.90
C HIS A 567 33.92 27.63 -9.18
N ALA A 568 32.92 28.50 -8.98
CA ALA A 568 31.52 28.12 -9.14
C ALA A 568 31.17 28.06 -10.60
N VAL A 569 30.37 27.06 -10.98
CA VAL A 569 29.93 26.92 -12.37
C VAL A 569 28.46 27.30 -12.54
N TYR A 570 28.22 28.13 -13.54
CA TYR A 570 26.91 28.66 -13.85
C TYR A 570 26.33 27.92 -15.08
N ASP A 571 25.05 28.14 -15.31
CA ASP A 571 24.37 27.56 -16.42
C ASP A 571 23.51 28.66 -16.96
N ASN A 572 23.38 28.70 -18.28
CA ASN A 572 22.50 29.65 -18.95
C ASN A 572 21.39 28.98 -19.74
N ALA A 573 20.29 29.72 -19.90
CA ALA A 573 19.15 29.18 -20.59
C ALA A 573 18.22 30.27 -21.07
N ILE A 574 17.87 30.17 -22.33
CA ILE A 574 16.96 31.11 -23.00
C ILE A 574 16.05 30.32 -23.95
N GLY A 575 14.78 30.73 -24.06
CA GLY A 575 13.84 29.94 -24.86
C GLY A 575 12.42 30.44 -24.98
N PHE A 576 11.82 30.17 -26.14
N PHE A 576 11.82 30.17 -26.15
CA PHE A 576 10.42 30.52 -26.38
CA PHE A 576 10.42 30.52 -26.41
C PHE A 576 9.51 29.45 -25.78
C PHE A 576 9.52 29.47 -25.76
N ASN A 577 8.28 29.83 -25.50
CA ASN A 577 7.34 28.94 -24.83
C ASN A 577 5.93 29.51 -24.97
N ILE A 578 5.01 28.73 -25.56
CA ILE A 578 3.78 29.31 -26.12
C ILE A 578 2.53 28.60 -25.59
N GLU A 579 1.35 29.22 -25.78
CA GLU A 579 0.03 28.52 -25.75
C GLU A 579 -1.17 29.39 -26.17
N LEU A 580 -2.24 28.71 -26.59
CA LEU A 580 -3.43 29.34 -27.16
C LEU A 580 -4.55 29.52 -26.12
N ARG A 581 -4.91 30.77 -25.86
CA ARG A 581 -6.00 31.10 -24.95
C ARG A 581 -7.34 30.89 -25.68
N GLY A 582 -8.44 31.17 -25.00
CA GLY A 582 -9.77 31.12 -25.62
C GLY A 582 -10.68 30.00 -25.12
N LEU A 583 -10.14 28.78 -25.02
CA LEU A 583 -10.94 27.57 -24.69
C LEU A 583 -11.12 27.32 -23.16
N SER A 584 -10.66 28.28 -22.35
CA SER A 584 -11.06 28.41 -20.93
C SER A 584 -10.84 29.88 -20.52
N SER A 585 -11.19 30.26 -19.28
CA SER A 585 -10.92 31.61 -18.78
C SER A 585 -9.52 31.69 -18.15
N ASN A 586 -8.51 31.58 -19.00
CA ASN A 586 -7.10 31.53 -18.58
C ASN A 586 -6.41 32.86 -18.90
N TYR A 587 -7.02 33.96 -18.45
CA TYR A 587 -6.73 35.32 -18.94
C TYR A 587 -5.85 36.25 -18.07
N GLY A 588 -5.14 35.71 -17.08
CA GLY A 588 -4.11 36.48 -16.38
C GLY A 588 -2.93 36.64 -17.32
N LEU A 589 -2.26 37.80 -17.29
CA LEU A 589 -1.08 38.06 -18.16
C LEU A 589 0.14 37.16 -17.84
N GLY A 590 -0.08 36.13 -17.00
CA GLY A 590 0.82 34.97 -16.86
C GLY A 590 2.08 35.23 -16.07
N THR A 591 2.03 36.24 -15.23
CA THR A 591 3.22 36.65 -14.51
C THR A 591 3.64 35.56 -13.54
N GLN A 592 2.70 35.11 -12.71
CA GLN A 592 3.02 34.22 -11.60
C GLN A 592 3.87 33.03 -12.02
N GLU A 593 3.41 32.29 -13.03
CA GLU A 593 4.15 31.12 -13.52
C GLU A 593 5.63 31.49 -13.71
N MET A 594 5.86 32.66 -14.30
CA MET A 594 7.22 33.13 -14.63
C MET A 594 8.06 33.55 -13.43
N LEU A 595 7.41 34.15 -12.43
CA LEU A 595 8.10 34.56 -11.22
C LEU A 595 8.61 33.38 -10.36
N ARG A 596 7.97 32.20 -10.54
CA ARG A 596 8.24 31.00 -9.75
C ARG A 596 9.01 29.98 -10.56
N SER A 597 9.42 30.36 -11.75
CA SER A 597 10.27 29.51 -12.57
C SER A 597 11.72 29.52 -12.07
N ASN A 598 12.23 30.69 -11.74
CA ASN A 598 13.61 30.86 -11.30
C ASN A 598 13.92 29.97 -10.11
N ILE A 599 15.21 29.67 -9.88
CA ILE A 599 15.58 28.72 -8.80
C ILE A 599 15.42 29.21 -7.36
N LEU A 600 15.27 30.51 -7.15
CA LEU A 600 14.91 31.06 -5.85
C LEU A 600 13.55 31.69 -6.01
N PRO A 601 12.54 30.87 -6.23
CA PRO A 601 11.24 31.38 -6.59
C PRO A 601 10.69 32.56 -5.77
N TYR A 602 9.78 33.30 -6.41
CA TYR A 602 9.16 34.45 -5.79
C TYR A 602 8.15 34.10 -4.74
N GLN A 603 8.48 34.45 -3.50
CA GLN A 603 7.55 34.32 -2.37
C GLN A 603 6.87 35.63 -2.00
N ASN A 604 5.56 35.73 -2.29
CA ASN A 604 4.78 36.93 -1.95
C ASN A 604 4.67 37.11 -0.44
N THR A 605 4.84 38.36 0.03
CA THR A 605 4.60 38.75 1.44
C THR A 605 3.24 39.51 1.69
N LEU A 606 2.34 38.80 2.34
CA LEU A 606 0.94 39.21 2.51
C LEU A 606 0.33 39.85 1.24
N HIS A 607 -0.63 40.74 1.40
CA HIS A 607 -1.58 41.01 0.31
C HIS A 607 -0.85 41.49 -0.97
N GLY B 2 -0.88 54.36 28.63
CA GLY B 2 -2.32 54.37 29.04
C GLY B 2 -3.01 53.10 28.56
N TRP B 3 -2.82 52.02 29.31
CA TRP B 3 -3.32 50.67 28.96
C TRP B 3 -4.59 50.26 29.69
N HIS B 4 -5.06 49.06 29.38
CA HIS B 4 -6.02 48.32 30.22
C HIS B 4 -6.11 46.87 29.71
N LEU B 5 -6.64 45.95 30.53
CA LEU B 5 -6.76 44.54 30.12
C LEU B 5 -7.95 44.34 29.19
N ARG B 6 -7.90 43.29 28.38
CA ARG B 6 -8.90 43.05 27.34
C ARG B 6 -10.29 42.67 27.88
N ASP B 7 -11.34 43.25 27.29
CA ASP B 7 -12.72 43.14 27.81
C ASP B 7 -13.70 42.31 26.93
N THR B 8 -13.16 41.51 26.04
CA THR B 8 -13.83 40.29 25.51
C THR B 8 -12.74 39.33 25.07
N THR B 9 -13.12 38.19 24.50
CA THR B 9 -12.12 37.27 23.94
C THR B 9 -11.72 37.73 22.53
N GLN B 10 -10.77 37.01 21.92
CA GLN B 10 -10.31 37.30 20.55
C GLN B 10 -11.44 37.15 19.50
N VAL B 11 -12.51 36.45 19.88
CA VAL B 11 -13.66 36.20 19.01
C VAL B 11 -14.83 37.11 19.37
N PRO B 12 -15.50 37.67 18.36
CA PRO B 12 -16.76 38.42 18.55
C PRO B 12 -17.82 37.61 19.28
N SER B 13 -18.91 38.26 19.67
CA SER B 13 -19.98 37.62 20.45
C SER B 13 -21.15 37.12 19.59
N THR B 14 -21.15 37.46 18.29
CA THR B 14 -22.07 36.82 17.32
C THR B 14 -21.57 35.45 16.88
N MET B 15 -20.35 35.10 17.30
CA MET B 15 -19.70 33.86 16.90
C MET B 15 -19.27 33.03 18.11
N LYS B 16 -19.99 33.15 19.23
CA LYS B 16 -19.83 32.22 20.34
C LYS B 16 -20.55 30.93 19.98
N VAL B 17 -21.49 31.04 19.03
CA VAL B 17 -22.11 29.89 18.41
C VAL B 17 -21.86 29.92 16.90
N MET B 18 -21.31 28.85 16.37
CA MET B 18 -21.01 28.79 14.94
C MET B 18 -20.68 27.38 14.44
N ILE B 19 -20.98 27.15 13.16
CA ILE B 19 -20.71 25.89 12.46
C ILE B 19 -19.26 25.87 11.95
N LEU B 20 -18.64 24.69 11.94
CA LEU B 20 -17.32 24.49 11.32
C LEU B 20 -17.45 23.54 10.12
N ASP B 21 -17.97 24.08 9.02
CA ASP B 21 -18.12 23.34 7.79
C ASP B 21 -16.74 23.20 7.08
N SER B 22 -16.33 21.97 6.78
CA SER B 22 -15.02 21.69 6.18
C SER B 22 -15.10 20.46 5.28
N GLY B 23 -14.38 20.50 4.18
CA GLY B 23 -14.36 19.39 3.23
C GLY B 23 -13.62 18.16 3.73
N ASP B 24 -13.04 18.24 4.93
CA ASP B 24 -12.18 17.18 5.42
C ASP B 24 -12.15 17.21 6.95
N PRO B 25 -13.30 16.97 7.58
CA PRO B 25 -13.42 16.91 9.05
C PRO B 25 -12.18 16.41 9.80
N ASN B 26 -11.58 15.31 9.35
CA ASN B 26 -10.52 14.66 10.11
C ASN B 26 -9.14 15.00 9.56
N GLY B 27 -9.07 16.05 8.76
CA GLY B 27 -7.79 16.55 8.29
C GLY B 27 -6.96 17.13 9.42
N PRO B 28 -5.71 17.52 9.14
CA PRO B 28 -4.85 18.16 10.10
C PRO B 28 -5.03 19.68 10.11
N LEU B 29 -5.85 20.23 9.22
CA LEU B 29 -6.28 21.61 9.38
C LEU B 29 -7.49 21.64 10.31
N SER B 30 -8.59 21.01 9.89
CA SER B 30 -9.83 21.05 10.69
C SER B 30 -9.60 20.58 12.14
N ARG B 31 -8.68 19.64 12.34
CA ARG B 31 -8.19 19.28 13.67
C ARG B 31 -7.73 20.52 14.45
N ALA B 32 -6.76 21.24 13.92
CA ALA B 32 -6.09 22.34 14.63
C ALA B 32 -6.88 23.67 14.69
N VAL B 33 -8.00 23.73 13.97
CA VAL B 33 -8.93 24.88 14.03
C VAL B 33 -9.93 24.69 15.17
N ARG B 34 -10.64 23.58 15.13
CA ARG B 34 -11.50 23.13 16.22
C ARG B 34 -10.85 23.41 17.58
N ASN B 35 -9.61 22.95 17.74
CA ASN B 35 -8.83 23.16 18.96
C ASN B 35 -8.64 24.65 19.30
N GLN B 36 -8.49 25.50 18.29
CA GLN B 36 -8.28 26.95 18.50
C GLN B 36 -9.53 27.76 18.88
N LEU B 37 -10.69 27.37 18.36
CA LEU B 37 -11.94 28.01 18.73
C LEU B 37 -12.31 27.60 20.13
N ARG B 38 -12.16 26.31 20.40
CA ARG B 38 -12.25 25.77 21.74
C ARG B 38 -11.44 26.64 22.71
N LEU B 39 -10.18 26.97 22.37
CA LEU B 39 -9.32 27.85 23.19
C LEU B 39 -9.72 29.35 23.24
N ASN B 40 -10.86 29.70 22.64
CA ASN B 40 -11.56 30.95 22.92
C ASN B 40 -13.00 30.67 23.41
N GLY B 41 -13.28 29.41 23.73
CA GLY B 41 -14.56 28.97 24.26
C GLY B 41 -15.70 29.23 23.30
N VAL B 42 -15.68 28.55 22.16
CA VAL B 42 -16.75 28.68 21.16
C VAL B 42 -17.56 27.41 21.15
N GLU B 43 -18.86 27.56 20.90
CA GLU B 43 -19.75 26.41 20.82
C GLU B 43 -19.80 25.98 19.36
N LEU B 44 -19.08 24.90 19.07
CA LEU B 44 -19.05 24.32 17.74
C LEU B 44 -20.29 23.47 17.54
N LEU B 45 -20.98 23.67 16.41
CA LEU B 45 -22.09 22.82 16.04
C LEU B 45 -21.67 21.86 14.95
N ASP B 46 -22.58 20.98 14.57
CA ASP B 46 -22.44 20.23 13.35
C ASP B 46 -23.31 20.90 12.29
N LYS B 47 -23.06 20.52 11.04
CA LYS B 47 -23.86 21.01 9.91
C LYS B 47 -25.20 20.27 9.78
N GLU B 48 -25.57 19.49 10.81
CA GLU B 48 -26.89 18.83 10.87
C GLU B 48 -27.94 19.83 11.39
N THR B 49 -27.59 20.51 12.48
CA THR B 49 -28.49 21.41 13.19
C THR B 49 -29.35 22.27 12.25
N THR B 50 -30.66 22.17 12.43
CA THR B 50 -31.61 23.05 11.78
C THR B 50 -31.79 24.33 12.60
N ARG B 51 -31.09 24.42 13.75
CA ARG B 51 -31.08 25.65 14.54
C ARG B 51 -30.49 26.81 13.72
N LYS B 52 -30.62 28.01 14.25
CA LYS B 52 -30.50 29.23 13.45
C LYS B 52 -29.80 30.36 14.26
N ASP B 53 -29.55 31.49 13.59
CA ASP B 53 -28.66 32.57 14.08
C ASP B 53 -27.20 32.20 13.99
N VAL B 54 -26.90 31.06 13.40
CA VAL B 54 -25.59 30.48 13.49
C VAL B 54 -24.82 30.85 12.24
N PRO B 55 -23.70 31.55 12.40
CA PRO B 55 -22.75 31.67 11.28
C PRO B 55 -22.01 30.35 11.03
N SER B 56 -21.31 30.26 9.90
CA SER B 56 -20.68 29.02 9.49
C SER B 56 -19.34 29.24 8.83
N LEU B 57 -18.26 28.96 9.55
CA LEU B 57 -16.92 29.03 9.02
C LEU B 57 -16.66 27.88 8.03
N ARG B 58 -16.87 28.11 6.73
CA ARG B 58 -16.59 27.09 5.71
C ARG B 58 -15.10 27.08 5.31
N LEU B 59 -14.28 26.26 5.99
CA LEU B 59 -12.85 26.11 5.65
C LEU B 59 -12.70 25.68 4.21
N GLY B 60 -11.63 26.18 3.57
CA GLY B 60 -11.30 25.81 2.20
C GLY B 60 -10.01 25.02 2.19
N LYS B 61 -9.36 24.94 1.04
CA LYS B 61 -8.22 24.03 0.89
C LYS B 61 -6.89 24.74 1.21
N VAL B 62 -5.91 23.96 1.69
CA VAL B 62 -4.57 24.46 2.01
C VAL B 62 -3.64 24.31 0.81
N SER B 63 -2.40 24.76 0.97
CA SER B 63 -1.34 24.51 0.00
C SER B 63 -0.01 24.77 0.68
N ILE B 64 1.00 23.99 0.35
CA ILE B 64 2.28 24.10 1.02
C ILE B 64 3.39 23.87 0.02
N ALA B 65 4.01 24.96 -0.41
CA ALA B 65 5.26 24.82 -1.10
C ALA B 65 6.34 24.64 -0.05
N LYS B 66 7.43 24.06 -0.50
CA LYS B 66 8.70 24.15 0.19
C LYS B 66 9.59 24.69 -0.89
N ASP B 67 9.90 25.96 -0.78
CA ASP B 67 10.66 26.62 -1.81
C ASP B 67 12.08 26.81 -1.36
N THR B 68 13.01 26.40 -2.21
CA THR B 68 14.40 26.80 -2.09
C THR B 68 14.40 28.30 -1.86
N ALA B 69 15.02 28.76 -0.78
CA ALA B 69 14.99 30.20 -0.44
C ALA B 69 16.35 30.83 -0.17
N SER B 70 17.41 30.03 -0.17
CA SER B 70 18.78 30.56 -0.24
C SER B 70 19.68 29.45 -0.79
N VAL B 71 20.87 29.82 -1.26
CA VAL B 71 21.79 28.89 -1.95
C VAL B 71 23.22 29.15 -1.60
N PHE B 72 23.97 28.11 -1.27
CA PHE B 72 25.43 28.28 -1.07
C PHE B 72 26.10 28.68 -2.39
N ARG B 73 27.41 28.96 -2.35
CA ARG B 73 28.15 29.37 -3.53
C ARG B 73 28.03 28.38 -4.68
N ASN B 74 27.98 27.08 -4.35
CA ASN B 74 27.87 26.01 -5.35
C ASN B 74 26.47 25.90 -6.03
N GLY B 75 25.44 26.49 -5.44
CA GLY B 75 24.08 26.54 -6.01
C GLY B 75 23.08 25.54 -5.47
N GLN B 76 23.43 24.89 -4.37
CA GLN B 76 22.63 23.82 -3.78
C GLN B 76 21.91 24.40 -2.54
N THR B 77 20.57 24.35 -2.56
CA THR B 77 19.69 25.02 -1.57
C THR B 77 20.29 25.04 -0.19
N ALA B 78 20.63 26.20 0.35
CA ALA B 78 21.12 26.28 1.72
C ALA B 78 19.96 26.19 2.71
N GLU B 79 18.81 26.74 2.32
CA GLU B 79 17.74 27.07 3.25
C GLU B 79 16.38 27.03 2.53
N TYR B 80 15.54 26.02 2.83
CA TYR B 80 14.17 25.98 2.28
C TYR B 80 13.27 26.91 3.08
N GLN B 81 12.06 27.08 2.60
CA GLN B 81 11.07 27.85 3.33
C GLN B 81 9.69 27.32 3.03
N MET B 82 9.01 26.83 4.07
CA MET B 82 7.66 26.28 3.93
C MET B 82 6.68 27.43 3.88
N ILE B 83 5.65 27.29 3.06
CA ILE B 83 4.72 28.37 2.97
C ILE B 83 3.37 27.79 2.83
N MET B 84 2.63 27.93 3.90
CA MET B 84 1.28 27.43 4.00
C MET B 84 0.33 28.55 3.60
N THR B 85 -0.62 28.22 2.74
CA THR B 85 -1.64 29.16 2.30
C THR B 85 -2.99 28.50 2.48
N VAL B 86 -3.87 29.17 3.20
CA VAL B 86 -5.15 28.59 3.63
C VAL B 86 -6.29 29.55 3.34
N ASN B 87 -7.28 29.12 2.56
CA ASN B 87 -8.41 29.99 2.24
C ASN B 87 -9.69 29.50 2.85
N ALA B 88 -10.27 30.30 3.74
CA ALA B 88 -11.56 30.01 4.35
C ALA B 88 -12.65 30.96 3.85
N THR B 89 -13.86 30.78 4.36
CA THR B 89 -14.94 31.76 4.22
C THR B 89 -15.76 31.72 5.51
N VAL B 90 -16.46 32.81 5.82
CA VAL B 90 -17.43 32.81 6.90
C VAL B 90 -18.76 33.26 6.34
N LEU B 91 -19.79 32.43 6.46
CA LEU B 91 -21.15 32.80 6.04
C LEU B 91 -21.94 33.35 7.23
N ILE B 92 -22.74 34.37 6.98
CA ILE B 92 -23.60 34.97 7.99
C ILE B 92 -25.03 34.74 7.54
N PRO B 93 -25.82 33.98 8.34
CA PRO B 93 -27.14 33.54 7.85
C PRO B 93 -28.01 34.69 7.38
N GLY B 94 -28.05 35.78 8.16
CA GLY B 94 -28.80 36.96 7.77
C GLY B 94 -28.33 37.64 6.48
N ARG B 95 -27.04 37.70 6.27
CA ARG B 95 -26.49 38.63 5.31
C ARG B 95 -25.75 37.95 4.20
N ASP B 96 -24.43 37.82 4.35
CA ASP B 96 -23.53 37.74 3.19
C ASP B 96 -22.27 36.87 3.42
N ILE B 97 -21.54 36.64 2.33
CA ILE B 97 -20.29 35.88 2.35
C ILE B 97 -19.01 36.77 2.38
N TYR B 98 -18.20 36.68 3.45
CA TYR B 98 -16.91 37.40 3.52
C TYR B 98 -15.74 36.43 3.56
N PRO B 99 -15.14 36.14 2.38
CA PRO B 99 -14.04 35.17 2.32
C PRO B 99 -12.76 35.70 2.96
N ILE B 100 -12.13 34.91 3.82
CA ILE B 100 -10.89 35.31 4.50
C ILE B 100 -9.81 34.27 4.32
N SER B 101 -8.62 34.51 4.88
CA SER B 101 -7.50 33.61 4.60
C SER B 101 -6.36 33.75 5.61
N ALA B 102 -5.27 33.02 5.34
CA ALA B 102 -4.06 33.08 6.17
C ALA B 102 -2.87 32.49 5.44
N LYS B 103 -1.70 33.06 5.67
CA LYS B 103 -0.50 32.46 5.12
C LYS B 103 0.56 32.49 6.20
N VAL B 104 1.34 31.41 6.29
CA VAL B 104 2.46 31.33 7.23
C VAL B 104 3.75 31.01 6.47
N PHE B 105 4.87 31.47 7.01
CA PHE B 105 6.18 31.07 6.55
C PHE B 105 6.91 30.53 7.75
N ARG B 106 7.53 29.39 7.60
CA ARG B 106 8.66 29.05 8.45
C ARG B 106 9.78 28.92 7.45
N SER B 107 10.95 28.56 7.92
CA SER B 107 12.06 28.24 7.04
C SER B 107 13.16 27.56 7.82
N PHE B 108 13.99 26.81 7.14
CA PHE B 108 15.01 26.06 7.84
C PHE B 108 16.11 25.67 6.91
N PHE B 109 17.21 25.24 7.50
CA PHE B 109 18.36 24.83 6.71
C PHE B 109 18.21 23.38 6.34
N ASP B 110 18.95 22.97 5.34
CA ASP B 110 18.93 21.60 4.88
C ASP B 110 20.20 20.90 5.40
N ASN B 111 20.19 19.57 5.35
CA ASN B 111 21.39 18.79 5.48
C ASN B 111 21.16 17.39 4.92
N PRO B 112 21.56 17.17 3.66
CA PRO B 112 21.52 15.83 3.06
C PRO B 112 22.18 14.73 3.90
N GLN B 113 23.35 15.00 4.48
CA GLN B 113 24.04 14.02 5.34
C GLN B 113 23.05 13.42 6.35
N MET B 114 22.08 14.22 6.79
CA MET B 114 21.03 13.73 7.69
C MET B 114 19.65 14.02 7.13
N ALA B 115 19.46 13.68 5.87
CA ALA B 115 18.23 14.00 5.18
C ALA B 115 16.97 13.46 5.83
N LEU B 116 17.10 12.31 6.51
CA LEU B 116 15.96 11.73 7.22
C LEU B 116 15.57 12.59 8.41
N ALA B 117 16.55 12.92 9.24
CA ALA B 117 16.29 13.83 10.35
C ALA B 117 15.55 15.11 9.89
N LYS B 118 15.96 15.63 8.74
CA LYS B 118 15.50 16.91 8.24
C LYS B 118 14.09 16.84 7.68
N ASP B 119 13.75 15.71 7.05
CA ASP B 119 12.37 15.47 6.65
C ASP B 119 11.46 15.43 7.88
N ASN B 120 12.00 14.93 8.99
CA ASN B 120 11.26 14.91 10.24
C ASN B 120 11.01 16.31 10.74
N GLU B 121 12.11 17.06 10.92
CA GLU B 121 12.00 18.46 11.30
C GLU B 121 10.84 19.11 10.53
N GLN B 122 10.80 18.86 9.23
CA GLN B 122 9.75 19.45 8.40
C GLN B 122 8.37 19.11 8.96
N ASP B 123 8.03 17.84 8.96
CA ASP B 123 6.70 17.42 9.38
C ASP B 123 6.25 18.24 10.56
N MET B 124 7.15 18.38 11.54
CA MET B 124 6.92 19.21 12.73
C MET B 124 6.57 20.64 12.33
N ILE B 125 7.45 21.26 11.57
CA ILE B 125 7.26 22.64 11.14
C ILE B 125 5.94 22.83 10.41
N VAL B 126 5.63 21.87 9.55
CA VAL B 126 4.38 21.88 8.85
C VAL B 126 3.29 21.79 9.88
N LYS B 127 3.43 20.86 10.82
CA LYS B 127 2.42 20.72 11.89
C LYS B 127 2.24 22.04 12.57
N GLU B 128 3.35 22.54 13.10
CA GLU B 128 3.34 23.79 13.85
C GLU B 128 2.57 24.80 13.04
N MET B 129 2.92 24.95 11.76
CA MET B 129 2.23 25.88 10.91
C MET B 129 0.71 25.69 10.98
N TYR B 130 0.26 24.43 10.89
CA TYR B 130 -1.18 24.13 10.88
C TYR B 130 -1.95 24.90 11.97
N ASP B 131 -1.32 25.08 13.14
CA ASP B 131 -1.86 25.87 14.26
C ASP B 131 -1.68 27.39 14.03
N ARG B 132 -0.46 27.79 13.65
CA ARG B 132 -0.12 29.20 13.40
C ARG B 132 -1.14 29.78 12.45
N ALA B 133 -1.52 28.97 11.45
CA ALA B 133 -2.56 29.33 10.48
C ALA B 133 -3.89 29.51 11.14
N ALA B 134 -4.35 28.45 11.81
CA ALA B 134 -5.61 28.50 12.53
C ALA B 134 -5.75 29.82 13.30
N GLU B 135 -4.72 30.18 14.05
CA GLU B 135 -4.72 31.41 14.82
C GLU B 135 -4.93 32.65 13.93
N GLN B 136 -4.17 32.74 12.84
CA GLN B 136 -4.28 33.91 11.96
C GLN B 136 -5.71 34.14 11.54
N LEU B 137 -6.49 33.04 11.47
CA LEU B 137 -7.90 33.09 11.07
C LEU B 137 -8.80 33.55 12.20
N ILE B 138 -8.46 33.12 13.40
CA ILE B 138 -9.13 33.60 14.60
C ILE B 138 -8.90 35.12 14.75
N ARG B 139 -7.71 35.57 14.41
CA ARG B 139 -7.39 37.00 14.49
C ARG B 139 -7.95 37.83 13.35
N LYS B 140 -8.59 37.19 12.37
CA LYS B 140 -9.23 37.89 11.28
C LYS B 140 -10.75 38.01 11.48
N LEU B 141 -11.29 37.30 12.46
CA LEU B 141 -12.72 37.35 12.73
C LEU B 141 -13.20 38.72 13.21
N PRO B 142 -12.42 39.40 14.09
CA PRO B 142 -12.76 40.77 14.47
C PRO B 142 -12.91 41.69 13.26
N SER B 143 -12.06 41.50 12.24
CA SER B 143 -12.12 42.31 11.01
C SER B 143 -13.35 41.98 10.14
N ILE B 144 -13.84 40.75 10.20
CA ILE B 144 -15.13 40.45 9.55
C ILE B 144 -16.23 41.16 10.32
N ARG B 145 -16.13 41.12 11.66
CA ARG B 145 -17.12 41.71 12.54
C ARG B 145 -17.29 43.19 12.32
N ALA B 146 -16.17 43.88 12.14
CA ALA B 146 -16.16 45.31 11.93
C ALA B 146 -16.66 45.66 10.52
N ALA B 147 -15.82 45.40 9.52
CA ALA B 147 -16.09 45.89 8.17
C ALA B 147 -17.50 45.56 7.64
N ASP B 148 -18.17 44.56 8.24
CA ASP B 148 -19.55 44.22 7.89
C ASP B 148 -20.59 45.28 8.31
N ILE B 149 -20.44 45.81 9.53
CA ILE B 149 -21.44 46.71 10.13
C ILE B 149 -21.83 47.90 9.21
N ARG B 150 -20.89 48.38 8.41
CA ARG B 150 -21.19 49.42 7.39
C ARG B 150 -22.39 49.03 6.48
N SER B 151 -22.47 47.78 6.08
CA SER B 151 -23.61 47.28 5.30
C SER B 151 -23.75 45.77 5.46
N LEU C 51 10.51 -9.98 -32.47
CA LEU C 51 10.37 -11.49 -32.30
C LEU C 51 9.47 -12.19 -33.33
N ILE C 52 9.53 -13.53 -33.39
CA ILE C 52 8.89 -14.26 -34.49
C ILE C 52 7.38 -14.18 -34.38
N PRO C 53 6.72 -13.63 -35.38
CA PRO C 53 5.30 -13.39 -35.18
C PRO C 53 4.48 -14.65 -35.24
N ASN C 54 3.19 -14.47 -34.90
CA ASN C 54 2.22 -15.54 -34.89
C ASN C 54 0.94 -15.06 -35.55
N ALA C 55 0.12 -16.03 -35.92
CA ALA C 55 -1.26 -15.74 -36.30
C ALA C 55 -2.18 -16.89 -35.94
N LYS C 56 -3.48 -16.65 -36.05
CA LYS C 56 -4.45 -17.66 -35.78
C LYS C 56 -5.78 -17.16 -36.31
N TYR C 57 -6.65 -18.10 -36.65
CA TYR C 57 -8.02 -17.78 -37.02
CA TYR C 57 -8.03 -17.79 -37.04
C TYR C 57 -8.93 -18.18 -35.86
N THR C 58 -9.84 -17.28 -35.49
CA THR C 58 -10.82 -17.56 -34.44
C THR C 58 -12.18 -17.14 -34.95
N THR C 59 -13.22 -17.79 -34.48
CA THR C 59 -14.56 -17.31 -34.82
C THR C 59 -14.78 -15.91 -34.23
N THR C 60 -14.17 -15.64 -33.08
CA THR C 60 -14.28 -14.32 -32.43
C THR C 60 -13.82 -13.18 -33.33
N ASN C 61 -12.70 -13.37 -34.02
CA ASN C 61 -11.97 -12.26 -34.66
C ASN C 61 -11.50 -12.53 -36.10
N TYR C 62 -11.93 -13.67 -36.64
CA TYR C 62 -11.35 -14.20 -37.86
C TYR C 62 -9.81 -14.08 -37.80
N PHE C 63 -9.18 -13.53 -38.83
N PHE C 63 -9.17 -13.55 -38.85
CA PHE C 63 -7.73 -13.47 -38.85
CA PHE C 63 -7.70 -13.51 -38.97
C PHE C 63 -7.25 -12.62 -37.70
C PHE C 63 -7.02 -12.66 -37.86
N GLU C 64 -6.59 -13.30 -36.77
CA GLU C 64 -5.88 -12.64 -35.70
C GLU C 64 -4.40 -12.87 -36.05
N PHE C 65 -3.54 -11.91 -35.76
CA PHE C 65 -2.08 -12.14 -35.82
C PHE C 65 -1.32 -11.15 -34.94
N TYR C 66 -0.30 -11.67 -34.27
CA TYR C 66 0.36 -10.90 -33.24
CA TYR C 66 0.39 -10.95 -33.21
C TYR C 66 1.83 -10.91 -33.63
N LEU C 67 2.45 -9.71 -33.64
CA LEU C 67 3.87 -9.52 -33.99
C LEU C 67 4.40 -8.68 -32.82
N PRO C 68 5.25 -9.26 -31.94
CA PRO C 68 5.57 -8.55 -30.72
C PRO C 68 7.05 -8.23 -30.50
N TYR C 69 7.36 -7.00 -30.03
CA TYR C 69 8.76 -6.60 -29.80
C TYR C 69 9.07 -6.39 -28.33
N TYR C 70 9.99 -7.21 -27.89
CA TYR C 70 10.37 -7.35 -26.51
C TYR C 70 11.41 -6.30 -26.23
N TRP C 71 11.56 -5.97 -24.96
CA TRP C 71 12.49 -4.95 -24.51
C TRP C 71 13.14 -5.37 -23.23
N ASN C 72 14.43 -5.69 -23.25
CA ASN C 72 15.14 -5.89 -22.01
C ASN C 72 15.49 -4.54 -21.39
N ILE C 73 14.63 -4.08 -20.47
CA ILE C 73 14.82 -2.79 -19.79
C ILE C 73 16.05 -2.85 -18.91
N ALA C 74 16.21 -3.95 -18.20
CA ALA C 74 17.42 -4.22 -17.44
C ALA C 74 17.46 -5.71 -17.08
N PRO C 75 18.38 -6.09 -16.18
CA PRO C 75 18.01 -7.27 -15.40
C PRO C 75 16.72 -6.96 -14.62
N ASN C 76 16.13 -7.94 -13.96
CA ASN C 76 14.87 -7.72 -13.22
C ASN C 76 13.66 -7.40 -14.06
N MET C 77 13.77 -6.35 -14.86
CA MET C 77 12.65 -5.91 -15.64
C MET C 77 12.82 -6.34 -17.09
N ASP C 78 11.68 -6.53 -17.74
CA ASP C 78 11.58 -6.42 -19.19
C ASP C 78 10.13 -6.23 -19.64
N ALA C 79 9.99 -5.75 -20.88
CA ALA C 79 8.69 -5.51 -21.48
C ALA C 79 8.38 -6.56 -22.55
N THR C 80 7.21 -6.43 -23.15
CA THR C 80 6.93 -7.06 -24.41
C THR C 80 5.74 -6.31 -24.94
N ILE C 81 5.98 -5.47 -25.94
CA ILE C 81 4.91 -4.76 -26.59
C ILE C 81 4.52 -5.51 -27.87
N THR C 82 3.21 -5.62 -28.06
CA THR C 82 2.62 -6.52 -29.02
C THR C 82 1.43 -5.82 -29.65
N PRO C 83 1.58 -5.42 -30.92
CA PRO C 83 0.44 -5.17 -31.78
C PRO C 83 -0.24 -6.49 -32.10
N HIS C 84 -1.52 -6.58 -31.74
CA HIS C 84 -2.32 -7.76 -32.03
C HIS C 84 -3.42 -7.32 -32.99
N TYR C 85 -3.18 -7.48 -34.30
CA TYR C 85 -4.17 -7.08 -35.32
C TYR C 85 -5.38 -8.01 -35.42
N MET C 86 -6.57 -7.41 -35.34
CA MET C 86 -7.80 -8.16 -35.33
C MET C 86 -8.73 -7.75 -36.44
N HIS C 87 -8.82 -8.63 -37.44
CA HIS C 87 -9.47 -8.30 -38.69
C HIS C 87 -10.93 -7.99 -38.45
N ARG C 88 -11.66 -8.95 -37.88
CA ARG C 88 -13.10 -8.77 -37.72
C ARG C 88 -13.47 -7.48 -36.96
N ARG C 89 -12.50 -6.88 -36.30
CA ARG C 89 -12.74 -5.73 -35.44
C ARG C 89 -12.23 -4.44 -36.07
N GLY C 90 -11.20 -4.57 -36.88
CA GLY C 90 -10.70 -3.40 -37.58
C GLY C 90 -10.06 -2.47 -36.60
N ASN C 91 -9.07 -3.01 -35.91
CA ASN C 91 -8.06 -2.22 -35.26
C ASN C 91 -7.04 -3.15 -34.60
N ILE C 92 -6.00 -2.55 -34.04
CA ILE C 92 -4.95 -3.29 -33.37
C ILE C 92 -5.13 -3.17 -31.86
N MET C 93 -5.32 -4.32 -31.21
CA MET C 93 -5.14 -4.38 -29.76
C MET C 93 -3.66 -4.14 -29.52
N TRP C 94 -3.36 -3.39 -28.49
CA TRP C 94 -1.98 -3.16 -28.13
C TRP C 94 -1.71 -3.86 -26.83
N GLU C 95 -1.21 -5.09 -26.92
CA GLU C 95 -0.91 -5.87 -25.72
C GLU C 95 0.45 -5.42 -25.16
N ASN C 96 0.50 -5.14 -23.85
CA ASN C 96 1.70 -4.57 -23.20
C ASN C 96 2.03 -5.25 -21.86
N GLU C 97 3.09 -6.03 -21.84
CA GLU C 97 3.47 -6.77 -20.66
C GLU C 97 4.68 -6.14 -20.00
N PHE C 98 4.76 -6.25 -18.69
CA PHE C 98 5.88 -5.76 -17.87
C PHE C 98 6.12 -6.80 -16.77
N ARG C 99 7.34 -7.26 -16.67
CA ARG C 99 7.72 -8.11 -15.57
C ARG C 99 8.83 -7.45 -14.78
N TYR C 100 8.85 -7.70 -13.46
CA TYR C 100 9.84 -7.11 -12.55
C TYR C 100 10.24 -8.04 -11.43
N LEU C 101 11.36 -7.70 -10.81
CA LEU C 101 11.96 -8.55 -9.82
C LEU C 101 12.68 -7.68 -8.81
N SER C 102 12.66 -8.10 -7.55
CA SER C 102 13.24 -7.32 -6.44
C SER C 102 13.53 -8.23 -5.24
N GLN C 103 13.95 -7.64 -4.12
CA GLN C 103 13.89 -8.32 -2.84
C GLN C 103 12.42 -8.61 -2.53
N ALA C 104 11.55 -7.61 -2.77
CA ALA C 104 10.09 -7.74 -2.57
C ALA C 104 9.43 -8.59 -3.66
N GLY C 105 9.99 -9.79 -3.89
CA GLY C 105 9.52 -10.77 -4.88
C GLY C 105 9.39 -10.23 -6.29
N ALA C 106 8.61 -10.93 -7.09
CA ALA C 106 8.31 -10.48 -8.43
C ALA C 106 6.82 -10.10 -8.64
N GLY C 107 6.57 -9.52 -9.79
CA GLY C 107 5.22 -9.20 -10.20
C GLY C 107 5.20 -8.88 -11.69
N LEU C 108 3.99 -8.89 -12.25
CA LEU C 108 3.78 -8.79 -13.68
C LEU C 108 2.59 -7.89 -13.92
N MET C 109 2.65 -7.07 -14.98
CA MET C 109 1.56 -6.16 -15.32
C MET C 109 1.24 -6.17 -16.80
N GLU C 110 -0.04 -6.10 -17.13
CA GLU C 110 -0.47 -6.16 -18.52
C GLU C 110 -1.45 -5.05 -18.79
N LEU C 111 -1.26 -4.32 -19.87
CA LEU C 111 -2.26 -3.35 -20.31
C LEU C 111 -2.62 -3.68 -21.74
N ASP C 112 -3.88 -4.06 -21.94
CA ASP C 112 -4.38 -4.35 -23.27
C ASP C 112 -5.35 -3.25 -23.68
N TYR C 113 -5.05 -2.61 -24.80
CA TYR C 113 -5.81 -1.48 -25.28
C TYR C 113 -6.22 -1.79 -26.72
N LEU C 114 -7.50 -2.07 -26.91
CA LEU C 114 -8.11 -1.99 -28.25
C LEU C 114 -8.78 -0.63 -28.32
N PRO C 115 -8.39 0.18 -29.31
CA PRO C 115 -8.90 1.56 -29.33
C PRO C 115 -10.31 1.66 -29.86
N SER C 116 -10.72 0.69 -30.67
CA SER C 116 -12.11 0.62 -31.09
C SER C 116 -12.36 -0.74 -31.68
N ASP C 117 -13.64 -1.05 -31.89
CA ASP C 117 -14.01 -2.38 -32.28
C ASP C 117 -15.23 -2.37 -33.19
N LYS C 118 -15.02 -2.79 -34.43
CA LYS C 118 -16.13 -2.91 -35.39
C LYS C 118 -17.29 -3.68 -34.75
N VAL C 119 -17.01 -4.91 -34.34
CA VAL C 119 -18.04 -5.84 -33.84
C VAL C 119 -18.69 -5.33 -32.58
N TYR C 120 -18.05 -4.41 -31.87
CA TYR C 120 -18.63 -3.89 -30.63
C TYR C 120 -19.52 -2.69 -30.86
N GLU C 121 -19.28 -1.99 -31.96
CA GLU C 121 -20.07 -0.82 -32.31
C GLU C 121 -21.40 -1.32 -32.87
N ASP C 122 -21.33 -2.43 -33.61
CA ASP C 122 -22.50 -2.98 -34.34
C ASP C 122 -23.53 -3.68 -33.45
N GLU C 123 -23.19 -3.93 -32.17
CA GLU C 123 -24.11 -4.55 -31.20
C GLU C 123 -24.44 -3.67 -30.01
N HIS C 124 -23.72 -2.57 -29.79
CA HIS C 124 -24.03 -1.66 -28.67
C HIS C 124 -24.13 -0.23 -29.18
N PRO C 125 -24.95 -0.01 -30.24
CA PRO C 125 -25.23 1.33 -30.75
C PRO C 125 -25.44 2.38 -29.65
N ASN C 126 -25.93 1.96 -28.49
CA ASN C 126 -26.16 2.90 -27.38
C ASN C 126 -24.92 3.10 -26.50
N ASP C 127 -23.84 3.58 -27.14
CA ASP C 127 -22.55 3.80 -26.48
C ASP C 127 -21.70 4.87 -27.17
N ASP C 128 -21.09 5.73 -26.36
CA ASP C 128 -20.41 6.95 -26.85
C ASP C 128 -19.13 6.61 -27.66
N SER C 129 -18.39 5.61 -27.18
CA SER C 129 -17.18 5.10 -27.80
C SER C 129 -17.21 3.56 -27.68
N SER C 130 -16.16 2.88 -28.14
CA SER C 130 -16.22 1.42 -28.29
C SER C 130 -14.93 0.70 -27.99
N ARG C 131 -14.05 1.28 -27.18
CA ARG C 131 -12.74 0.65 -26.93
C ARG C 131 -12.84 -0.54 -25.98
N ARG C 132 -11.83 -1.39 -25.98
CA ARG C 132 -11.80 -2.54 -25.09
C ARG C 132 -10.44 -2.63 -24.47
N TRP C 133 -10.41 -2.82 -23.16
CA TRP C 133 -9.15 -2.82 -22.46
C TRP C 133 -9.14 -3.77 -21.29
N LEU C 134 -7.95 -4.01 -20.78
CA LEU C 134 -7.78 -4.80 -19.59
C LEU C 134 -6.52 -4.35 -18.90
N PHE C 135 -6.54 -4.41 -17.57
CA PHE C 135 -5.33 -4.27 -16.78
C PHE C 135 -5.24 -5.42 -15.81
N TYR C 136 -4.05 -5.97 -15.72
CA TYR C 136 -3.81 -7.04 -14.79
C TYR C 136 -2.52 -6.72 -14.07
N TRP C 137 -2.50 -7.01 -12.77
CA TRP C 137 -1.30 -6.90 -11.93
C TRP C 137 -1.18 -8.13 -11.11
N ASN C 138 -0.03 -8.78 -11.17
CA ASN C 138 0.26 -9.85 -10.26
C ASN C 138 1.49 -9.51 -9.48
N HIS C 139 1.40 -9.71 -8.17
CA HIS C 139 2.55 -9.62 -7.28
C HIS C 139 2.45 -10.67 -6.21
N SER C 140 3.59 -11.20 -5.83
CA SER C 140 3.77 -11.84 -4.54
C SER C 140 5.25 -11.75 -4.16
N GLY C 141 5.52 -11.68 -2.87
CA GLY C 141 6.88 -11.45 -2.39
C GLY C 141 6.92 -11.50 -0.89
N VAL C 142 8.00 -12.07 -0.35
CA VAL C 142 8.21 -12.15 1.09
C VAL C 142 9.53 -11.45 1.42
N MET C 143 9.45 -10.28 2.06
CA MET C 143 10.65 -9.49 2.37
C MET C 143 11.19 -9.79 3.79
N ASP C 144 12.45 -10.28 3.84
CA ASP C 144 13.12 -10.93 5.00
C ASP C 144 12.20 -11.85 5.82
N GLN C 145 11.51 -12.71 5.09
CA GLN C 145 10.61 -13.74 5.65
C GLN C 145 9.38 -13.20 6.45
N VAL C 146 9.50 -11.96 6.90
CA VAL C 146 8.53 -11.35 7.78
C VAL C 146 7.45 -10.56 7.06
N TRP C 147 7.78 -9.91 5.96
CA TRP C 147 6.84 -9.02 5.28
C TRP C 147 6.22 -9.58 4.00
N ARG C 148 4.90 -9.75 3.99
CA ARG C 148 4.21 -10.37 2.86
C ARG C 148 3.37 -9.37 2.05
N PHE C 149 3.73 -9.24 0.77
CA PHE C 149 3.04 -8.36 -0.19
C PHE C 149 2.42 -9.20 -1.26
N ASN C 150 1.15 -8.93 -1.58
CA ASN C 150 0.45 -9.63 -2.65
C ASN C 150 -0.59 -8.79 -3.38
N VAL C 151 -0.65 -9.00 -4.69
CA VAL C 151 -1.71 -8.46 -5.54
C VAL C 151 -2.21 -9.51 -6.52
N ASP C 152 -3.53 -9.69 -6.62
CA ASP C 152 -4.16 -10.31 -7.79
C ASP C 152 -5.20 -9.35 -8.33
N TYR C 153 -4.81 -8.56 -9.34
CA TYR C 153 -5.68 -7.53 -9.87
C TYR C 153 -6.08 -7.77 -11.29
N THR C 154 -7.36 -7.61 -11.57
CA THR C 154 -7.87 -7.77 -12.92
C THR C 154 -9.03 -6.83 -13.17
N LYS C 155 -8.88 -5.98 -14.17
CA LYS C 155 -10.01 -5.19 -14.59
C LYS C 155 -10.19 -5.16 -16.13
N VAL C 156 -11.47 -5.09 -16.52
CA VAL C 156 -11.87 -5.20 -17.91
C VAL C 156 -12.88 -4.10 -18.27
N SER C 157 -12.93 -3.73 -19.54
CA SER C 157 -13.88 -2.74 -20.04
C SER C 157 -15.33 -3.24 -20.08
N ASP C 158 -15.53 -4.55 -20.20
CA ASP C 158 -16.86 -5.13 -20.42
C ASP C 158 -16.99 -6.60 -20.01
N PRO C 159 -18.25 -7.04 -19.75
CA PRO C 159 -18.60 -8.46 -19.50
C PRO C 159 -17.97 -9.47 -20.48
N SER C 160 -17.91 -9.10 -21.75
CA SER C 160 -17.51 -10.03 -22.80
C SER C 160 -16.00 -10.20 -23.00
N TYR C 161 -15.19 -9.46 -22.25
CA TYR C 161 -13.79 -9.30 -22.65
C TYR C 161 -13.05 -10.64 -22.86
N PHE C 162 -13.32 -11.63 -22.02
CA PHE C 162 -12.57 -12.89 -22.13
C PHE C 162 -13.16 -13.86 -23.15
N ASN C 163 -14.34 -13.51 -23.66
CA ASN C 163 -14.96 -14.21 -24.79
C ASN C 163 -14.37 -13.71 -26.11
N ASP C 164 -14.36 -12.39 -26.25
CA ASP C 164 -13.91 -11.75 -27.47
C ASP C 164 -12.40 -11.86 -27.67
N PHE C 165 -11.62 -11.86 -26.59
CA PHE C 165 -10.17 -11.83 -26.74
C PHE C 165 -9.54 -12.88 -25.84
N ASP C 166 -8.25 -12.73 -25.60
CA ASP C 166 -7.42 -13.86 -25.18
C ASP C 166 -7.53 -14.21 -23.70
N ASN C 167 -7.36 -15.50 -23.42
CA ASN C 167 -7.47 -16.05 -22.09
C ASN C 167 -6.07 -16.31 -21.57
N LYS C 168 -5.23 -15.27 -21.53
CA LYS C 168 -3.87 -15.43 -21.05
C LYS C 168 -3.78 -15.25 -19.52
N TYR C 169 -4.50 -14.26 -19.01
CA TYR C 169 -4.53 -13.99 -17.57
C TYR C 169 -5.91 -14.25 -16.98
N GLY C 170 -6.94 -13.76 -17.66
CA GLY C 170 -8.30 -14.20 -17.42
C GLY C 170 -8.60 -15.46 -18.19
N SER C 171 -9.90 -15.71 -18.40
CA SER C 171 -10.37 -16.92 -19.07
C SER C 171 -11.85 -16.76 -19.42
N SER C 172 -12.26 -17.42 -20.52
CA SER C 172 -13.65 -17.36 -20.96
C SER C 172 -14.54 -18.02 -19.92
N THR C 173 -13.96 -18.99 -19.24
CA THR C 173 -14.64 -19.70 -18.18
C THR C 173 -15.08 -18.81 -17.01
N ASP C 174 -14.38 -17.72 -16.70
CA ASP C 174 -14.64 -17.01 -15.43
C ASP C 174 -15.97 -16.28 -15.43
N GLY C 175 -16.51 -16.04 -14.24
CA GLY C 175 -17.76 -15.28 -14.07
C GLY C 175 -17.62 -13.97 -13.29
N TYR C 176 -16.45 -13.77 -12.65
CA TYR C 176 -16.10 -12.48 -12.02
C TYR C 176 -14.60 -12.13 -12.17
N ALA C 177 -14.23 -10.87 -11.92
CA ALA C 177 -12.83 -10.48 -11.99
C ALA C 177 -12.34 -10.19 -10.60
N THR C 178 -11.24 -10.84 -10.24
CA THR C 178 -10.69 -10.81 -8.90
C THR C 178 -9.75 -9.59 -8.66
N GLN C 179 -10.03 -8.82 -7.61
CA GLN C 179 -9.36 -7.56 -7.37
C GLN C 179 -8.88 -7.41 -5.90
N LYS C 180 -7.70 -7.99 -5.59
CA LYS C 180 -7.20 -8.13 -4.20
C LYS C 180 -5.81 -7.56 -4.00
N PHE C 181 -5.62 -6.83 -2.90
CA PHE C 181 -4.29 -6.34 -2.50
C PHE C 181 -4.14 -6.74 -1.07
N SER C 182 -2.93 -7.06 -0.64
CA SER C 182 -2.78 -7.42 0.73
C SER C 182 -1.37 -7.36 1.19
N VAL C 183 -1.22 -6.83 2.39
CA VAL C 183 0.04 -6.80 3.08
C VAL C 183 -0.10 -7.45 4.46
N GLY C 184 0.89 -8.25 4.82
CA GLY C 184 0.87 -8.88 6.12
C GLY C 184 2.26 -8.94 6.74
N TYR C 185 2.28 -9.30 8.02
CA TYR C 185 3.50 -9.41 8.81
C TYR C 185 3.43 -10.73 9.54
N ALA C 186 4.44 -11.56 9.42
CA ALA C 186 4.34 -12.91 9.92
C ALA C 186 5.61 -13.33 10.59
N VAL C 187 5.49 -13.84 11.80
CA VAL C 187 6.59 -14.55 12.43
C VAL C 187 6.13 -15.92 12.95
N GLN C 188 7.05 -16.64 13.60
CA GLN C 188 6.82 -18.01 14.01
C GLN C 188 5.49 -18.20 14.78
N ASN C 189 5.35 -17.45 15.86
N ASN C 189 5.36 -17.45 15.86
CA ASN C 189 4.18 -17.56 16.75
CA ASN C 189 4.20 -17.55 16.75
C ASN C 189 3.09 -16.53 16.47
C ASN C 189 3.08 -16.56 16.45
N PHE C 190 3.27 -15.69 15.45
CA PHE C 190 2.33 -14.60 15.17
C PHE C 190 2.31 -14.02 13.75
N ASN C 191 1.11 -13.74 13.24
CA ASN C 191 0.94 -13.13 11.92
C ASN C 191 -0.31 -12.24 11.81
N ALA C 192 -0.13 -11.05 11.28
CA ALA C 192 -1.22 -10.11 11.05
C ALA C 192 -1.25 -9.71 9.57
N THR C 193 -2.45 -9.57 9.02
CA THR C 193 -2.63 -9.40 7.57
C THR C 193 -3.78 -8.47 7.24
N VAL C 194 -3.54 -7.47 6.40
CA VAL C 194 -4.63 -6.63 5.93
C VAL C 194 -4.80 -6.74 4.44
N SER C 195 -6.02 -6.57 3.96
CA SER C 195 -6.27 -6.73 2.56
C SER C 195 -7.54 -6.06 2.14
N THR C 196 -7.73 -6.01 0.81
CA THR C 196 -8.89 -5.41 0.20
C THR C 196 -9.39 -6.23 -0.95
N LYS C 197 -10.59 -6.75 -0.81
CA LYS C 197 -11.15 -7.70 -1.77
C LYS C 197 -12.35 -7.03 -2.40
N GLN C 198 -12.31 -6.86 -3.72
CA GLN C 198 -13.43 -6.27 -4.48
C GLN C 198 -13.63 -7.20 -5.64
N PHE C 199 -14.83 -7.21 -6.22
CA PHE C 199 -15.15 -8.14 -7.33
C PHE C 199 -16.02 -7.62 -8.50
N GLN C 200 -15.44 -7.64 -9.71
CA GLN C 200 -16.16 -7.30 -10.94
C GLN C 200 -17.04 -8.48 -11.29
N VAL C 201 -18.32 -8.37 -10.95
CA VAL C 201 -19.29 -9.37 -11.37
C VAL C 201 -19.62 -9.06 -12.83
N PHE C 202 -19.56 -10.07 -13.69
CA PHE C 202 -19.77 -9.87 -15.14
C PHE C 202 -21.27 -10.07 -15.30
N SER C 203 -21.86 -9.54 -16.37
CA SER C 203 -23.31 -9.76 -16.66
C SER C 203 -24.30 -8.79 -15.98
N GLU C 204 -25.55 -8.96 -16.38
CA GLU C 204 -26.70 -8.14 -15.97
C GLU C 204 -27.79 -8.89 -15.15
N GLN C 205 -27.42 -9.97 -14.45
CA GLN C 205 -28.33 -10.64 -13.50
C GLN C 205 -28.37 -9.88 -12.18
N ASN C 206 -27.20 -9.66 -11.58
CA ASN C 206 -27.01 -8.56 -10.60
C ASN C 206 -25.54 -8.14 -10.46
N THR C 207 -25.34 -6.83 -10.39
CA THR C 207 -24.05 -6.24 -10.14
C THR C 207 -23.77 -6.07 -8.63
N SER C 208 -24.63 -6.65 -7.77
CA SER C 208 -24.49 -6.52 -6.32
C SER C 208 -23.38 -7.41 -5.77
N SER C 209 -22.18 -6.83 -5.70
CA SER C 209 -21.00 -7.50 -5.17
C SER C 209 -20.60 -6.86 -3.86
N TYR C 210 -20.42 -7.66 -2.83
CA TYR C 210 -19.86 -7.15 -1.57
C TYR C 210 -18.36 -7.27 -1.63
N SER C 211 -17.71 -6.30 -1.01
CA SER C 211 -16.29 -6.13 -1.06
C SER C 211 -15.82 -5.90 0.34
N ALA C 212 -14.61 -6.35 0.67
CA ALA C 212 -14.06 -6.15 2.01
C ALA C 212 -12.98 -5.09 1.97
N GLU C 213 -13.33 -3.87 2.38
CA GLU C 213 -12.45 -2.71 2.19
C GLU C 213 -12.26 -2.02 3.54
N PRO C 214 -11.25 -2.41 4.33
CA PRO C 214 -10.40 -3.57 4.10
C PRO C 214 -10.86 -4.69 4.98
N GLN C 215 -9.99 -5.69 5.13
CA GLN C 215 -10.17 -6.75 6.09
C GLN C 215 -8.82 -7.04 6.72
N LEU C 216 -8.84 -7.25 8.04
CA LEU C 216 -7.65 -7.35 8.85
C LEU C 216 -7.74 -8.54 9.79
N ASP C 217 -6.96 -9.59 9.51
CA ASP C 217 -6.92 -10.83 10.30
C ASP C 217 -5.65 -10.93 11.12
N VAL C 218 -5.80 -11.26 12.40
CA VAL C 218 -4.65 -11.35 13.33
C VAL C 218 -4.62 -12.72 13.99
N ASN C 219 -3.42 -13.23 14.29
CA ASN C 219 -3.28 -14.62 14.72
C ASN C 219 -2.12 -14.86 15.66
N TYR C 220 -2.44 -15.16 16.92
CA TYR C 220 -1.42 -15.45 17.91
C TYR C 220 -1.42 -16.93 18.24
N TYR C 221 -0.22 -17.51 18.36
CA TYR C 221 -0.04 -18.94 18.60
C TYR C 221 0.91 -19.18 19.76
N GLN C 222 0.44 -19.88 20.78
CA GLN C 222 1.27 -20.26 21.95
C GLN C 222 1.12 -21.76 22.23
N ASN C 223 2.25 -22.48 22.15
CA ASN C 223 2.25 -23.94 22.19
C ASN C 223 3.13 -24.59 23.28
N ASP C 224 3.86 -23.78 24.04
CA ASP C 224 4.51 -24.26 25.27
C ASP C 224 3.86 -23.69 26.53
N VAL C 225 2.52 -23.76 26.54
CA VAL C 225 1.71 -23.56 27.72
C VAL C 225 1.56 -24.96 28.31
N GLY C 226 2.71 -25.48 28.77
CA GLY C 226 2.85 -26.83 29.29
C GLY C 226 2.21 -27.88 28.39
N PRO C 227 1.26 -28.65 28.95
CA PRO C 227 0.55 -29.63 28.16
C PRO C 227 -0.50 -29.04 27.22
N PHE C 228 -0.91 -27.79 27.44
CA PHE C 228 -1.89 -27.16 26.59
C PHE C 228 -1.29 -26.46 25.39
N ASP C 229 -2.17 -26.14 24.45
CA ASP C 229 -1.84 -25.27 23.33
C ASP C 229 -2.93 -24.24 23.20
N THR C 230 -2.53 -23.04 22.78
CA THR C 230 -3.45 -21.93 22.61
C THR C 230 -3.20 -21.21 21.31
N ARG C 231 -4.29 -20.87 20.63
CA ARG C 231 -4.26 -19.84 19.61
C ARG C 231 -5.32 -18.87 20.00
N ILE C 232 -5.13 -17.64 19.57
CA ILE C 232 -6.20 -16.67 19.59
C ILE C 232 -6.15 -15.96 18.24
N TYR C 233 -7.33 -15.64 17.74
CA TYR C 233 -7.50 -15.00 16.48
C TYR C 233 -8.42 -13.83 16.73
N GLY C 234 -8.07 -12.69 16.12
CA GLY C 234 -8.91 -11.50 16.09
C GLY C 234 -9.01 -11.02 14.65
N GLN C 235 -10.23 -10.65 14.25
CA GLN C 235 -10.50 -10.10 12.90
C GLN C 235 -11.41 -8.86 12.87
N ALA C 236 -11.09 -7.90 12.00
CA ALA C 236 -11.93 -6.74 11.77
C ALA C 236 -12.05 -6.48 10.28
N VAL C 237 -13.25 -6.18 9.82
CA VAL C 237 -13.51 -6.01 8.39
C VAL C 237 -14.64 -5.04 8.23
N HIS C 238 -14.70 -4.35 7.10
CA HIS C 238 -15.78 -3.41 6.82
C HIS C 238 -16.41 -3.71 5.44
N PHE C 239 -17.66 -4.17 5.44
CA PHE C 239 -18.28 -4.60 4.17
C PHE C 239 -19.04 -3.51 3.39
N VAL C 240 -18.82 -3.46 2.06
CA VAL C 240 -19.43 -2.40 1.22
C VAL C 240 -19.88 -2.92 -0.15
N ASN C 241 -21.00 -2.38 -0.61
CA ASN C 241 -21.64 -2.86 -1.81
C ASN C 241 -21.63 -1.83 -2.93
N THR C 242 -21.49 -2.31 -4.16
CA THR C 242 -21.38 -1.43 -5.32
C THR C 242 -22.68 -0.62 -5.53
N ARG C 243 -23.83 -1.25 -5.28
CA ARG C 243 -25.10 -0.51 -5.17
C ARG C 243 -25.15 0.16 -3.81
N ASP C 244 -25.44 1.47 -3.82
CA ASP C 244 -25.46 2.27 -2.62
C ASP C 244 -26.78 2.17 -1.87
N ASP C 245 -27.70 1.33 -2.35
CA ASP C 245 -28.98 1.09 -1.65
C ASP C 245 -28.96 -0.26 -0.92
N MET C 246 -27.78 -0.64 -0.41
CA MET C 246 -27.60 -1.92 0.27
C MET C 246 -26.92 -1.71 1.63
N PRO C 247 -27.16 -2.64 2.57
CA PRO C 247 -26.49 -2.58 3.88
C PRO C 247 -24.95 -2.41 3.84
N GLU C 248 -24.47 -1.30 4.38
CA GLU C 248 -23.06 -1.20 4.78
C GLU C 248 -22.96 -1.74 6.19
N ALA C 249 -21.76 -2.17 6.56
CA ALA C 249 -21.58 -2.86 7.83
C ALA C 249 -20.13 -2.98 8.22
N THR C 250 -19.92 -3.12 9.52
CA THR C 250 -18.59 -3.24 10.06
C THR C 250 -18.62 -4.35 11.03
N ARG C 251 -17.53 -5.10 11.11
CA ARG C 251 -17.54 -6.34 11.87
C ARG C 251 -16.20 -6.74 12.53
N VAL C 252 -16.15 -6.51 13.84
CA VAL C 252 -15.05 -6.95 14.66
C VAL C 252 -15.41 -8.29 15.20
N HIS C 253 -14.41 -9.14 15.35
CA HIS C 253 -14.60 -10.51 15.85
C HIS C 253 -13.35 -11.04 16.55
N LEU C 254 -13.57 -11.66 17.72
CA LEU C 254 -12.54 -12.32 18.51
C LEU C 254 -12.90 -13.78 18.80
N GLU C 255 -11.87 -14.61 18.83
CA GLU C 255 -12.03 -16.05 18.92
C GLU C 255 -10.74 -16.61 19.54
N PRO C 256 -10.71 -16.74 20.88
CA PRO C 256 -9.61 -17.38 21.57
C PRO C 256 -9.91 -18.87 21.67
N THR C 257 -8.85 -19.69 21.58
CA THR C 257 -9.00 -21.12 21.47
C THR C 257 -7.96 -21.78 22.33
N ILE C 258 -8.39 -22.67 23.21
CA ILE C 258 -7.45 -23.50 23.97
C ILE C 258 -7.79 -24.97 23.79
N ASN C 259 -6.75 -25.78 23.58
CA ASN C 259 -6.91 -27.22 23.48
C ASN C 259 -5.78 -28.03 24.09
N LEU C 260 -6.09 -29.30 24.34
CA LEU C 260 -5.21 -30.24 25.00
C LEU C 260 -5.02 -31.47 24.14
N PRO C 261 -3.81 -31.64 23.57
CA PRO C 261 -3.52 -32.70 22.61
C PRO C 261 -2.73 -33.86 23.21
N LEU C 262 -3.15 -35.10 23.00
CA LEU C 262 -2.54 -36.23 23.73
C LEU C 262 -1.84 -37.30 22.87
N SER C 263 -0.54 -37.41 23.16
CA SER C 263 0.41 -38.23 22.42
C SER C 263 0.47 -39.61 23.02
N ASN C 264 0.18 -40.61 22.18
CA ASN C 264 0.48 -42.01 22.45
C ASN C 264 1.34 -42.53 21.31
N ASN C 265 1.64 -43.82 21.28
CA ASN C 265 2.37 -44.38 20.12
C ASN C 265 1.45 -44.88 19.03
N TRP C 266 0.16 -44.94 19.36
CA TRP C 266 -0.84 -45.61 18.55
C TRP C 266 -2.21 -44.90 18.56
N GLY C 267 -2.26 -43.72 19.18
CA GLY C 267 -3.51 -43.05 19.44
C GLY C 267 -3.28 -41.58 19.65
N SER C 268 -4.36 -40.84 19.75
CA SER C 268 -4.30 -39.39 19.69
C SER C 268 -5.62 -38.81 20.14
N ILE C 269 -5.55 -37.84 21.03
CA ILE C 269 -6.75 -37.10 21.33
C ILE C 269 -6.44 -35.66 21.67
N ASN C 270 -7.21 -34.77 21.03
CA ASN C 270 -7.21 -33.37 21.36
C ASN C 270 -8.59 -32.98 21.84
N THR C 271 -8.65 -31.96 22.66
CA THR C 271 -9.91 -31.44 23.18
C THR C 271 -9.83 -29.93 23.15
N GLU C 272 -10.87 -29.27 22.65
CA GLU C 272 -10.79 -27.88 22.19
C GLU C 272 -11.96 -27.02 22.70
N ALA C 273 -11.58 -25.97 23.43
CA ALA C 273 -12.50 -25.00 24.04
C ALA C 273 -12.35 -23.64 23.38
N LYS C 274 -13.47 -23.04 22.96
CA LYS C 274 -13.39 -21.85 22.08
C LYS C 274 -14.58 -20.93 22.27
N LEU C 275 -14.32 -19.63 22.33
CA LEU C 275 -15.42 -18.64 22.29
C LEU C 275 -15.38 -17.85 20.96
N LEU C 276 -16.55 -17.36 20.57
CA LEU C 276 -16.79 -16.75 19.25
C LEU C 276 -17.51 -15.39 19.36
N ALA C 277 -16.79 -14.40 19.87
CA ALA C 277 -17.37 -13.07 20.15
C ALA C 277 -17.32 -12.19 18.91
N THR C 278 -18.46 -11.60 18.57
CA THR C 278 -18.58 -10.82 17.34
C THR C 278 -19.53 -9.67 17.50
N HIS C 279 -19.08 -8.48 17.11
CA HIS C 279 -19.95 -7.32 17.11
C HIS C 279 -20.09 -6.77 15.69
N TYR C 280 -21.34 -6.43 15.34
CA TYR C 280 -21.71 -5.86 14.05
C TYR C 280 -22.21 -4.45 14.22
N GLN C 281 -21.92 -3.61 13.24
CA GLN C 281 -22.62 -2.34 13.03
C GLN C 281 -23.16 -2.42 11.62
N GLN C 282 -24.41 -2.04 11.42
CA GLN C 282 -25.01 -2.17 10.10
C GLN C 282 -25.78 -0.91 9.68
N THR C 283 -25.14 -0.06 8.89
CA THR C 283 -25.79 1.13 8.33
C THR C 283 -26.65 0.81 7.11
N ASN C 284 -27.42 1.80 6.66
CA ASN C 284 -28.13 1.77 5.39
C ASN C 284 -29.20 0.65 5.29
N LEU C 285 -29.94 0.48 6.38
CA LEU C 285 -30.92 -0.59 6.48
C LEU C 285 -32.35 -0.10 6.25
N ASP C 286 -32.52 1.05 5.58
CA ASP C 286 -33.87 1.57 5.32
C ASP C 286 -34.51 0.75 4.20
N TRP C 287 -33.74 0.55 3.12
CA TRP C 287 -34.21 -0.13 1.92
C TRP C 287 -34.36 -1.63 2.19
N TYR C 288 -33.31 -2.27 2.68
CA TYR C 288 -33.35 -3.70 2.90
C TYR C 288 -34.48 -4.13 3.84
N ASN C 289 -34.75 -3.34 4.89
CA ASN C 289 -35.79 -3.68 5.89
C ASN C 289 -37.23 -3.45 5.45
N SER C 290 -37.43 -2.77 4.31
CA SER C 290 -38.77 -2.63 3.74
C SER C 290 -39.09 -3.73 2.71
N ARG C 291 -38.06 -4.42 2.21
CA ARG C 291 -38.26 -5.52 1.26
C ARG C 291 -38.49 -6.86 1.99
N ASN C 292 -37.50 -7.30 2.76
CA ASN C 292 -37.61 -8.54 3.52
C ASN C 292 -38.30 -8.25 4.84
N THR C 293 -39.18 -9.15 5.25
CA THR C 293 -39.87 -8.97 6.51
C THR C 293 -38.83 -8.88 7.62
N THR C 294 -38.04 -9.94 7.76
CA THR C 294 -37.03 -10.04 8.81
C THR C 294 -36.10 -8.83 8.84
N LYS C 295 -36.25 -8.04 9.91
CA LYS C 295 -35.41 -6.88 10.13
C LYS C 295 -33.96 -7.28 10.42
N LEU C 296 -33.03 -6.44 9.99
CA LEU C 296 -31.67 -6.48 10.48
C LEU C 296 -31.60 -5.39 11.54
N ASP C 297 -30.91 -5.69 12.64
CA ASP C 297 -30.75 -4.71 13.73
C ASP C 297 -29.43 -3.97 13.49
N GLU C 298 -29.40 -2.67 13.79
CA GLU C 298 -28.22 -1.81 13.52
C GLU C 298 -26.93 -2.30 14.20
N SER C 299 -27.01 -2.44 15.52
CA SER C 299 -25.94 -3.02 16.29
C SER C 299 -26.38 -4.43 16.62
N VAL C 300 -25.48 -5.39 16.47
CA VAL C 300 -25.80 -6.78 16.73
C VAL C 300 -24.59 -7.47 17.35
N ASN C 301 -24.86 -8.30 18.35
CA ASN C 301 -23.84 -9.04 19.02
C ASN C 301 -24.22 -10.50 19.01
N ARG C 302 -23.22 -11.34 18.81
CA ARG C 302 -23.42 -12.78 18.79
C ARG C 302 -22.18 -13.47 19.34
N VAL C 303 -22.36 -14.01 20.55
CA VAL C 303 -21.32 -14.74 21.23
C VAL C 303 -21.79 -16.14 21.57
N MET C 304 -20.85 -17.07 21.47
CA MET C 304 -21.13 -18.49 21.65
C MET C 304 -19.83 -19.24 21.83
N PRO C 305 -19.89 -20.42 22.44
CA PRO C 305 -18.69 -21.19 22.65
C PRO C 305 -18.75 -22.60 22.00
N GLN C 306 -17.65 -23.34 22.06
CA GLN C 306 -17.60 -24.67 21.48
C GLN C 306 -16.68 -25.67 22.21
N PHE C 307 -17.29 -26.77 22.61
CA PHE C 307 -16.62 -27.96 23.08
C PHE C 307 -16.38 -28.80 21.80
N LYS C 308 -15.14 -29.21 21.57
CA LYS C 308 -14.83 -30.18 20.50
C LYS C 308 -13.77 -31.18 20.96
N VAL C 309 -13.89 -32.40 20.46
CA VAL C 309 -12.98 -33.49 20.86
C VAL C 309 -12.85 -34.53 19.74
N ASP C 310 -11.62 -35.03 19.53
CA ASP C 310 -11.27 -35.79 18.35
C ASP C 310 -10.38 -36.96 18.69
N GLY C 311 -10.85 -38.15 18.38
CA GLY C 311 -10.12 -39.38 18.71
C GLY C 311 -9.67 -40.12 17.48
N LYS C 312 -8.49 -40.73 17.58
CA LYS C 312 -7.80 -41.33 16.44
C LYS C 312 -6.99 -42.55 16.90
N MET C 313 -7.15 -43.68 16.21
CA MET C 313 -6.44 -44.93 16.54
C MET C 313 -5.71 -45.52 15.33
N VAL C 314 -4.54 -46.14 15.56
CA VAL C 314 -3.78 -46.75 14.47
C VAL C 314 -3.49 -48.22 14.73
N PHE C 315 -4.08 -49.06 13.88
CA PHE C 315 -3.84 -50.49 13.87
C PHE C 315 -2.98 -50.83 12.65
N GLU C 316 -1.98 -51.68 12.85
CA GLU C 316 -1.18 -52.24 11.74
C GLU C 316 -1.46 -53.71 11.54
N ARG C 317 -0.95 -54.24 10.44
CA ARG C 317 -0.88 -55.66 10.26
C ARG C 317 0.06 -55.94 9.10
N ASP C 318 0.02 -57.15 8.55
CA ASP C 318 0.89 -57.54 7.45
C ASP C 318 0.10 -58.28 6.38
N MET C 319 0.28 -57.88 5.11
CA MET C 319 -0.44 -58.49 3.98
C MET C 319 0.29 -59.70 3.44
N GLU C 320 0.66 -60.63 4.31
CA GLU C 320 1.50 -61.76 3.90
C GLU C 320 0.73 -62.64 2.94
N MET C 321 -0.52 -62.86 3.29
CA MET C 321 -1.51 -63.49 2.41
C MET C 321 -1.46 -63.00 0.95
N LEU C 322 -1.49 -61.69 0.73
CA LEU C 322 -1.62 -61.12 -0.61
C LEU C 322 -0.26 -60.80 -1.20
N ALA C 323 0.63 -60.26 -0.37
CA ALA C 323 1.96 -59.92 -0.79
C ALA C 323 2.99 -60.30 0.27
N PRO C 324 4.16 -60.79 -0.17
CA PRO C 324 5.26 -60.94 0.79
C PRO C 324 5.79 -59.58 1.28
N GLY C 325 5.84 -59.39 2.60
CA GLY C 325 6.45 -58.20 3.21
C GLY C 325 5.78 -56.86 2.91
N TYR C 326 4.45 -56.84 2.98
CA TYR C 326 3.66 -55.61 2.79
C TYR C 326 3.29 -55.08 4.15
N THR C 327 2.52 -54.00 4.17
CA THR C 327 1.95 -53.48 5.41
C THR C 327 0.50 -53.07 5.17
N GLN C 328 -0.22 -52.86 6.26
CA GLN C 328 -1.49 -52.16 6.22
C GLN C 328 -1.70 -51.39 7.51
N THR C 329 -2.22 -50.17 7.37
CA THR C 329 -2.75 -49.43 8.51
C THR C 329 -4.26 -49.24 8.32
N LEU C 330 -4.91 -48.92 9.44
CA LEU C 330 -6.34 -48.75 9.49
C LEU C 330 -6.67 -47.88 10.70
N GLU C 331 -7.31 -46.76 10.44
CA GLU C 331 -7.54 -45.74 11.44
C GLU C 331 -9.01 -45.40 11.41
N PRO C 332 -9.68 -45.41 12.59
CA PRO C 332 -10.98 -44.82 12.76
C PRO C 332 -10.80 -43.45 13.37
N ARG C 333 -11.90 -42.73 13.53
CA ARG C 333 -11.82 -41.41 14.08
C ARG C 333 -13.20 -40.98 14.51
N ALA C 334 -13.26 -40.25 15.61
CA ALA C 334 -14.48 -39.55 15.94
C ALA C 334 -14.21 -38.14 16.46
N GLN C 335 -15.19 -37.29 16.14
CA GLN C 335 -15.28 -35.93 16.63
C GLN C 335 -16.66 -35.75 17.28
N TYR C 336 -16.67 -35.19 18.49
CA TYR C 336 -17.89 -34.62 19.02
C TYR C 336 -17.76 -33.15 18.82
N LEU C 337 -18.87 -32.50 18.49
CA LEU C 337 -18.90 -31.06 18.33
C LEU C 337 -20.19 -30.43 18.86
N TYR C 338 -20.04 -29.60 19.90
CA TYR C 338 -21.17 -28.81 20.43
C TYR C 338 -20.99 -27.31 20.27
N VAL C 339 -21.93 -26.71 19.55
CA VAL C 339 -22.07 -25.26 19.46
C VAL C 339 -23.54 -24.91 19.52
N PRO C 340 -23.92 -23.97 20.39
CA PRO C 340 -25.32 -23.60 20.57
C PRO C 340 -25.94 -22.71 19.49
N TYR C 341 -27.26 -22.75 19.41
CA TYR C 341 -28.04 -21.98 18.45
C TYR C 341 -27.98 -20.53 18.84
N ARG C 342 -27.89 -19.68 17.81
CA ARG C 342 -28.13 -18.23 17.95
C ARG C 342 -28.96 -17.77 16.75
N ASP C 343 -29.95 -16.91 16.98
CA ASP C 343 -30.80 -16.42 15.89
C ASP C 343 -30.06 -15.31 15.12
N GLN C 344 -29.37 -15.72 14.07
CA GLN C 344 -28.52 -14.84 13.28
C GLN C 344 -29.25 -14.16 12.11
N SER C 345 -30.57 -14.35 12.00
CA SER C 345 -31.38 -13.70 10.96
C SER C 345 -31.40 -12.15 11.00
N ASP C 346 -30.88 -11.54 12.07
CA ASP C 346 -30.66 -10.09 12.14
C ASP C 346 -29.35 -9.62 11.45
N ILE C 347 -28.53 -10.58 11.00
CA ILE C 347 -27.29 -10.31 10.23
C ILE C 347 -27.48 -10.58 8.72
N TYR C 348 -27.25 -9.59 7.86
CA TYR C 348 -27.23 -9.86 6.43
C TYR C 348 -25.97 -10.60 6.06
N ASN C 349 -26.09 -11.80 5.50
CA ASN C 349 -24.91 -12.57 5.14
C ASN C 349 -24.02 -11.88 4.10
N TYR C 350 -22.78 -11.60 4.49
CA TYR C 350 -21.84 -10.87 3.63
C TYR C 350 -20.81 -11.80 3.01
N ASP C 351 -20.15 -12.60 3.85
CA ASP C 351 -19.05 -13.49 3.39
C ASP C 351 -19.18 -15.00 3.74
N SER C 352 -20.37 -15.41 4.22
CA SER C 352 -20.58 -16.79 4.65
C SER C 352 -21.35 -17.58 3.63
N SER C 353 -20.64 -18.35 2.80
CA SER C 353 -21.25 -19.33 1.89
C SER C 353 -21.05 -20.75 2.43
N LEU C 354 -21.98 -21.64 2.08
CA LEU C 354 -21.99 -23.02 2.58
C LEU C 354 -20.77 -23.77 2.08
N LEU C 355 -20.06 -24.41 3.01
CA LEU C 355 -18.90 -25.22 2.65
C LEU C 355 -19.35 -26.58 2.17
N GLN C 356 -18.44 -27.27 1.48
CA GLN C 356 -18.65 -28.64 1.08
C GLN C 356 -17.98 -29.53 2.11
N SER C 357 -18.32 -30.81 2.05
CA SER C 357 -17.78 -31.76 3.00
C SER C 357 -17.31 -32.97 2.23
N ASP C 358 -16.08 -32.91 1.76
CA ASP C 358 -15.35 -34.11 1.41
C ASP C 358 -15.01 -34.78 2.77
N TYR C 359 -14.47 -36.01 2.73
CA TYR C 359 -14.20 -36.84 3.95
C TYR C 359 -13.38 -36.14 5.04
N SER C 360 -12.33 -35.47 4.65
CA SER C 360 -11.54 -34.68 5.58
C SER C 360 -12.46 -33.63 6.16
N GLY C 361 -13.26 -32.98 5.31
CA GLY C 361 -14.16 -31.91 5.72
C GLY C 361 -15.38 -32.33 6.52
N LEU C 362 -15.52 -33.62 6.79
CA LEU C 362 -16.47 -34.06 7.79
C LEU C 362 -15.93 -33.63 9.14
N PHE C 363 -14.68 -33.99 9.40
CA PHE C 363 -13.96 -33.56 10.60
C PHE C 363 -13.48 -32.15 10.46
N ARG C 364 -14.45 -31.24 10.53
CA ARG C 364 -14.21 -29.82 10.44
C ARG C 364 -15.35 -29.11 11.14
N ASP C 365 -15.01 -28.06 11.88
CA ASP C 365 -15.94 -27.40 12.77
C ASP C 365 -16.75 -26.21 12.20
N ARG C 366 -16.97 -26.17 10.89
CA ARG C 366 -17.73 -25.06 10.28
C ARG C 366 -18.59 -25.53 9.11
N THR C 367 -19.85 -25.12 9.10
CA THR C 367 -20.75 -25.37 7.98
C THR C 367 -20.46 -24.37 6.89
N TYR C 368 -20.08 -23.16 7.31
CA TYR C 368 -19.85 -22.05 6.40
C TYR C 368 -18.44 -21.48 6.44
N GLY C 369 -18.08 -20.75 5.38
CA GLY C 369 -16.92 -19.88 5.38
C GLY C 369 -17.28 -18.57 6.04
N GLY C 370 -16.43 -17.57 5.90
CA GLY C 370 -16.70 -16.28 6.52
C GLY C 370 -17.09 -16.36 8.00
N LEU C 371 -17.90 -15.40 8.46
CA LEU C 371 -18.34 -15.37 9.86
C LEU C 371 -19.74 -14.81 10.09
N ASP C 372 -20.59 -14.74 9.07
CA ASP C 372 -21.95 -14.22 9.26
C ASP C 372 -23.00 -15.29 9.51
N ARG C 373 -22.62 -16.55 9.35
CA ARG C 373 -23.48 -17.67 9.64
C ARG C 373 -22.70 -18.80 10.31
N ILE C 374 -23.07 -19.14 11.55
CA ILE C 374 -22.53 -20.29 12.28
C ILE C 374 -23.62 -21.20 12.86
N ALA C 375 -23.51 -22.48 12.53
CA ALA C 375 -24.57 -23.45 12.75
C ALA C 375 -24.64 -23.94 14.19
N SER C 376 -25.86 -24.22 14.66
CA SER C 376 -26.06 -24.83 15.98
C SER C 376 -25.62 -26.30 16.00
N ALA C 377 -24.32 -26.50 15.93
CA ALA C 377 -23.78 -27.85 15.85
C ALA C 377 -23.99 -28.61 17.15
N ASN C 378 -24.61 -29.76 17.02
CA ASN C 378 -24.58 -30.78 18.03
C ASN C 378 -24.60 -32.08 17.24
N GLN C 379 -23.50 -32.81 17.31
CA GLN C 379 -23.23 -33.82 16.31
C GLN C 379 -21.98 -34.64 16.60
N VAL C 380 -21.97 -35.85 16.09
CA VAL C 380 -20.79 -36.67 16.18
C VAL C 380 -20.41 -37.33 14.83
N THR C 381 -19.20 -37.00 14.41
CA THR C 381 -18.65 -37.44 13.14
C THR C 381 -17.88 -38.73 13.36
N THR C 382 -17.97 -39.62 12.39
CA THR C 382 -17.29 -40.90 12.46
C THR C 382 -16.78 -41.31 11.08
N GLY C 383 -15.53 -41.77 11.03
CA GLY C 383 -14.90 -42.14 9.79
C GLY C 383 -13.78 -43.13 10.00
N VAL C 384 -13.30 -43.69 8.89
CA VAL C 384 -12.26 -44.74 8.89
C VAL C 384 -11.38 -44.69 7.62
N THR C 385 -10.10 -45.03 7.78
CA THR C 385 -9.08 -44.77 6.75
C THR C 385 -8.10 -45.93 6.62
N SER C 386 -8.39 -46.89 5.75
CA SER C 386 -7.46 -48.01 5.54
C SER C 386 -6.38 -47.64 4.55
N ARG C 387 -5.12 -47.93 4.89
CA ARG C 387 -3.98 -47.61 4.04
C ARG C 387 -3.21 -48.85 3.76
N ILE C 388 -2.38 -48.84 2.75
CA ILE C 388 -1.56 -50.00 2.42
C ILE C 388 -0.21 -49.57 1.91
N TYR C 389 0.83 -50.12 2.53
CA TYR C 389 2.19 -49.81 2.13
C TYR C 389 2.76 -51.07 1.51
N ASP C 390 3.93 -50.96 0.91
CA ASP C 390 4.57 -52.12 0.32
C ASP C 390 5.91 -52.35 1.02
N ASP C 391 6.75 -53.21 0.40
CA ASP C 391 8.16 -53.42 0.82
C ASP C 391 9.03 -52.14 0.81
N ALA C 392 8.65 -51.15 -0.02
CA ALA C 392 9.34 -49.85 -0.09
C ALA C 392 8.66 -48.73 0.73
N ALA C 393 7.79 -49.12 1.66
CA ALA C 393 7.03 -48.19 2.51
C ALA C 393 6.25 -47.11 1.74
N VAL C 394 5.88 -47.43 0.51
CA VAL C 394 5.14 -46.53 -0.37
C VAL C 394 3.65 -46.78 -0.28
N GLU C 395 2.87 -45.72 -0.13
CA GLU C 395 1.43 -45.86 -0.01
C GLU C 395 0.80 -46.20 -1.36
N ARG C 396 0.47 -47.48 -1.54
CA ARG C 396 -0.08 -47.98 -2.80
C ARG C 396 -1.60 -47.84 -2.87
N PHE C 397 -2.23 -47.80 -1.71
CA PHE C 397 -3.67 -47.66 -1.72
C PHE C 397 -4.20 -47.18 -0.38
N ASN C 398 -5.17 -46.27 -0.44
CA ASN C 398 -5.98 -45.95 0.72
C ASN C 398 -7.45 -45.91 0.39
N ILE C 399 -8.25 -45.77 1.42
CA ILE C 399 -9.66 -45.47 1.24
C ILE C 399 -10.26 -45.01 2.56
N SER C 400 -11.22 -44.09 2.45
CA SER C 400 -11.83 -43.49 3.62
C SER C 400 -13.34 -43.34 3.42
N VAL C 401 -14.10 -43.59 4.49
CA VAL C 401 -15.55 -43.26 4.55
C VAL C 401 -15.89 -42.67 5.90
N GLY C 402 -16.75 -41.66 5.91
CA GLY C 402 -17.14 -40.98 7.13
C GLY C 402 -18.58 -40.52 7.10
N GLN C 403 -19.10 -40.20 8.29
CA GLN C 403 -20.47 -39.72 8.44
C GLN C 403 -20.71 -38.86 9.71
N ILE C 404 -21.71 -38.00 9.60
CA ILE C 404 -22.05 -37.11 10.70
C ILE C 404 -23.46 -37.44 11.13
N TYR C 405 -23.59 -37.85 12.40
CA TYR C 405 -24.88 -38.00 13.08
C TYR C 405 -25.19 -36.71 13.86
N TYR C 406 -26.32 -36.08 13.56
CA TYR C 406 -26.74 -34.86 14.27
C TYR C 406 -27.84 -35.21 15.28
N PHE C 407 -27.61 -34.88 16.56
CA PHE C 407 -28.63 -35.09 17.62
C PHE C 407 -29.71 -34.00 17.53
N THR C 408 -29.28 -32.73 17.48
CA THR C 408 -30.20 -31.62 17.30
C THR C 408 -30.21 -31.30 15.83
N GLU C 409 -30.97 -30.29 15.46
CA GLU C 409 -30.78 -29.66 14.17
C GLU C 409 -29.39 -28.98 14.14
N SER C 410 -28.98 -28.53 12.94
CA SER C 410 -27.90 -27.56 12.79
C SER C 410 -28.55 -26.34 12.09
N ARG C 411 -28.79 -25.25 12.85
CA ARG C 411 -29.45 -24.03 12.33
C ARG C 411 -28.67 -22.73 12.54
N THR C 412 -29.17 -21.68 11.89
CA THR C 412 -28.70 -20.31 12.09
C THR C 412 -29.84 -19.29 12.05
N GLY C 413 -31.07 -19.73 12.30
CA GLY C 413 -32.25 -18.84 12.25
C GLY C 413 -32.61 -18.29 10.88
N ASP C 414 -31.79 -18.64 9.88
CA ASP C 414 -31.95 -18.18 8.51
C ASP C 414 -31.86 -19.41 7.60
N ASP C 415 -32.65 -20.43 7.91
CA ASP C 415 -32.55 -21.72 7.27
C ASP C 415 -33.64 -21.85 6.24
N ASN C 416 -33.37 -21.28 5.07
CA ASN C 416 -34.26 -21.35 3.91
C ASN C 416 -33.51 -21.81 2.65
N ILE C 417 -32.80 -22.93 2.78
CA ILE C 417 -32.25 -23.64 1.63
C ILE C 417 -33.24 -24.74 1.25
N THR C 418 -33.51 -24.90 -0.05
CA THR C 418 -34.51 -25.88 -0.53
C THR C 418 -33.93 -27.29 -0.69
N TRP C 419 -34.10 -28.09 0.36
CA TRP C 419 -33.72 -29.50 0.34
C TRP C 419 -34.86 -30.30 -0.28
N GLU C 420 -34.60 -31.58 -0.53
CA GLU C 420 -35.52 -32.46 -1.24
C GLU C 420 -36.42 -33.25 -0.29
N ASN C 421 -36.23 -33.03 1.00
CA ASN C 421 -37.04 -33.63 2.06
C ASN C 421 -36.65 -32.85 3.31
N ASP C 422 -37.25 -33.11 4.47
CA ASP C 422 -36.73 -32.50 5.70
C ASP C 422 -36.31 -33.56 6.71
N ASP C 423 -35.09 -34.05 6.54
CA ASP C 423 -34.41 -34.77 7.61
C ASP C 423 -33.67 -33.73 8.39
N LYS C 424 -33.88 -33.69 9.71
CA LYS C 424 -33.21 -32.71 10.53
C LYS C 424 -32.12 -33.33 11.38
N THR C 425 -32.07 -34.66 11.46
CA THR C 425 -31.15 -35.33 12.36
C THR C 425 -30.75 -36.67 11.83
N GLY C 426 -29.71 -37.24 12.44
CA GLY C 426 -29.23 -38.58 12.08
C GLY C 426 -28.06 -38.52 11.14
N SER C 427 -27.74 -39.66 10.53
CA SER C 427 -26.62 -39.74 9.58
C SER C 427 -26.98 -39.05 8.26
N LEU C 428 -26.89 -37.71 8.28
CA LEU C 428 -27.32 -36.87 7.16
C LEU C 428 -26.26 -36.65 6.08
N VAL C 429 -25.01 -36.98 6.38
CA VAL C 429 -23.92 -36.63 5.50
C VAL C 429 -22.90 -37.75 5.51
N TRP C 430 -22.46 -38.12 4.33
CA TRP C 430 -21.49 -39.18 4.13
C TRP C 430 -20.51 -38.75 3.05
N ALA C 431 -19.27 -39.20 3.17
CA ALA C 431 -18.31 -38.94 2.11
C ALA C 431 -17.32 -40.07 2.02
N GLY C 432 -16.63 -40.16 0.89
CA GLY C 432 -15.54 -41.11 0.75
C GLY C 432 -14.68 -40.79 -0.46
N ASP C 433 -13.38 -40.72 -0.24
CA ASP C 433 -12.43 -40.66 -1.34
C ASP C 433 -11.80 -42.04 -1.46
N THR C 434 -10.88 -42.18 -2.42
CA THR C 434 -10.02 -43.38 -2.54
C THR C 434 -8.92 -43.24 -3.57
N TYR C 435 -7.76 -43.76 -3.21
CA TYR C 435 -6.63 -43.75 -4.09
C TYR C 435 -6.13 -45.16 -4.30
N TRP C 436 -5.93 -45.53 -5.56
CA TRP C 436 -5.28 -46.77 -5.91
C TRP C 436 -4.17 -46.48 -6.88
N ARG C 437 -2.97 -46.88 -6.50
CA ARG C 437 -1.84 -46.91 -7.41
C ARG C 437 -1.70 -48.33 -7.93
N ILE C 438 -2.67 -48.77 -8.74
CA ILE C 438 -2.68 -50.15 -9.25
C ILE C 438 -1.27 -50.50 -9.65
N SER C 439 -0.62 -49.63 -10.41
CA SER C 439 0.77 -49.86 -10.80
C SER C 439 1.61 -48.59 -10.86
N GLU C 440 2.91 -48.78 -10.92
CA GLU C 440 3.77 -47.73 -11.40
C GLU C 440 3.18 -47.47 -12.77
N ARG C 441 3.14 -46.23 -13.20
CA ARG C 441 2.61 -45.89 -14.54
C ARG C 441 1.04 -45.86 -14.60
N TRP C 442 0.37 -46.64 -13.75
CA TRP C 442 -1.09 -46.57 -13.67
C TRP C 442 -1.58 -46.20 -12.26
N GLY C 443 -2.65 -45.42 -12.22
CA GLY C 443 -3.33 -45.16 -10.96
C GLY C 443 -4.77 -44.75 -11.20
N LEU C 444 -5.50 -44.71 -10.11
CA LEU C 444 -6.84 -44.18 -10.15
C LEU C 444 -7.16 -43.49 -8.84
N ARG C 445 -7.96 -42.44 -8.95
CA ARG C 445 -8.48 -41.73 -7.81
C ARG C 445 -10.00 -41.74 -7.92
N GLY C 446 -10.66 -41.32 -6.84
CA GLY C 446 -12.07 -41.00 -6.90
C GLY C 446 -12.65 -40.66 -5.54
N GLY C 447 -13.78 -39.94 -5.54
CA GLY C 447 -14.50 -39.68 -4.28
C GLY C 447 -15.95 -39.29 -4.43
N ILE C 448 -16.66 -39.32 -3.30
CA ILE C 448 -18.08 -38.99 -3.28
C ILE C 448 -18.59 -38.38 -1.97
N GLN C 449 -19.43 -37.36 -2.16
CA GLN C 449 -20.11 -36.64 -1.09
CA GLN C 449 -20.07 -36.67 -1.09
C GLN C 449 -21.59 -36.99 -1.17
N TYR C 450 -22.15 -37.50 -0.08
CA TYR C 450 -23.58 -37.88 -0.05
C TYR C 450 -24.33 -37.07 1.00
N ASP C 451 -25.58 -36.74 0.70
CA ASP C 451 -26.44 -36.10 1.68
C ASP C 451 -27.86 -36.65 1.62
N THR C 452 -28.38 -37.07 2.77
CA THR C 452 -29.71 -37.70 2.84
C THR C 452 -30.81 -36.66 2.88
N ARG C 453 -30.43 -35.39 2.93
CA ARG C 453 -31.37 -34.29 2.63
C ARG C 453 -31.55 -34.02 1.11
N LEU C 454 -30.77 -34.70 0.28
CA LEU C 454 -30.94 -34.64 -1.17
C LEU C 454 -31.63 -35.90 -1.76
N ASP C 455 -31.74 -36.96 -0.97
CA ASP C 455 -32.18 -38.30 -1.45
C ASP C 455 -31.14 -38.91 -2.38
N ASN C 456 -29.99 -38.24 -2.43
CA ASN C 456 -29.14 -38.29 -3.62
C ASN C 456 -27.69 -37.98 -3.26
N VAL C 457 -26.80 -38.36 -4.18
CA VAL C 457 -25.43 -37.92 -4.14
C VAL C 457 -25.48 -36.43 -4.34
N ALA C 458 -24.50 -35.72 -3.80
CA ALA C 458 -24.39 -34.31 -4.10
C ALA C 458 -23.49 -34.14 -5.33
N THR C 459 -22.27 -34.65 -5.16
CA THR C 459 -21.17 -34.43 -6.07
C THR C 459 -20.27 -35.66 -6.01
N SER C 460 -19.56 -35.96 -7.08
CA SER C 460 -18.57 -37.05 -7.03
C SER C 460 -17.71 -36.98 -8.27
N ASN C 461 -16.51 -37.56 -8.17
CA ASN C 461 -15.46 -37.29 -9.13
C ASN C 461 -14.49 -38.45 -9.27
N SER C 462 -14.47 -39.04 -10.46
CA SER C 462 -13.56 -40.13 -10.74
C SER C 462 -12.38 -39.65 -11.56
N SER C 463 -11.25 -40.34 -11.41
CA SER C 463 -10.13 -40.17 -12.31
C SER C 463 -9.40 -41.51 -12.47
N ILE C 464 -8.87 -41.74 -13.67
CA ILE C 464 -7.96 -42.87 -13.94
C ILE C 464 -6.90 -42.41 -14.92
N GLU C 465 -5.65 -42.76 -14.64
CA GLU C 465 -4.54 -42.23 -15.42
C GLU C 465 -3.52 -43.26 -15.82
N TYR C 466 -3.05 -43.09 -17.06
CA TYR C 466 -1.79 -43.65 -17.53
C TYR C 466 -0.75 -42.53 -17.76
N ARG C 467 0.46 -42.73 -17.22
CA ARG C 467 1.61 -41.89 -17.51
C ARG C 467 2.86 -42.76 -17.68
N ARG C 468 3.76 -42.29 -18.55
CA ARG C 468 5.12 -42.78 -18.58
C ARG C 468 6.08 -41.62 -18.30
N ASP C 469 6.04 -40.59 -19.16
CA ASP C 469 6.85 -39.38 -18.98
C ASP C 469 5.92 -38.18 -19.19
N GLU C 470 6.46 -36.97 -19.36
CA GLU C 470 5.60 -35.80 -19.59
C GLU C 470 5.08 -35.71 -21.02
N ASP C 471 5.66 -36.51 -21.93
CA ASP C 471 5.25 -36.56 -23.35
C ASP C 471 4.27 -37.70 -23.66
N ARG C 472 4.16 -38.68 -22.76
CA ARG C 472 3.47 -39.94 -23.02
C ARG C 472 2.43 -40.26 -21.92
N LEU C 473 1.17 -39.87 -22.13
CA LEU C 473 0.13 -40.02 -21.09
C LEU C 473 -1.33 -39.95 -21.55
N VAL C 474 -2.21 -40.55 -20.76
CA VAL C 474 -3.64 -40.62 -21.04
C VAL C 474 -4.41 -40.49 -19.73
N GLN C 475 -5.59 -39.89 -19.77
CA GLN C 475 -6.39 -39.67 -18.57
C GLN C 475 -7.87 -39.58 -18.87
N LEU C 476 -8.67 -40.31 -18.10
CA LEU C 476 -10.11 -40.18 -18.15
C LEU C 476 -10.58 -39.62 -16.84
N ASN C 477 -11.69 -38.90 -16.88
CA ASN C 477 -12.19 -38.25 -15.68
C ASN C 477 -13.67 -37.93 -15.73
N TYR C 478 -14.29 -37.85 -14.56
CA TYR C 478 -15.71 -37.56 -14.46
C TYR C 478 -16.10 -36.93 -13.14
N ARG C 479 -16.77 -35.78 -13.25
CA ARG C 479 -17.40 -35.12 -12.12
C ARG C 479 -18.91 -35.14 -12.30
N TYR C 480 -19.63 -35.29 -11.18
CA TYR C 480 -21.06 -35.28 -11.15
C TYR C 480 -21.50 -34.16 -10.23
N ALA C 481 -22.65 -33.57 -10.52
CA ALA C 481 -23.34 -32.70 -9.54
C ALA C 481 -24.87 -32.71 -9.67
N SER C 482 -25.55 -33.13 -8.61
CA SER C 482 -27.00 -33.38 -8.64
C SER C 482 -27.78 -32.10 -8.76
N PRO C 483 -28.76 -32.05 -9.66
CA PRO C 483 -29.69 -30.92 -9.76
C PRO C 483 -30.53 -30.62 -8.51
N GLU C 484 -30.40 -31.48 -7.51
CA GLU C 484 -30.89 -31.22 -6.15
C GLU C 484 -29.89 -30.36 -5.37
N TYR C 485 -28.60 -30.62 -5.60
CA TYR C 485 -27.49 -29.83 -5.06
C TYR C 485 -27.43 -28.41 -5.63
N ILE C 486 -27.82 -28.24 -6.90
CA ILE C 486 -27.81 -26.91 -7.56
C ILE C 486 -28.97 -26.04 -7.05
N GLN C 487 -30.09 -26.70 -6.78
CA GLN C 487 -31.25 -26.05 -6.20
C GLN C 487 -30.94 -25.53 -4.82
N ALA C 488 -30.18 -26.32 -4.07
CA ALA C 488 -29.83 -26.00 -2.69
C ALA C 488 -28.71 -24.96 -2.58
N THR C 489 -27.55 -25.27 -3.17
CA THR C 489 -26.36 -24.41 -2.99
C THR C 489 -26.33 -23.15 -3.85
N LEU C 490 -27.29 -22.93 -4.75
CA LEU C 490 -27.24 -21.80 -5.67
C LEU C 490 -28.58 -21.07 -5.84
N PRO C 491 -28.56 -19.88 -6.47
CA PRO C 491 -29.79 -19.11 -6.63
C PRO C 491 -30.82 -19.73 -7.56
N LYS C 492 -32.00 -19.11 -7.55
CA LYS C 492 -33.17 -19.65 -8.24
C LYS C 492 -32.92 -19.81 -9.74
N TYR C 493 -32.52 -18.74 -10.42
CA TYR C 493 -32.38 -18.79 -11.86
C TYR C 493 -31.37 -19.86 -12.33
N TYR C 494 -30.42 -20.25 -11.47
CA TYR C 494 -29.54 -21.42 -11.78
C TYR C 494 -30.40 -22.69 -11.77
N SER C 495 -31.20 -22.79 -10.72
CA SER C 495 -32.09 -23.90 -10.48
C SER C 495 -33.20 -24.06 -11.54
N THR C 496 -33.60 -22.96 -12.18
CA THR C 496 -34.76 -22.96 -13.10
C THR C 496 -34.50 -22.38 -14.52
N ALA C 497 -33.25 -22.45 -14.98
CA ALA C 497 -32.92 -22.11 -16.36
C ALA C 497 -32.09 -23.23 -16.92
N GLU C 498 -32.01 -23.30 -18.24
CA GLU C 498 -31.61 -24.54 -18.97
C GLU C 498 -30.15 -24.95 -18.72
N GLN C 499 -29.26 -24.00 -18.89
CA GLN C 499 -27.84 -24.27 -18.89
C GLN C 499 -27.26 -24.76 -17.56
N TYR C 500 -27.89 -24.38 -16.46
CA TYR C 500 -27.45 -24.83 -15.14
C TYR C 500 -28.32 -25.98 -14.60
N LYS C 501 -29.62 -25.74 -14.45
CA LYS C 501 -30.53 -26.60 -13.66
C LYS C 501 -30.21 -28.08 -13.71
N ASN C 502 -29.89 -28.58 -14.90
CA ASN C 502 -29.67 -30.00 -15.11
C ASN C 502 -28.32 -30.49 -14.57
N GLY C 503 -27.67 -29.67 -13.76
CA GLY C 503 -26.52 -30.11 -12.98
C GLY C 503 -25.28 -30.31 -13.82
N ILE C 504 -24.46 -31.25 -13.39
CA ILE C 504 -23.19 -31.50 -14.05
C ILE C 504 -23.08 -32.99 -14.29
N SER C 505 -22.54 -33.33 -15.44
CA SER C 505 -22.11 -34.70 -15.68
C SER C 505 -21.05 -34.59 -16.74
N GLN C 506 -19.81 -34.90 -16.41
CA GLN C 506 -18.75 -34.39 -17.22
C GLN C 506 -17.60 -35.35 -17.37
N VAL C 507 -17.36 -35.74 -18.61
CA VAL C 507 -16.48 -36.84 -18.97
C VAL C 507 -15.30 -36.37 -19.78
N GLY C 508 -14.11 -36.74 -19.37
CA GLY C 508 -12.91 -36.16 -19.98
C GLY C 508 -11.95 -37.21 -20.48
N ALA C 509 -11.28 -36.86 -21.58
CA ALA C 509 -10.21 -37.68 -22.13
C ALA C 509 -9.08 -36.75 -22.42
N VAL C 510 -7.87 -37.07 -21.96
CA VAL C 510 -6.70 -36.23 -22.24
C VAL C 510 -5.47 -37.08 -22.52
N ALA C 511 -4.69 -36.73 -23.56
CA ALA C 511 -3.51 -37.54 -23.91
C ALA C 511 -2.41 -36.88 -24.76
N SER C 512 -1.27 -37.60 -24.87
CA SER C 512 -0.12 -37.20 -25.73
C SER C 512 0.87 -38.35 -26.07
N TRP C 513 1.21 -38.52 -27.36
CA TRP C 513 2.13 -39.58 -27.88
C TRP C 513 3.32 -38.89 -28.59
N PRO C 514 4.57 -39.23 -28.21
CA PRO C 514 5.72 -38.64 -28.89
C PRO C 514 6.05 -39.40 -30.16
N ILE C 515 5.94 -38.75 -31.31
CA ILE C 515 6.25 -39.39 -32.61
C ILE C 515 7.57 -38.93 -33.22
N ALA C 516 8.44 -39.89 -33.53
CA ALA C 516 9.75 -39.60 -34.10
C ALA C 516 10.58 -38.69 -33.20
N ASP C 517 10.39 -38.80 -31.88
CA ASP C 517 11.07 -37.97 -30.85
C ASP C 517 10.99 -36.43 -31.05
N ARG C 518 10.89 -36.01 -32.31
CA ARG C 518 10.84 -34.61 -32.70
C ARG C 518 9.41 -34.08 -32.62
N TRP C 519 8.43 -34.95 -32.84
CA TRP C 519 7.02 -34.57 -32.84
C TRP C 519 6.34 -34.95 -31.52
N SER C 520 5.07 -34.58 -31.37
CA SER C 520 4.30 -34.87 -30.16
C SER C 520 2.85 -34.43 -30.37
N ILE C 521 1.91 -35.38 -30.30
CA ILE C 521 0.48 -35.05 -30.39
C ILE C 521 -0.13 -34.84 -29.02
N VAL C 522 -1.17 -34.03 -28.98
CA VAL C 522 -1.93 -33.75 -27.77
C VAL C 522 -3.41 -33.59 -28.14
N GLY C 523 -4.27 -33.82 -27.16
CA GLY C 523 -5.67 -33.51 -27.33
C GLY C 523 -6.50 -33.88 -26.12
N ALA C 524 -7.76 -33.43 -26.14
CA ALA C 524 -8.68 -33.64 -25.04
C ALA C 524 -10.17 -33.38 -25.39
N TYR C 525 -11.00 -34.40 -25.22
CA TYR C 525 -12.44 -34.27 -25.46
C TYR C 525 -13.12 -34.20 -24.12
N TYR C 526 -13.86 -33.11 -23.90
CA TYR C 526 -14.71 -33.01 -22.72
C TYR C 526 -16.15 -32.91 -23.14
N TYR C 527 -16.98 -33.66 -22.41
CA TYR C 527 -18.29 -34.04 -22.84
C TYR C 527 -19.34 -33.98 -21.68
N ASP C 528 -20.30 -33.05 -21.74
CA ASP C 528 -21.47 -33.10 -20.81
C ASP C 528 -22.47 -34.13 -21.35
N THR C 529 -22.74 -35.16 -20.55
CA THR C 529 -23.50 -36.33 -21.00
C THR C 529 -25.02 -36.13 -20.89
N ASN C 530 -25.45 -35.41 -19.85
CA ASN C 530 -26.87 -35.09 -19.64
C ASN C 530 -27.45 -34.43 -20.90
N ALA C 531 -26.93 -33.26 -21.23
CA ALA C 531 -27.36 -32.57 -22.44
C ALA C 531 -26.85 -33.27 -23.71
N ASN C 532 -25.80 -34.06 -23.55
CA ASN C 532 -25.24 -34.84 -24.65
C ASN C 532 -24.46 -33.98 -25.62
N LYS C 533 -23.54 -33.18 -25.08
CA LYS C 533 -22.82 -32.22 -25.92
C LYS C 533 -21.36 -32.03 -25.52
N GLN C 534 -20.57 -31.62 -26.51
CA GLN C 534 -19.20 -31.25 -26.27
C GLN C 534 -19.15 -29.95 -25.48
N ALA C 535 -18.13 -29.82 -24.64
CA ALA C 535 -17.85 -28.58 -23.93
C ALA C 535 -16.52 -28.00 -24.42
N ASP C 536 -15.45 -28.77 -24.29
CA ASP C 536 -14.14 -28.35 -24.76
C ASP C 536 -13.51 -29.48 -25.57
N SER C 537 -12.93 -29.13 -26.71
CA SER C 537 -12.19 -30.09 -27.52
C SER C 537 -10.95 -29.49 -28.17
N MET C 538 -9.79 -30.06 -27.86
CA MET C 538 -8.52 -29.49 -28.26
C MET C 538 -7.69 -30.55 -28.97
N LEU C 539 -7.00 -30.13 -30.03
CA LEU C 539 -6.01 -30.94 -30.73
C LEU C 539 -4.78 -30.10 -31.03
N GLY C 540 -3.62 -30.64 -30.71
CA GLY C 540 -2.37 -29.93 -30.81
C GLY C 540 -1.28 -30.82 -31.34
N VAL C 541 -0.32 -30.21 -32.00
CA VAL C 541 0.84 -30.93 -32.53
C VAL C 541 2.09 -30.06 -32.35
N GLN C 542 3.20 -30.69 -31.96
CA GLN C 542 4.42 -29.95 -31.65
C GLN C 542 5.68 -30.60 -32.20
N TYR C 543 6.13 -30.12 -33.35
CA TYR C 543 7.46 -30.42 -33.88
C TYR C 543 8.47 -29.60 -33.07
N SER C 544 9.61 -30.21 -32.74
CA SER C 544 10.64 -29.55 -31.94
C SER C 544 12.02 -29.90 -32.48
N SER C 545 13.02 -29.09 -32.15
CA SER C 545 14.42 -29.45 -32.37
C SER C 545 15.35 -28.57 -31.51
N CYS C 546 16.66 -28.68 -31.73
CA CYS C 546 17.65 -27.93 -30.94
C CYS C 546 17.92 -26.52 -31.46
N CYS C 547 17.15 -26.07 -32.45
CA CYS C 547 17.11 -24.64 -32.85
C CYS C 547 15.70 -24.06 -33.17
N TYR C 548 14.64 -24.86 -33.16
CA TYR C 548 13.27 -24.35 -33.35
C TYR C 548 12.20 -25.30 -32.77
N ALA C 549 11.02 -24.75 -32.45
CA ALA C 549 9.94 -25.53 -31.83
C ALA C 549 8.55 -25.06 -32.25
N ILE C 550 8.20 -25.39 -33.49
CA ILE C 550 6.91 -24.99 -34.09
C ILE C 550 5.74 -25.78 -33.46
N ARG C 551 4.76 -25.03 -32.93
CA ARG C 551 3.62 -25.59 -32.23
C ARG C 551 2.33 -25.13 -32.91
N VAL C 552 1.37 -26.04 -33.07
CA VAL C 552 0.09 -25.67 -33.65
C VAL C 552 -1.06 -26.51 -33.09
N GLY C 553 -2.18 -25.86 -32.84
CA GLY C 553 -3.28 -26.52 -32.19
C GLY C 553 -4.62 -25.92 -32.51
N TYR C 554 -5.64 -26.48 -31.88
CA TYR C 554 -7.02 -26.23 -32.22
C TYR C 554 -7.86 -26.27 -30.98
N GLU C 555 -8.82 -25.36 -30.87
CA GLU C 555 -9.76 -25.41 -29.76
C GLU C 555 -11.16 -25.02 -30.21
N ARG C 556 -12.08 -25.96 -30.09
CA ARG C 556 -13.52 -25.68 -30.09
C ARG C 556 -14.00 -25.73 -28.64
N LYS C 557 -14.37 -24.57 -28.10
CA LYS C 557 -14.78 -24.45 -26.69
C LYS C 557 -16.15 -23.80 -26.62
N LEU C 558 -16.86 -24.05 -25.51
CA LEU C 558 -18.06 -23.29 -25.20
C LEU C 558 -17.68 -21.86 -24.92
N ASN C 559 -18.51 -20.93 -25.39
CA ASN C 559 -18.16 -19.51 -25.27
C ASN C 559 -19.35 -18.53 -25.14
N GLY C 560 -20.51 -19.04 -24.71
CA GLY C 560 -21.69 -18.20 -24.54
C GLY C 560 -22.98 -18.96 -24.77
N TRP C 561 -24.10 -18.32 -24.42
CA TRP C 561 -25.43 -18.94 -24.51
C TRP C 561 -26.41 -17.97 -25.18
N ASP C 562 -26.98 -18.39 -26.31
CA ASP C 562 -27.93 -17.56 -27.06
C ASP C 562 -29.33 -17.70 -26.48
N ASN C 563 -29.95 -16.59 -26.07
CA ASN C 563 -31.29 -16.59 -25.44
C ASN C 563 -32.47 -16.45 -26.42
N ASP C 564 -32.19 -16.11 -27.68
CA ASP C 564 -33.23 -16.00 -28.73
C ASP C 564 -33.51 -17.36 -29.40
N LYS C 565 -32.49 -18.20 -29.42
CA LYS C 565 -32.63 -19.60 -29.80
C LYS C 565 -32.52 -20.53 -28.58
N GLN C 566 -32.01 -20.00 -27.47
CA GLN C 566 -31.76 -20.78 -26.25
C GLN C 566 -30.95 -22.04 -26.54
N HIS C 567 -29.90 -21.90 -27.35
CA HIS C 567 -28.89 -22.94 -27.47
C HIS C 567 -27.52 -22.36 -27.13
N ALA C 568 -26.58 -23.27 -26.85
CA ALA C 568 -25.22 -22.89 -26.44
C ALA C 568 -24.41 -22.45 -27.65
N VAL C 569 -23.59 -21.41 -27.49
CA VAL C 569 -22.75 -20.93 -28.58
C VAL C 569 -21.29 -21.25 -28.34
N TYR C 570 -20.68 -21.79 -29.39
CA TYR C 570 -19.32 -22.29 -29.34
C TYR C 570 -18.42 -21.28 -30.01
N ASP C 571 -17.12 -21.51 -29.86
CA ASP C 571 -16.11 -20.70 -30.50
C ASP C 571 -15.04 -21.65 -31.00
N ASN C 572 -14.45 -21.33 -32.15
CA ASN C 572 -13.35 -22.11 -32.71
C ASN C 572 -12.06 -21.30 -32.84
N ALA C 573 -10.93 -22.00 -32.77
CA ALA C 573 -9.65 -21.33 -32.85
C ALA C 573 -8.53 -22.29 -33.23
N ILE C 574 -7.78 -21.88 -34.24
CA ILE C 574 -6.67 -22.67 -34.79
C ILE C 574 -5.53 -21.70 -35.14
N GLY C 575 -4.29 -22.13 -34.95
CA GLY C 575 -3.19 -21.21 -35.16
C GLY C 575 -1.79 -21.77 -34.94
N PHE C 576 -0.86 -21.23 -35.72
N PHE C 576 -0.86 -21.28 -35.76
CA PHE C 576 0.56 -21.58 -35.58
CA PHE C 576 0.56 -21.62 -35.65
C PHE C 576 1.16 -20.75 -34.46
C PHE C 576 1.16 -20.77 -34.51
N ASN C 577 2.24 -21.26 -33.90
CA ASN C 577 2.86 -20.62 -32.76
C ASN C 577 4.25 -21.21 -32.56
N ILE C 578 5.26 -20.36 -32.59
CA ILE C 578 6.63 -20.84 -32.83
C ILE C 578 7.58 -20.32 -31.76
N GLU C 579 8.76 -20.92 -31.67
CA GLU C 579 9.94 -20.31 -31.01
C GLU C 579 11.25 -21.10 -31.18
N LEU C 580 12.36 -20.38 -30.99
CA LEU C 580 13.72 -20.88 -31.23
C LEU C 580 14.40 -21.37 -29.93
N ARG C 581 14.71 -22.66 -29.88
CA ARG C 581 15.41 -23.25 -28.76
C ARG C 581 16.89 -22.91 -28.87
N GLY C 582 17.70 -23.40 -27.93
CA GLY C 582 19.15 -23.25 -27.99
C GLY C 582 19.75 -22.35 -26.92
N LEU C 583 19.13 -21.18 -26.72
CA LEU C 583 19.68 -20.13 -25.83
C LEU C 583 19.28 -20.29 -24.34
N SER C 584 18.62 -21.40 -24.02
CA SER C 584 18.49 -21.92 -22.65
C SER C 584 18.23 -23.44 -22.76
N SER C 585 18.16 -24.14 -21.62
CA SER C 585 17.84 -25.57 -21.61
C SER C 585 16.32 -25.75 -21.55
N ASN C 586 15.64 -25.38 -22.64
CA ASN C 586 14.18 -25.40 -22.73
C ASN C 586 13.74 -26.57 -23.60
N TYR C 587 14.23 -27.78 -23.27
CA TYR C 587 14.24 -28.93 -24.19
C TYR C 587 13.18 -30.03 -23.97
N GLY C 588 12.14 -29.75 -23.18
CA GLY C 588 10.98 -30.63 -23.12
C GLY C 588 10.22 -30.50 -24.42
N LEU C 589 9.64 -31.59 -24.91
CA LEU C 589 8.85 -31.55 -26.17
C LEU C 589 7.58 -30.70 -26.06
N GLY C 590 7.44 -29.95 -24.97
CA GLY C 590 6.51 -28.83 -24.86
C GLY C 590 5.06 -29.22 -24.64
N THR C 591 4.86 -30.42 -24.12
CA THR C 591 3.53 -30.96 -23.99
C THR C 591 2.76 -30.13 -22.98
N GLN C 592 3.34 -29.97 -21.79
CA GLN C 592 2.62 -29.39 -20.63
C GLN C 592 1.92 -28.08 -20.97
N GLU C 593 2.66 -27.13 -21.51
CA GLU C 593 2.09 -25.84 -21.93
C GLU C 593 0.79 -26.08 -22.72
N MET C 594 0.82 -27.05 -23.65
CA MET C 594 -0.32 -27.35 -24.53
C MET C 594 -1.50 -28.02 -23.84
N LEU C 595 -1.21 -28.87 -22.87
CA LEU C 595 -2.24 -29.56 -22.10
C LEU C 595 -3.07 -28.62 -21.20
N ARG C 596 -2.46 -27.47 -20.84
CA ARG C 596 -3.06 -26.50 -19.90
C ARG C 596 -3.55 -25.26 -20.64
N SER C 597 -3.50 -25.29 -21.97
CA SER C 597 -4.05 -24.22 -22.78
C SER C 597 -5.59 -24.27 -22.86
N ASN C 598 -6.13 -25.49 -23.03
CA ASN C 598 -7.59 -25.72 -23.11
C ASN C 598 -8.33 -25.18 -21.89
N ILE C 599 -9.63 -24.91 -22.03
CA ILE C 599 -10.38 -24.25 -20.93
C ILE C 599 -10.69 -25.09 -19.67
N LEU C 600 -10.56 -26.42 -19.77
CA LEU C 600 -10.66 -27.33 -18.62
C LEU C 600 -9.30 -27.97 -18.44
N PRO C 601 -8.30 -27.17 -18.03
CA PRO C 601 -6.89 -27.58 -18.12
C PRO C 601 -6.58 -28.94 -17.53
N TYR C 602 -5.49 -29.53 -18.01
CA TYR C 602 -5.08 -30.86 -17.57
C TYR C 602 -4.53 -30.88 -16.19
N GLN C 603 -5.26 -31.55 -15.30
CA GLN C 603 -4.82 -31.80 -13.93
C GLN C 603 -4.29 -33.21 -13.77
N ASN C 604 -2.97 -33.31 -13.64
CA ASN C 604 -2.35 -34.60 -13.39
C ASN C 604 -2.76 -35.18 -12.03
N THR C 605 -3.04 -36.49 -12.00
CA THR C 605 -3.20 -37.22 -10.75
C THR C 605 -1.84 -37.92 -10.56
N LEU C 606 -1.25 -37.59 -9.42
CA LEU C 606 0.18 -37.66 -9.14
C LEU C 606 0.95 -38.92 -9.49
N HIS C 607 2.28 -38.76 -9.46
CA HIS C 607 3.18 -39.74 -8.86
C HIS C 607 2.83 -39.76 -7.39
N GLY D 2 -6.66 -60.66 12.99
CA GLY D 2 -5.78 -60.24 14.12
C GLY D 2 -4.86 -59.09 13.76
N TRP D 3 -5.38 -57.87 13.88
CA TRP D 3 -4.57 -56.66 13.81
C TRP D 3 -3.95 -56.43 15.20
N HIS D 4 -2.80 -55.77 15.28
CA HIS D 4 -2.32 -55.34 16.59
C HIS D 4 -2.06 -53.84 16.48
N LEU D 5 -1.96 -53.12 17.59
CA LEU D 5 -1.79 -51.65 17.55
C LEU D 5 -0.36 -51.21 17.24
N ARG D 6 -0.21 -50.02 16.68
CA ARG D 6 1.07 -49.57 16.14
C ARG D 6 2.14 -49.32 17.21
N ASP D 7 3.35 -49.82 16.96
CA ASP D 7 4.44 -49.81 17.96
C ASP D 7 5.63 -48.86 17.64
N THR D 8 5.40 -47.90 16.75
CA THR D 8 6.21 -46.66 16.69
C THR D 8 5.28 -45.58 16.12
N THR D 9 5.81 -44.37 15.91
CA THR D 9 5.04 -43.30 15.28
C THR D 9 5.15 -43.36 13.74
N GLN D 10 4.44 -42.46 13.06
CA GLN D 10 4.49 -42.34 11.60
C GLN D 10 5.90 -41.97 11.06
N VAL D 11 6.75 -41.46 11.94
CA VAL D 11 8.11 -41.05 11.60
C VAL D 11 9.13 -42.09 12.07
N PRO D 12 10.13 -42.40 11.21
CA PRO D 12 11.28 -43.24 11.57
C PRO D 12 12.01 -42.74 12.81
N SER D 13 12.94 -43.53 13.32
CA SER D 13 13.67 -43.18 14.55
C SER D 13 15.06 -42.53 14.29
N THR D 14 15.50 -42.48 13.03
CA THR D 14 16.66 -41.65 12.63
C THR D 14 16.26 -40.19 12.46
N MET D 15 14.96 -39.90 12.53
CA MET D 15 14.44 -38.58 12.31
C MET D 15 13.60 -38.09 13.50
N LYS D 16 13.92 -38.57 14.70
CA LYS D 16 13.38 -37.96 15.92
C LYS D 16 14.14 -36.67 16.18
N VAL D 17 15.33 -36.56 15.60
CA VAL D 17 16.09 -35.33 15.56
C VAL D 17 16.35 -34.94 14.11
N MET D 18 15.95 -33.71 13.75
CA MET D 18 16.15 -33.23 12.38
C MET D 18 15.96 -31.71 12.23
N ILE D 19 16.66 -31.17 11.23
CA ILE D 19 16.59 -29.75 10.89
C ILE D 19 15.39 -29.49 9.96
N LEU D 20 14.77 -28.31 10.08
CA LEU D 20 13.72 -27.86 9.15
C LEU D 20 14.20 -26.63 8.37
N ASP D 21 15.09 -26.88 7.40
CA ASP D 21 15.62 -25.84 6.52
C ASP D 21 14.56 -25.43 5.46
N SER D 22 14.24 -24.14 5.38
CA SER D 22 13.19 -23.63 4.50
C SER D 22 13.52 -22.23 4.04
N GLY D 23 13.19 -21.93 2.79
CA GLY D 23 13.44 -20.60 2.22
C GLY D 23 12.53 -19.52 2.78
N ASP D 24 11.59 -19.88 3.66
CA ASP D 24 10.57 -18.95 4.15
C ASP D 24 10.05 -19.40 5.52
N PRO D 25 10.95 -19.39 6.53
CA PRO D 25 10.60 -19.76 7.91
C PRO D 25 9.17 -19.43 8.32
N ASN D 26 8.73 -18.22 8.03
CA ASN D 26 7.46 -17.75 8.56
C ASN D 26 6.33 -17.85 7.56
N GLY D 27 6.53 -18.65 6.53
CA GLY D 27 5.50 -18.89 5.55
C GLY D 27 4.37 -19.72 6.16
N PRO D 28 3.31 -19.95 5.37
CA PRO D 28 2.18 -20.75 5.78
C PRO D 28 2.38 -22.23 5.45
N LEU D 29 3.46 -22.57 4.74
CA LEU D 29 3.86 -23.96 4.64
C LEU D 29 4.70 -24.31 5.86
N SER D 30 5.85 -23.66 6.02
CA SER D 30 6.77 -23.98 7.11
C SER D 30 6.07 -23.90 8.48
N ARG D 31 5.09 -23.00 8.60
CA ARG D 31 4.17 -22.98 9.75
C ARG D 31 3.52 -24.36 9.97
N ALA D 32 2.80 -24.84 8.96
CA ALA D 32 1.98 -26.04 9.09
C ALA D 32 2.75 -27.38 9.04
N VAL D 33 4.04 -27.34 8.72
CA VAL D 33 4.94 -28.52 8.75
C VAL D 33 5.50 -28.71 10.15
N ARG D 34 6.14 -27.67 10.67
CA ARG D 34 6.59 -27.59 12.07
C ARG D 34 5.54 -28.18 13.03
N ASN D 35 4.30 -27.71 12.89
CA ASN D 35 3.16 -28.20 13.66
C ASN D 35 2.91 -29.71 13.48
N GLN D 36 3.14 -30.24 12.27
CA GLN D 36 2.91 -31.67 11.97
C GLN D 36 3.99 -32.62 12.49
N LEU D 37 5.24 -32.17 12.50
CA LEU D 37 6.35 -32.96 13.06
C LEU D 37 6.22 -32.98 14.58
N ARG D 38 5.95 -31.80 15.14
CA ARG D 38 5.55 -31.66 16.53
C ARG D 38 4.50 -32.71 16.90
N LEU D 39 3.45 -32.87 16.08
CA LEU D 39 2.38 -33.90 16.28
C LEU D 39 2.78 -35.37 15.99
N ASN D 40 4.08 -35.60 15.76
CA ASN D 40 4.68 -36.93 15.91
C ASN D 40 5.88 -36.87 16.89
N GLY D 41 5.99 -35.76 17.61
CA GLY D 41 7.03 -35.57 18.64
C GLY D 41 8.42 -35.63 18.07
N VAL D 42 8.75 -34.65 17.23
CA VAL D 42 10.08 -34.59 16.64
C VAL D 42 10.81 -33.41 17.26
N GLU D 43 12.12 -33.57 17.42
CA GLU D 43 12.98 -32.51 17.96
C GLU D 43 13.50 -31.68 16.79
N LEU D 44 12.89 -30.52 16.59
CA LEU D 44 13.28 -29.59 15.53
C LEU D 44 14.48 -28.78 16.01
N LEU D 45 15.50 -28.71 15.17
CA LEU D 45 16.66 -27.87 15.44
C LEU D 45 16.58 -26.60 14.59
N ASP D 46 17.55 -25.71 14.78
CA ASP D 46 17.80 -24.66 13.82
C ASP D 46 18.97 -25.07 12.96
N LYS D 47 19.16 -24.35 11.85
CA LYS D 47 20.29 -24.58 10.96
C LYS D 47 21.58 -23.92 11.48
N GLU D 48 21.58 -23.48 12.75
CA GLU D 48 22.80 -22.97 13.42
C GLU D 48 23.63 -24.14 13.95
N THR D 49 22.96 -25.06 14.63
CA THR D 49 23.62 -26.20 15.30
C THR D 49 24.75 -26.83 14.46
N THR D 50 25.94 -26.88 15.05
CA THR D 50 27.06 -27.61 14.49
C THR D 50 26.99 -29.07 14.92
N ARG D 51 25.98 -29.42 15.72
CA ARG D 51 25.74 -30.83 16.08
C ARG D 51 25.47 -31.65 14.82
N LYS D 52 25.46 -32.97 14.99
CA LYS D 52 25.62 -33.91 13.88
C LYS D 52 24.74 -35.15 14.08
N ASP D 53 24.75 -36.05 13.08
CA ASP D 53 23.79 -37.16 12.96
C ASP D 53 22.41 -36.67 12.52
N VAL D 54 22.30 -35.39 12.22
CA VAL D 54 21.01 -34.76 12.05
C VAL D 54 20.70 -34.71 10.56
N PRO D 55 19.60 -35.35 10.15
CA PRO D 55 19.06 -35.09 8.82
C PRO D 55 18.40 -33.71 8.74
N SER D 56 18.12 -33.26 7.52
CA SER D 56 17.63 -31.90 7.30
C SER D 56 16.59 -31.86 6.19
N LEU D 57 15.33 -31.73 6.58
CA LEU D 57 14.23 -31.56 5.63
C LEU D 57 14.27 -30.17 4.98
N ARG D 58 14.90 -30.06 3.81
CA ARG D 58 14.95 -28.78 3.10
C ARG D 58 13.67 -28.58 2.25
N LEU D 59 12.65 -27.94 2.83
CA LEU D 59 11.41 -27.60 2.10
C LEU D 59 11.70 -26.78 0.87
N GLY D 60 10.95 -27.02 -0.19
CA GLY D 60 11.10 -26.30 -1.45
C GLY D 60 9.86 -25.47 -1.67
N LYS D 61 9.64 -25.05 -2.91
CA LYS D 61 8.62 -24.05 -3.17
C LYS D 61 7.26 -24.70 -3.47
N VAL D 62 6.18 -24.01 -3.08
CA VAL D 62 4.82 -24.47 -3.36
C VAL D 62 4.31 -23.92 -4.70
N SER D 63 3.10 -24.31 -5.07
CA SER D 63 2.40 -23.72 -6.21
C SER D 63 0.95 -24.07 -6.10
N ILE D 64 0.08 -23.17 -6.52
CA ILE D 64 -1.34 -23.40 -6.39
C ILE D 64 -2.07 -22.84 -7.60
N ALA D 65 -2.46 -23.74 -8.49
CA ALA D 65 -3.42 -23.33 -9.48
C ALA D 65 -4.79 -23.38 -8.83
N LYS D 66 -5.69 -22.62 -9.43
CA LYS D 66 -7.10 -22.82 -9.26
C LYS D 66 -7.53 -23.00 -10.68
N ASP D 67 -7.81 -24.23 -11.05
CA ASP D 67 -8.16 -24.52 -12.41
C ASP D 67 -9.66 -24.71 -12.54
N THR D 68 -10.23 -24.02 -13.52
CA THR D 68 -11.56 -24.34 -14.02
C THR D 68 -11.58 -25.87 -14.25
N ALA D 69 -12.51 -26.57 -13.61
CA ALA D 69 -12.54 -28.02 -13.70
C ALA D 69 -13.88 -28.61 -14.13
N SER D 70 -14.93 -27.78 -14.22
CA SER D 70 -16.19 -28.16 -14.86
C SER D 70 -16.89 -26.89 -15.33
N VAL D 71 -17.85 -27.05 -16.23
CA VAL D 71 -18.51 -25.91 -16.89
C VAL D 71 -19.99 -26.17 -17.09
N PHE D 72 -20.85 -25.22 -16.78
CA PHE D 72 -22.27 -25.33 -17.16
C PHE D 72 -22.41 -25.30 -18.70
N ARG D 73 -23.64 -25.52 -19.19
CA ARG D 73 -23.91 -25.54 -20.63
C ARG D 73 -23.43 -24.28 -21.34
N ASN D 74 -23.53 -23.12 -20.67
CA ASN D 74 -23.12 -21.83 -21.25
C ASN D 74 -21.61 -21.62 -21.35
N GLY D 75 -20.83 -22.42 -20.61
CA GLY D 75 -19.36 -22.41 -20.70
C GLY D 75 -18.64 -21.66 -19.60
N GLN D 76 -19.37 -21.32 -18.54
CA GLN D 76 -18.83 -20.52 -17.44
C GLN D 76 -18.55 -21.46 -16.26
N THR D 77 -17.29 -21.50 -15.81
CA THR D 77 -16.78 -22.45 -14.80
C THR D 77 -17.82 -22.77 -13.74
N ALA D 78 -18.29 -24.01 -13.69
CA ALA D 78 -19.20 -24.42 -12.64
C ALA D 78 -18.44 -24.66 -11.36
N GLU D 79 -17.22 -25.17 -11.50
CA GLU D 79 -16.52 -25.82 -10.40
C GLU D 79 -15.01 -25.66 -10.58
N TYR D 80 -14.38 -24.85 -9.75
CA TYR D 80 -12.92 -24.77 -9.74
C TYR D 80 -12.32 -25.99 -8.99
N GLN D 81 -11.00 -26.10 -9.05
CA GLN D 81 -10.30 -27.10 -8.28
C GLN D 81 -8.91 -26.61 -7.94
N MET D 82 -8.64 -26.44 -6.64
CA MET D 82 -7.34 -25.97 -6.15
C MET D 82 -6.35 -27.13 -6.22
N ILE D 83 -5.12 -26.84 -6.59
CA ILE D 83 -4.17 -27.92 -6.67
C ILE D 83 -2.85 -27.43 -6.19
N MET D 84 -2.50 -27.90 -5.00
CA MET D 84 -1.30 -27.50 -4.33
C MET D 84 -0.23 -28.51 -4.66
N THR D 85 0.92 -28.01 -5.05
CA THR D 85 2.05 -28.85 -5.38
C THR D 85 3.22 -28.38 -4.57
N VAL D 86 3.83 -29.30 -3.83
CA VAL D 86 4.88 -28.97 -2.88
C VAL D 86 6.09 -29.90 -3.04
N ASN D 87 7.26 -29.33 -3.30
CA ASN D 87 8.45 -30.14 -3.48
C ASN D 87 9.49 -29.92 -2.44
N ALA D 88 9.79 -30.97 -1.68
CA ALA D 88 10.78 -30.92 -0.61
C ALA D 88 12.01 -31.75 -0.98
N THR D 89 12.98 -31.79 -0.06
CA THR D 89 14.07 -32.75 -0.10
C THR D 89 14.40 -33.11 1.34
N VAL D 90 15.00 -34.28 1.54
CA VAL D 90 15.54 -34.62 2.85
C VAL D 90 16.99 -34.93 2.64
N LEU D 91 17.92 -34.20 3.29
CA LEU D 91 19.37 -34.49 3.26
C LEU D 91 19.74 -35.43 4.41
N ILE D 92 20.59 -36.41 4.13
CA ILE D 92 21.03 -37.34 5.13
C ILE D 92 22.53 -37.14 5.26
N PRO D 93 23.00 -36.72 6.45
CA PRO D 93 24.41 -36.33 6.57
C PRO D 93 25.34 -37.45 6.10
N GLY D 94 25.10 -38.68 6.55
CA GLY D 94 25.87 -39.84 6.11
C GLY D 94 25.68 -40.16 4.63
N ARG D 95 24.46 -39.95 4.13
CA ARG D 95 24.07 -40.45 2.80
C ARG D 95 24.09 -39.38 1.68
N ASP D 96 23.60 -39.76 0.49
CA ASP D 96 23.32 -38.82 -0.61
C ASP D 96 21.82 -38.78 -0.71
N ILE D 97 21.28 -37.66 -1.18
CA ILE D 97 19.95 -37.26 -0.77
C ILE D 97 18.74 -37.49 -1.69
N TYR D 98 17.58 -37.60 -1.07
CA TYR D 98 16.34 -38.13 -1.65
C TYR D 98 15.20 -37.11 -1.72
N PRO D 99 15.03 -36.44 -2.88
CA PRO D 99 13.96 -35.45 -3.03
C PRO D 99 12.57 -36.08 -3.03
N ILE D 100 11.65 -35.53 -2.25
CA ILE D 100 10.27 -36.05 -2.17
C ILE D 100 9.27 -34.94 -2.42
N SER D 101 7.97 -35.24 -2.37
CA SER D 101 6.96 -34.22 -2.72
C SER D 101 5.57 -34.55 -2.21
N ALA D 102 4.60 -33.70 -2.58
CA ALA D 102 3.19 -33.90 -2.24
C ALA D 102 2.28 -33.05 -3.10
N LYS D 103 1.13 -33.59 -3.45
CA LYS D 103 0.14 -32.79 -4.14
C LYS D 103 -1.23 -33.03 -3.55
N VAL D 104 -2.02 -31.97 -3.42
CA VAL D 104 -3.39 -32.08 -2.93
C VAL D 104 -4.35 -31.48 -3.94
N PHE D 105 -5.58 -31.99 -3.95
CA PHE D 105 -6.67 -31.38 -4.68
C PHE D 105 -7.80 -31.17 -3.72
N ARG D 106 -8.36 -29.99 -3.70
CA ARG D 106 -9.71 -29.82 -3.20
C ARG D 106 -10.43 -29.35 -4.42
N SER D 107 -11.70 -29.03 -4.28
CA SER D 107 -12.44 -28.41 -5.37
C SER D 107 -13.77 -27.93 -4.86
N PHE D 108 -14.35 -26.98 -5.56
CA PHE D 108 -15.57 -26.36 -5.07
C PHE D 108 -16.32 -25.69 -6.18
N PHE D 109 -17.56 -25.35 -5.90
CA PHE D 109 -18.37 -24.62 -6.86
C PHE D 109 -18.20 -23.15 -6.69
N ASP D 110 -18.60 -22.42 -7.71
CA ASP D 110 -18.43 -20.98 -7.73
C ASP D 110 -19.80 -20.39 -7.48
N ASN D 111 -19.82 -19.11 -7.14
CA ASN D 111 -21.04 -18.32 -7.19
C ASN D 111 -20.70 -16.85 -7.23
N PRO D 112 -20.72 -16.24 -8.42
CA PRO D 112 -20.53 -14.79 -8.56
C PRO D 112 -21.47 -13.91 -7.70
N GLN D 113 -22.75 -14.26 -7.65
CA GLN D 113 -23.71 -13.53 -6.79
C GLN D 113 -23.12 -13.33 -5.38
N MET D 114 -22.33 -14.28 -4.90
CA MET D 114 -21.64 -14.18 -3.60
C MET D 114 -20.14 -14.39 -3.75
N ALA D 115 -19.55 -13.72 -4.72
CA ALA D 115 -18.14 -13.88 -5.05
C ALA D 115 -17.20 -13.63 -3.87
N LEU D 116 -17.59 -12.71 -2.98
CA LEU D 116 -16.78 -12.42 -1.79
C LEU D 116 -16.77 -13.62 -0.84
N ALA D 117 -17.95 -14.11 -0.52
CA ALA D 117 -18.04 -15.30 0.30
C ALA D 117 -17.13 -16.45 -0.26
N LYS D 118 -17.13 -16.60 -1.59
CA LYS D 118 -16.48 -17.70 -2.26
C LYS D 118 -14.96 -17.58 -2.27
N ASP D 119 -14.47 -16.34 -2.39
CA ASP D 119 -13.05 -16.08 -2.21
C ASP D 119 -12.62 -16.48 -0.80
N ASN D 120 -13.51 -16.27 0.17
CA ASN D 120 -13.25 -16.66 1.55
C ASN D 120 -13.12 -18.15 1.68
N GLU D 121 -14.16 -18.85 1.25
CA GLU D 121 -14.15 -20.30 1.21
C GLU D 121 -12.80 -20.78 0.71
N GLN D 122 -12.33 -20.19 -0.38
CA GLN D 122 -11.04 -20.55 -0.94
C GLN D 122 -9.93 -20.46 0.11
N ASP D 123 -9.64 -19.24 0.57
CA ASP D 123 -8.56 -19.03 1.50
C ASP D 123 -8.50 -20.19 2.50
N MET D 124 -9.66 -20.55 3.06
CA MET D 124 -9.79 -21.68 3.99
C MET D 124 -9.30 -22.95 3.34
N ILE D 125 -9.86 -23.28 2.19
CA ILE D 125 -9.49 -24.50 1.46
C ILE D 125 -8.01 -24.56 1.17
N VAL D 126 -7.46 -23.42 0.77
CA VAL D 126 -6.03 -23.30 0.56
C VAL D 126 -5.33 -23.56 1.88
N LYS D 127 -5.79 -22.90 2.94
CA LYS D 127 -5.22 -23.12 4.25
C LYS D 127 -5.25 -24.60 4.53
N GLU D 128 -6.46 -25.17 4.49
CA GLU D 128 -6.66 -26.57 4.83
C GLU D 128 -5.64 -27.40 4.09
N MET D 129 -5.55 -27.17 2.79
CA MET D 129 -4.58 -27.87 1.99
C MET D 129 -3.19 -27.80 2.64
N TYR D 130 -2.77 -26.60 3.06
CA TYR D 130 -1.40 -26.41 3.60
C TYR D 130 -1.01 -27.49 4.62
N ASP D 131 -1.99 -27.94 5.41
CA ASP D 131 -1.83 -29.05 6.36
C ASP D 131 -1.88 -30.42 5.66
N ARG D 132 -2.88 -30.62 4.80
CA ARG D 132 -3.05 -31.88 4.05
C ARG D 132 -1.76 -32.25 3.35
N ALA D 133 -1.10 -31.23 2.82
CA ALA D 133 0.20 -31.37 2.19
C ALA D 133 1.25 -31.83 3.18
N ALA D 134 1.42 -31.03 4.23
CA ALA D 134 2.39 -31.34 5.26
C ALA D 134 2.32 -32.83 5.62
N GLU D 135 1.10 -33.32 5.85
CA GLU D 135 0.88 -34.72 6.22
C GLU D 135 1.39 -35.68 5.15
N GLN D 136 1.05 -35.43 3.89
CA GLN D 136 1.50 -36.29 2.80
C GLN D 136 3.01 -36.48 2.80
N LEU D 137 3.73 -35.46 3.29
CA LEU D 137 5.19 -35.49 3.41
C LEU D 137 5.69 -36.30 4.62
N ILE D 138 4.96 -36.21 5.72
CA ILE D 138 5.22 -37.04 6.87
C ILE D 138 4.99 -38.51 6.51
N ARG D 139 3.99 -38.78 5.67
CA ARG D 139 3.70 -40.15 5.25
C ARG D 139 4.63 -40.70 4.18
N LYS D 140 5.52 -39.85 3.67
CA LYS D 140 6.53 -40.25 2.70
C LYS D 140 7.89 -40.52 3.35
N LEU D 141 8.06 -40.14 4.61
CA LEU D 141 9.34 -40.34 5.30
C LEU D 141 9.68 -41.81 5.49
N PRO D 142 8.67 -42.66 5.81
CA PRO D 142 8.91 -44.11 5.89
C PRO D 142 9.50 -44.66 4.60
N SER D 143 9.04 -44.14 3.46
CA SER D 143 9.54 -44.56 2.15
C SER D 143 10.97 -44.09 1.87
N ILE D 144 11.37 -42.96 2.43
CA ILE D 144 12.79 -42.55 2.36
C ILE D 144 13.60 -43.51 3.20
N ARG D 145 13.06 -43.84 4.36
CA ARG D 145 13.73 -44.72 5.32
C ARG D 145 14.03 -46.09 4.74
N ALA D 146 13.05 -46.63 4.02
CA ALA D 146 13.16 -47.96 3.43
C ALA D 146 14.07 -47.96 2.21
N ALA D 147 13.61 -47.38 1.11
CA ALA D 147 14.31 -47.47 -0.16
C ALA D 147 15.81 -47.09 -0.10
N ASP D 148 16.21 -46.34 0.94
CA ASP D 148 17.63 -45.98 1.17
C ASP D 148 18.51 -47.15 1.59
N ILE D 149 18.02 -47.98 2.51
CA ILE D 149 18.81 -49.06 3.11
C ILE D 149 19.51 -49.96 2.07
N ARG D 150 18.87 -50.13 0.91
CA ARG D 150 19.43 -50.85 -0.23
C ARG D 150 20.86 -50.42 -0.56
N SER D 151 21.07 -49.10 -0.59
CA SER D 151 22.40 -48.51 -0.86
C SER D 151 22.50 -47.06 -0.41
CL CL E . 19.10 22.75 -16.30
NA NA F . 9.75 21.27 -3.63
CL CL G . -2.53 -20.26 -19.95
CL CL H . -0.81 -39.96 29.93
CL CL I . 11.79 -34.87 -39.15
#